data_6V9Z
#
_entry.id   6V9Z
#
_cell.length_a   1.00
_cell.length_b   1.00
_cell.length_c   1.00
_cell.angle_alpha   90.00
_cell.angle_beta   90.00
_cell.angle_gamma   90.00
#
_symmetry.space_group_name_H-M   'P 1'
#
loop_
_entity.id
_entity.type
_entity.pdbx_description
1 polymer 'ABC-type bacteriocin transporter'
2 polymer CtA
#
loop_
_entity_poly.entity_id
_entity_poly.type
_entity_poly.pdbx_seq_one_letter_code
_entity_poly.pdbx_strand_id
1 'polypeptide(L)'
;SNAMLRRLFKKKYVCVRQYDLTDAGAACLSSIAQYYGLKMSLAKIREMTGTDTQGTNAYGLIHAAKQLGFSAKGVKASKE
DLLKDFRLPAIANVIVDNRLAHFVVIYSIKNRIITVADPGKGIVRYSMDDFCSIWTGGLVLLEPGEAFQKGDYTQNMMVK
FAGFLKPLKKTVLCIFLASLLYTALGIAGSFYIKFLFDDLIKFEKLNDLHIISAGFAVIFLLQIFLNYYRSILVTKLGMS
IDKSIMMEYYSHVLKLPMNFFNSRKVGEIISRFMDASKIRQAISGATLTIMIDTIMAVIGGILLYIQNSSLFFISFIIIL
LYGIIVTVFNKPIQNANRQIMEDNAKLTSALVESVKGIETIKSFGAEEQTEKSTRDKIETVMKSSFKEGMLYINLSSLTG
IVAGLGGIVILWAGAYNVIKGNMSGGQLLAFNALLAYFLTPVKNLIDLQPLIQTAVVASNRLGEILELATEKELREDSDD
FVISLKGDIEFRNVDFRYGLRKPVLKNINLTIPKGKTVAIVGESGSGKTTLAKLLMNFYSPEKGDILINGHSIKNISLEL
IRKKIAFVSQDVFIFSGTVKENLCLGNENVDMDEIIKAAKMANAHDFIEKLPLKYDTFLNESGANLSEGQKQRLAIARAL
LKKPDILILDEATSNLDSITENHIKDAIYGLEDDVTVIIIAHRLSTIVNCDKIYLLKDGEIVESGSHTELIALKGCYFKM
WKQTENTLAS
;
A,B
2 'polypeptide(L)'
;SNAMSEAKKLNIGRELTDEELMEMTGGSTFSIQCQKDYTYKPSLPVVKYGVVIDEPEVVIKYGVGPIVGIKYGVEPIGPI
QPMYGIKPVETLK
;
C,D
#
# COMPACT_ATOMS: atom_id res chain seq x y z
N LYS A 11 13.66 19.53 -37.40
CA LYS A 11 13.10 19.43 -36.01
C LYS A 11 13.23 17.99 -35.50
N LYS A 12 13.93 17.78 -34.39
CA LYS A 12 14.14 16.45 -33.75
C LYS A 12 12.82 15.99 -33.10
N TYR A 13 12.67 14.68 -32.92
CA TYR A 13 11.47 14.02 -32.34
C TYR A 13 11.45 14.29 -30.83
N VAL A 14 10.29 14.74 -30.31
CA VAL A 14 10.06 15.07 -28.87
C VAL A 14 9.00 14.10 -28.33
N CYS A 15 9.22 13.56 -27.12
CA CYS A 15 8.31 12.61 -26.43
C CYS A 15 8.04 13.08 -25.01
N VAL A 16 6.76 13.27 -24.65
CA VAL A 16 6.30 13.66 -23.28
C VAL A 16 6.01 12.37 -22.51
N ARG A 17 6.57 12.25 -21.30
CA ARG A 17 6.43 11.06 -20.42
C ARG A 17 5.12 11.16 -19.62
N GLN A 18 4.56 10.02 -19.24
CA GLN A 18 3.35 9.92 -18.39
C GLN A 18 3.76 10.04 -16.92
N TYR A 19 3.32 11.11 -16.24
CA TYR A 19 3.55 11.34 -14.79
C TYR A 19 2.56 10.49 -13.99
N ASP A 20 1.29 10.47 -14.42
CA ASP A 20 0.20 9.59 -13.88
C ASP A 20 0.05 8.38 -14.81
N LEU A 21 -0.91 7.49 -14.52
CA LEU A 21 -1.15 6.24 -15.28
C LEU A 21 -2.19 6.47 -16.39
N THR A 22 -3.29 7.15 -16.06
CA THR A 22 -4.49 7.32 -16.93
C THR A 22 -4.18 8.27 -18.11
N ASP A 23 -3.41 9.34 -17.88
CA ASP A 23 -3.14 10.41 -18.89
C ASP A 23 -2.20 9.85 -19.98
N ALA A 24 -2.77 9.38 -21.09
CA ALA A 24 -2.06 8.83 -22.27
C ALA A 24 -2.16 9.82 -23.44
N GLY A 25 -3.39 10.15 -23.84
CA GLY A 25 -3.69 11.06 -24.96
C GLY A 25 -3.21 12.48 -24.70
N ALA A 26 -3.34 12.95 -23.45
CA ALA A 26 -2.86 14.28 -22.98
C ALA A 26 -1.37 14.45 -23.28
N ALA A 27 -0.56 13.42 -22.99
CA ALA A 27 0.90 13.37 -23.23
C ALA A 27 1.19 13.46 -24.73
N CYS A 28 0.44 12.71 -25.56
CA CYS A 28 0.57 12.68 -27.04
C CYS A 28 0.31 14.06 -27.64
N LEU A 29 -0.78 14.71 -27.22
CA LEU A 29 -1.17 16.08 -27.70
C LEU A 29 -0.11 17.10 -27.26
N SER A 30 0.35 17.01 -26.00
CA SER A 30 1.44 17.84 -25.43
C SER A 30 2.74 17.65 -26.21
N SER A 31 3.05 16.40 -26.59
CA SER A 31 4.26 16.02 -27.36
C SER A 31 4.24 16.67 -28.75
N ILE A 32 3.12 16.53 -29.46
CA ILE A 32 2.92 17.16 -30.81
C ILE A 32 2.94 18.69 -30.63
N ALA A 33 2.25 19.21 -29.61
CA ALA A 33 2.24 20.66 -29.26
C ALA A 33 3.67 21.16 -29.09
N GLN A 34 4.52 20.40 -28.38
CA GLN A 34 5.97 20.72 -28.20
C GLN A 34 6.69 20.60 -29.55
N TYR A 35 6.43 19.54 -30.32
CA TYR A 35 7.09 19.27 -31.64
C TYR A 35 6.94 20.49 -32.57
N TYR A 36 5.74 21.07 -32.63
CA TYR A 36 5.44 22.29 -33.45
C TYR A 36 5.97 23.56 -32.77
N GLY A 37 6.26 23.50 -31.47
CA GLY A 37 6.96 24.57 -30.72
C GLY A 37 6.03 25.37 -29.81
N LEU A 38 5.18 24.67 -29.04
CA LEU A 38 4.27 25.26 -28.02
C LEU A 38 4.32 24.39 -26.75
N LYS A 39 5.20 24.74 -25.81
CA LYS A 39 5.38 24.03 -24.51
C LYS A 39 4.28 24.50 -23.55
N MET A 40 3.39 23.60 -23.15
CA MET A 40 2.26 23.87 -22.20
C MET A 40 2.32 22.86 -21.05
N SER A 41 1.93 23.29 -19.85
CA SER A 41 1.84 22.47 -18.62
C SER A 41 0.89 21.28 -18.87
N LEU A 42 1.34 20.06 -18.54
CA LEU A 42 0.61 18.80 -18.87
C LEU A 42 -0.66 18.67 -18.02
N ALA A 43 -0.65 19.19 -16.78
CA ALA A 43 -1.82 19.24 -15.87
C ALA A 43 -2.93 20.10 -16.47
N LYS A 44 -2.57 21.17 -17.19
CA LYS A 44 -3.53 22.10 -17.87
C LYS A 44 -4.16 21.39 -19.07
N ILE A 45 -3.34 20.71 -19.89
CA ILE A 45 -3.79 19.89 -21.07
C ILE A 45 -4.67 18.74 -20.56
N ARG A 46 -4.27 18.08 -19.46
CA ARG A 46 -5.10 17.08 -18.74
C ARG A 46 -6.49 17.67 -18.43
N GLU A 47 -6.53 18.91 -17.95
CA GLU A 47 -7.77 19.65 -17.61
C GLU A 47 -8.54 19.98 -18.89
N MET A 48 -7.84 20.35 -19.98
CA MET A 48 -8.45 20.68 -21.30
C MET A 48 -9.11 19.45 -21.91
N THR A 49 -8.38 18.33 -22.01
CA THR A 49 -8.84 17.06 -22.66
C THR A 49 -9.92 16.37 -21.81
N GLY A 50 -9.98 16.65 -20.50
CA GLY A 50 -10.97 16.07 -19.57
C GLY A 50 -10.67 14.61 -19.28
N THR A 51 -9.46 14.34 -18.78
CA THR A 51 -8.94 12.98 -18.48
C THR A 51 -9.63 12.45 -17.21
N ASP A 52 -10.70 11.66 -17.38
CA ASP A 52 -11.43 10.99 -16.27
C ASP A 52 -10.57 9.82 -15.76
N THR A 53 -10.95 9.24 -14.62
CA THR A 53 -10.29 8.06 -13.98
C THR A 53 -10.33 6.84 -14.93
N GLN A 54 -11.33 6.78 -15.82
CA GLN A 54 -11.48 5.70 -16.84
C GLN A 54 -10.39 5.85 -17.91
N GLY A 55 -10.30 7.03 -18.53
CA GLY A 55 -9.32 7.34 -19.60
C GLY A 55 -9.72 8.57 -20.41
N THR A 56 -9.07 8.75 -21.56
CA THR A 56 -9.23 9.92 -22.47
C THR A 56 -10.00 9.48 -23.72
N ASN A 57 -11.12 10.17 -24.03
CA ASN A 57 -11.90 9.98 -25.30
C ASN A 57 -11.20 10.77 -26.41
N ALA A 58 -11.11 10.18 -27.61
CA ALA A 58 -10.48 10.79 -28.82
C ALA A 58 -11.15 12.13 -29.14
N TYR A 59 -12.48 12.22 -28.95
CA TYR A 59 -13.27 13.47 -29.04
C TYR A 59 -12.69 14.52 -28.09
N GLY A 60 -12.36 14.12 -26.85
CA GLY A 60 -11.68 14.95 -25.84
C GLY A 60 -10.36 15.52 -26.36
N LEU A 61 -9.55 14.68 -27.03
CA LEU A 61 -8.26 15.07 -27.65
C LEU A 61 -8.52 16.04 -28.81
N ILE A 62 -9.47 15.72 -29.70
CA ILE A 62 -9.83 16.56 -30.88
C ILE A 62 -10.33 17.94 -30.40
N HIS A 63 -11.21 17.97 -29.40
CA HIS A 63 -11.75 19.22 -28.78
C HIS A 63 -10.60 20.05 -28.20
N ALA A 64 -9.71 19.40 -27.43
CA ALA A 64 -8.52 20.01 -26.78
C ALA A 64 -7.57 20.58 -27.84
N ALA A 65 -7.34 19.84 -28.92
CA ALA A 65 -6.52 20.27 -30.09
C ALA A 65 -7.19 21.50 -30.74
N LYS A 66 -8.45 21.36 -31.13
CA LYS A 66 -9.29 22.44 -31.75
C LYS A 66 -9.29 23.68 -30.85
N GLN A 67 -9.25 23.51 -29.52
CA GLN A 67 -9.18 24.63 -28.54
C GLN A 67 -7.80 25.31 -28.60
N LEU A 68 -6.72 24.55 -28.84
CA LEU A 68 -5.34 25.10 -28.95
C LEU A 68 -5.16 25.82 -30.30
N GLY A 69 -6.04 25.57 -31.28
CA GLY A 69 -6.03 26.23 -32.61
C GLY A 69 -5.49 25.31 -33.70
N PHE A 70 -5.10 24.08 -33.33
CA PHE A 70 -4.75 22.97 -34.26
C PHE A 70 -6.01 22.58 -35.04
N SER A 71 -5.95 22.62 -36.39
CA SER A 71 -6.99 22.04 -37.28
C SER A 71 -6.78 20.52 -37.34
N ALA A 72 -7.74 19.75 -36.79
CA ALA A 72 -7.62 18.29 -36.57
C ALA A 72 -8.95 17.58 -36.82
N LYS A 73 -8.87 16.30 -37.21
CA LYS A 73 -10.05 15.42 -37.48
C LYS A 73 -9.75 13.99 -37.01
N GLY A 74 -10.79 13.26 -36.61
CA GLY A 74 -10.72 11.85 -36.17
C GLY A 74 -11.08 10.90 -37.29
N VAL A 75 -10.07 10.23 -37.84
CA VAL A 75 -10.16 9.32 -39.02
C VAL A 75 -10.11 7.87 -38.52
N LYS A 76 -11.06 7.03 -38.98
CA LYS A 76 -11.01 5.55 -38.79
C LYS A 76 -9.75 5.06 -39.48
N ALA A 77 -8.92 4.30 -38.76
CA ALA A 77 -7.66 3.75 -39.31
C ALA A 77 -7.97 2.92 -40.55
N SER A 78 -7.14 3.11 -41.58
CA SER A 78 -7.13 2.33 -42.83
C SER A 78 -5.86 1.46 -42.83
N LYS A 79 -6.01 0.15 -43.04
CA LYS A 79 -4.89 -0.83 -43.11
C LYS A 79 -3.82 -0.32 -44.08
N GLU A 80 -4.24 0.23 -45.22
CA GLU A 80 -3.37 1.01 -46.14
C GLU A 80 -3.20 2.42 -45.56
N ASP A 81 -2.15 2.62 -44.76
CA ASP A 81 -1.73 3.94 -44.21
C ASP A 81 -0.49 4.43 -44.96
N LEU A 82 -0.14 3.79 -46.09
CA LEU A 82 1.08 4.07 -46.90
C LEU A 82 0.86 5.25 -47.85
N LEU A 83 -0.36 5.80 -47.90
CA LEU A 83 -0.70 6.99 -48.74
C LEU A 83 0.16 8.18 -48.30
N LYS A 84 0.76 8.86 -49.29
CA LYS A 84 1.74 9.98 -49.09
C LYS A 84 1.08 11.11 -48.28
N ASP A 85 -0.10 11.57 -48.70
CA ASP A 85 -0.77 12.79 -48.17
C ASP A 85 -1.52 12.43 -46.89
N PHE A 86 -0.79 12.10 -45.81
CA PHE A 86 -1.32 11.92 -44.42
C PHE A 86 -0.28 12.50 -43.46
N ARG A 87 -0.23 13.83 -43.37
CA ARG A 87 0.81 14.61 -42.64
C ARG A 87 1.02 14.05 -41.23
N LEU A 88 2.30 13.83 -40.87
CA LEU A 88 2.74 13.33 -39.55
C LEU A 88 3.52 14.45 -38.87
N PRO A 89 3.36 14.68 -37.55
CA PRO A 89 2.96 13.65 -36.59
C PRO A 89 1.43 13.46 -36.46
N ALA A 90 0.99 12.21 -36.33
CA ALA A 90 -0.43 11.82 -36.14
C ALA A 90 -0.56 10.90 -34.93
N ILE A 91 -1.71 10.95 -34.26
CA ILE A 91 -2.02 10.14 -33.04
C ILE A 91 -2.84 8.93 -33.47
N ALA A 92 -2.34 7.72 -33.23
CA ALA A 92 -3.02 6.43 -33.50
C ALA A 92 -3.08 5.60 -32.21
N ASN A 93 -4.27 5.15 -31.80
CA ASN A 93 -4.44 4.38 -30.54
C ASN A 93 -4.11 2.90 -30.80
N VAL A 94 -3.03 2.41 -30.19
CA VAL A 94 -2.58 0.99 -30.26
C VAL A 94 -3.23 0.19 -29.13
N ILE A 95 -2.98 -1.13 -29.07
CA ILE A 95 -3.38 -2.04 -27.97
C ILE A 95 -2.10 -2.67 -27.38
N VAL A 96 -1.86 -2.46 -26.08
CA VAL A 96 -0.67 -3.00 -25.35
C VAL A 96 -0.93 -4.49 -25.03
N ASP A 97 -0.28 -5.38 -25.79
CA ASP A 97 -0.26 -6.87 -25.67
C ASP A 97 -1.67 -7.44 -25.42
N ASN A 98 -2.69 -6.93 -26.12
CA ASN A 98 -4.11 -7.37 -26.02
C ASN A 98 -4.52 -7.40 -24.55
N ARG A 99 -4.55 -6.22 -23.90
CA ARG A 99 -4.89 -6.05 -22.46
C ARG A 99 -5.72 -4.77 -22.27
N LEU A 100 -5.14 -3.61 -22.57
CA LEU A 100 -5.79 -2.28 -22.47
C LEU A 100 -5.57 -1.51 -23.76
N ALA A 101 -6.52 -0.65 -24.14
CA ALA A 101 -6.38 0.38 -25.19
C ALA A 101 -5.29 1.35 -24.74
N HIS A 102 -4.48 1.89 -25.66
CA HIS A 102 -3.38 2.85 -25.37
C HIS A 102 -3.27 3.85 -26.53
N PHE A 103 -2.89 5.10 -26.24
CA PHE A 103 -2.60 6.15 -27.27
C PHE A 103 -1.09 6.30 -27.43
N VAL A 104 -0.65 6.43 -28.67
CA VAL A 104 0.78 6.50 -29.08
C VAL A 104 0.90 7.50 -30.24
N VAL A 105 2.07 8.13 -30.39
CA VAL A 105 2.31 9.23 -31.37
C VAL A 105 3.19 8.69 -32.51
N ILE A 106 2.63 8.68 -33.73
CA ILE A 106 3.33 8.31 -35.00
C ILE A 106 4.09 9.55 -35.48
N TYR A 107 5.37 9.41 -35.84
CA TYR A 107 6.24 10.52 -36.29
C TYR A 107 6.55 10.42 -37.79
N SER A 108 7.02 9.25 -38.26
CA SER A 108 7.38 9.01 -39.68
C SER A 108 7.18 7.53 -40.03
N ILE A 109 6.22 7.23 -40.90
CA ILE A 109 6.04 5.88 -41.52
C ILE A 109 6.99 5.77 -42.70
N LYS A 110 8.10 5.06 -42.52
CA LYS A 110 9.12 4.80 -43.57
C LYS A 110 8.65 3.63 -44.43
N ASN A 111 9.47 3.19 -45.39
CA ASN A 111 9.17 2.13 -46.39
C ASN A 111 8.48 0.94 -45.71
N ARG A 112 9.02 0.46 -44.60
CA ARG A 112 8.42 -0.62 -43.76
C ARG A 112 8.52 -0.35 -42.25
N ILE A 113 9.41 0.54 -41.78
CA ILE A 113 9.58 0.83 -40.32
C ILE A 113 8.74 2.06 -39.97
N ILE A 114 7.97 2.00 -38.86
CA ILE A 114 7.12 3.12 -38.34
C ILE A 114 7.74 3.63 -37.04
N THR A 115 8.12 4.91 -36.99
CA THR A 115 8.68 5.61 -35.81
C THR A 115 7.54 6.11 -34.92
N VAL A 116 7.45 5.60 -33.69
CA VAL A 116 6.33 5.85 -32.74
C VAL A 116 6.92 6.27 -31.38
N ALA A 117 6.75 7.53 -30.98
CA ALA A 117 7.37 8.09 -29.76
C ALA A 117 6.48 7.82 -28.54
N ASP A 118 6.38 6.55 -28.13
CA ASP A 118 5.43 6.02 -27.12
C ASP A 118 5.58 6.81 -25.80
N PRO A 119 4.54 7.56 -25.36
CA PRO A 119 4.64 8.33 -24.12
C PRO A 119 4.80 7.45 -22.86
N GLY A 120 4.38 6.19 -22.95
CA GLY A 120 4.61 5.15 -21.91
C GLY A 120 6.09 4.80 -21.76
N LYS A 121 6.83 4.70 -22.87
CA LYS A 121 8.26 4.26 -22.89
C LYS A 121 9.01 4.87 -24.07
N GLY A 122 9.46 6.13 -23.91
CA GLY A 122 10.46 6.82 -24.75
C GLY A 122 10.06 6.88 -26.22
N ILE A 123 10.94 6.45 -27.12
CA ILE A 123 10.69 6.32 -28.59
C ILE A 123 10.99 4.87 -28.99
N VAL A 124 10.14 4.30 -29.85
CA VAL A 124 10.28 2.91 -30.40
C VAL A 124 9.92 2.91 -31.89
N ARG A 125 10.46 1.94 -32.64
CA ARG A 125 10.27 1.75 -34.10
C ARG A 125 9.80 0.32 -34.36
N TYR A 126 8.59 0.16 -34.91
CA TYR A 126 7.96 -1.16 -35.20
C TYR A 126 7.95 -1.42 -36.71
N SER A 127 8.03 -2.70 -37.09
CA SER A 127 7.82 -3.20 -38.47
C SER A 127 6.34 -3.05 -38.84
N MET A 128 6.05 -2.58 -40.06
CA MET A 128 4.70 -2.22 -40.58
C MET A 128 3.69 -3.30 -40.17
N ASP A 129 3.99 -4.57 -40.49
CA ASP A 129 3.13 -5.75 -40.23
C ASP A 129 2.88 -5.92 -38.73
N ASP A 130 3.89 -5.67 -37.88
CA ASP A 130 3.79 -5.82 -36.40
C ASP A 130 2.83 -4.75 -35.85
N PHE A 131 3.17 -3.47 -36.01
CA PHE A 131 2.34 -2.30 -35.59
C PHE A 131 0.89 -2.52 -36.05
N CYS A 132 0.70 -2.82 -37.34
CA CYS A 132 -0.61 -3.08 -38.00
C CYS A 132 -1.39 -4.19 -37.28
N SER A 133 -0.70 -5.15 -36.65
CA SER A 133 -1.31 -6.21 -35.80
C SER A 133 -1.65 -5.64 -34.41
N ILE A 134 -0.77 -4.79 -33.86
CA ILE A 134 -0.90 -4.22 -32.49
C ILE A 134 -2.07 -3.23 -32.45
N TRP A 135 -2.11 -2.25 -33.35
CA TRP A 135 -3.02 -1.07 -33.26
C TRP A 135 -4.46 -1.51 -33.56
N THR A 136 -5.43 -1.01 -32.78
CA THR A 136 -6.85 -0.95 -33.17
C THR A 136 -6.90 -0.29 -34.54
N GLY A 137 -6.24 0.85 -34.62
CA GLY A 137 -6.41 1.84 -35.70
C GLY A 137 -7.51 2.82 -35.35
N GLY A 138 -7.12 3.97 -34.81
CA GLY A 138 -7.97 5.17 -34.65
C GLY A 138 -7.13 6.42 -34.77
N LEU A 139 -7.05 7.00 -35.97
CA LEU A 139 -6.11 8.11 -36.29
C LEU A 139 -6.75 9.45 -35.91
N VAL A 140 -5.94 10.35 -35.33
CA VAL A 140 -6.29 11.79 -35.10
C VAL A 140 -5.19 12.62 -35.79
N LEU A 141 -5.55 13.27 -36.89
CA LEU A 141 -4.64 14.07 -37.76
C LEU A 141 -4.78 15.54 -37.35
N LEU A 142 -3.66 16.19 -36.98
CA LEU A 142 -3.61 17.60 -36.51
C LEU A 142 -2.75 18.42 -37.47
N GLU A 143 -3.03 19.73 -37.58
CA GLU A 143 -2.22 20.71 -38.35
C GLU A 143 -2.50 22.12 -37.82
N PRO A 144 -1.47 22.97 -37.58
CA PRO A 144 -1.71 24.35 -37.14
C PRO A 144 -2.35 25.22 -38.24
N GLY A 145 -3.43 25.92 -37.89
CA GLY A 145 -4.26 26.73 -38.83
C GLY A 145 -4.40 28.17 -38.37
N GLU A 146 -3.29 28.93 -38.38
CA GLU A 146 -3.22 30.39 -38.13
C GLU A 146 -3.36 30.70 -36.63
N ALA A 147 -4.47 30.28 -36.00
CA ALA A 147 -4.80 30.51 -34.58
C ALA A 147 -3.70 29.98 -33.65
N PHE A 148 -3.08 28.84 -34.00
CA PHE A 148 -1.90 28.27 -33.29
C PHE A 148 -0.76 29.28 -33.29
N GLN A 149 -0.12 29.48 -32.12
CA GLN A 149 1.02 30.41 -31.93
C GLN A 149 2.10 29.71 -31.10
N LYS A 150 3.35 29.77 -31.55
CA LYS A 150 4.54 29.20 -30.84
C LYS A 150 4.80 29.99 -29.56
N GLY A 151 5.11 29.30 -28.46
CA GLY A 151 5.34 29.93 -27.14
C GLY A 151 5.96 28.98 -26.14
N ASP A 152 6.21 29.47 -24.91
CA ASP A 152 6.75 28.71 -23.77
C ASP A 152 6.00 29.15 -22.50
N TYR A 153 4.96 28.40 -22.12
CA TYR A 153 3.97 28.76 -21.06
C TYR A 153 4.30 28.06 -19.74
N THR A 154 5.07 26.97 -19.77
CA THR A 154 5.63 26.29 -18.57
C THR A 154 6.87 27.06 -18.08
N GLN A 155 7.04 27.18 -16.76
CA GLN A 155 8.22 27.80 -16.10
C GLN A 155 9.03 26.68 -15.41
N ASN A 156 10.32 26.91 -15.19
CA ASN A 156 11.25 25.93 -14.53
C ASN A 156 10.92 25.88 -13.04
N MET A 157 10.29 24.79 -12.59
CA MET A 157 9.75 24.63 -11.22
C MET A 157 10.89 24.31 -10.23
N MET A 158 12.00 23.76 -10.74
CA MET A 158 13.24 23.47 -9.96
C MET A 158 13.79 24.77 -9.35
N VAL A 159 13.70 25.89 -10.07
CA VAL A 159 14.15 27.24 -9.60
C VAL A 159 13.06 27.81 -8.66
N LYS A 160 11.79 27.53 -8.92
CA LYS A 160 10.64 27.90 -8.05
C LYS A 160 10.82 27.25 -6.66
N PHE A 161 11.22 25.97 -6.63
CA PHE A 161 11.39 25.20 -5.36
C PHE A 161 12.72 25.55 -4.66
N ALA A 162 13.64 26.24 -5.34
CA ALA A 162 14.90 26.76 -4.75
C ALA A 162 14.61 27.91 -3.77
N GLY A 163 13.44 28.55 -3.88
CA GLY A 163 12.97 29.63 -2.99
C GLY A 163 13.06 29.29 -1.52
N PHE A 164 12.78 28.03 -1.15
CA PHE A 164 12.77 27.53 0.26
C PHE A 164 14.19 27.46 0.84
N LEU A 165 15.22 27.59 0.00
CA LEU A 165 16.65 27.61 0.40
C LEU A 165 17.10 29.06 0.71
N LYS A 166 16.27 30.06 0.40
CA LYS A 166 16.60 31.51 0.63
C LYS A 166 16.65 31.80 2.13
N PRO A 167 15.62 31.46 2.94
CA PRO A 167 15.65 31.73 4.38
C PRO A 167 16.75 31.00 5.16
N LEU A 168 17.17 29.82 4.70
CA LEU A 168 18.23 28.98 5.33
C LEU A 168 19.57 29.24 4.62
N LYS A 169 20.04 30.48 4.63
CA LYS A 169 21.36 30.90 4.07
C LYS A 169 22.46 30.56 5.07
N LYS A 170 22.28 30.96 6.33
CA LYS A 170 23.23 30.77 7.46
C LYS A 170 23.65 29.29 7.55
N THR A 171 22.66 28.39 7.62
CA THR A 171 22.83 26.92 7.76
C THR A 171 23.66 26.36 6.61
N VAL A 172 23.30 26.71 5.37
CA VAL A 172 24.00 26.31 4.11
C VAL A 172 25.48 26.74 4.19
N LEU A 173 25.72 28.02 4.51
CA LEU A 173 27.08 28.62 4.62
C LEU A 173 27.87 27.92 5.74
N CYS A 174 27.21 27.64 6.87
CA CYS A 174 27.80 26.93 8.05
C CYS A 174 28.19 25.50 7.65
N ILE A 175 27.30 24.78 6.94
CA ILE A 175 27.57 23.43 6.38
C ILE A 175 28.76 23.51 5.42
N PHE A 176 28.78 24.52 4.54
CA PHE A 176 29.85 24.75 3.53
C PHE A 176 31.21 24.95 4.22
N LEU A 177 31.27 25.76 5.29
CA LEU A 177 32.53 26.03 6.04
C LEU A 177 33.01 24.75 6.76
N ALA A 178 32.09 24.06 7.45
CA ALA A 178 32.34 22.79 8.18
C ALA A 178 32.95 21.75 7.22
N SER A 179 32.33 21.57 6.05
CA SER A 179 32.77 20.64 4.98
C SER A 179 34.16 21.04 4.46
N LEU A 180 34.35 22.33 4.15
CA LEU A 180 35.65 22.90 3.67
C LEU A 180 36.74 22.61 4.71
N LEU A 181 36.47 22.89 5.99
CA LEU A 181 37.47 22.74 7.09
C LEU A 181 37.74 21.25 7.36
N TYR A 182 36.72 20.39 7.23
CA TYR A 182 36.82 18.91 7.30
C TYR A 182 37.82 18.41 6.24
N THR A 183 37.62 18.83 4.98
CA THR A 183 38.48 18.52 3.80
C THR A 183 39.93 18.92 4.10
N ALA A 184 40.13 20.18 4.54
CA ALA A 184 41.45 20.79 4.84
C ALA A 184 42.19 19.96 5.90
N LEU A 185 41.52 19.60 7.00
CA LEU A 185 42.08 18.73 8.07
C LEU A 185 42.30 17.31 7.54
N GLY A 186 41.44 16.85 6.62
CA GLY A 186 41.59 15.56 5.91
C GLY A 186 42.89 15.49 5.12
N ILE A 187 43.11 16.47 4.23
CA ILE A 187 44.32 16.57 3.35
C ILE A 187 45.57 16.76 4.22
N ALA A 188 45.48 17.55 5.30
CA ALA A 188 46.56 17.78 6.29
C ALA A 188 46.88 16.47 7.03
N GLY A 189 45.84 15.74 7.45
CA GLY A 189 45.95 14.49 8.22
C GLY A 189 46.50 13.31 7.41
N SER A 190 46.37 13.35 6.08
CA SER A 190 46.75 12.24 5.16
C SER A 190 48.27 12.15 4.95
N PHE A 191 49.05 13.13 5.42
CA PHE A 191 50.52 13.22 5.24
C PHE A 191 51.27 12.50 6.40
N TYR A 192 50.57 11.78 7.27
CA TYR A 192 51.13 11.09 8.47
C TYR A 192 52.14 10.02 8.02
N ILE A 193 51.73 9.16 7.08
CA ILE A 193 52.52 7.99 6.57
C ILE A 193 53.86 8.49 5.99
N LYS A 194 53.86 9.62 5.27
CA LYS A 194 55.07 10.26 4.70
C LYS A 194 56.05 10.58 5.83
N PHE A 195 55.62 11.42 6.78
CA PHE A 195 56.40 11.81 7.99
C PHE A 195 56.86 10.56 8.75
N LEU A 196 56.03 9.51 8.79
CA LEU A 196 56.36 8.23 9.48
C LEU A 196 57.52 7.53 8.75
N PHE A 197 57.35 7.22 7.45
CA PHE A 197 58.29 6.38 6.67
C PHE A 197 59.57 7.15 6.32
N ASP A 198 59.46 8.44 5.95
CA ASP A 198 60.59 9.25 5.44
C ASP A 198 61.47 9.73 6.60
N ASP A 199 60.88 10.43 7.59
CA ASP A 199 61.63 11.12 8.68
C ASP A 199 61.81 10.18 9.87
N LEU A 200 60.72 9.87 10.59
CA LEU A 200 60.74 9.33 11.97
C LEU A 200 61.41 7.94 12.02
N ILE A 201 61.01 7.01 11.15
CA ILE A 201 61.48 5.59 11.15
C ILE A 201 62.94 5.52 10.68
N LYS A 202 63.34 6.35 9.72
CA LYS A 202 64.73 6.41 9.16
C LYS A 202 65.73 6.72 10.28
N PHE A 203 65.56 7.87 10.96
CA PHE A 203 66.48 8.40 11.99
C PHE A 203 66.13 7.81 13.37
N GLU A 204 64.98 7.13 13.48
CA GLU A 204 64.53 6.39 14.70
C GLU A 204 64.36 7.38 15.86
N LYS A 205 63.69 8.51 15.61
CA LYS A 205 63.33 9.52 16.64
C LYS A 205 62.09 9.03 17.39
N LEU A 206 62.11 9.08 18.72
CA LEU A 206 61.04 8.56 19.62
C LEU A 206 60.20 9.73 20.15
N ASN A 207 60.84 10.70 20.79
CA ASN A 207 60.19 11.91 21.39
C ASN A 207 59.33 12.58 20.32
N ASP A 208 59.89 12.82 19.12
CA ASP A 208 59.20 13.42 17.96
C ASP A 208 58.03 12.52 17.52
N LEU A 209 58.26 11.20 17.40
CA LEU A 209 57.22 10.21 16.99
C LEU A 209 56.02 10.31 17.94
N HIS A 210 56.29 10.24 19.26
CA HIS A 210 55.30 10.34 20.36
C HIS A 210 54.50 11.65 20.26
N ILE A 211 55.15 12.76 19.88
CA ILE A 211 54.50 14.10 19.73
C ILE A 211 53.64 14.10 18.45
N ILE A 212 54.21 13.72 17.31
CA ILE A 212 53.55 13.75 15.96
C ILE A 212 52.32 12.82 15.99
N SER A 213 52.45 11.62 16.56
CA SER A 213 51.36 10.62 16.72
C SER A 213 50.13 11.27 17.38
N ALA A 214 50.34 11.96 18.49
CA ALA A 214 49.30 12.70 19.26
C ALA A 214 48.73 13.85 18.41
N GLY A 215 49.61 14.60 17.73
CA GLY A 215 49.25 15.72 16.84
C GLY A 215 48.24 15.31 15.78
N PHE A 216 48.52 14.22 15.06
CA PHE A 216 47.65 13.66 13.99
C PHE A 216 46.38 13.05 14.61
N ALA A 217 46.49 12.45 15.81
CA ALA A 217 45.35 11.88 16.58
C ALA A 217 44.36 13.00 16.92
N VAL A 218 44.86 14.14 17.44
CA VAL A 218 44.03 15.33 17.81
C VAL A 218 43.38 15.92 16.55
N ILE A 219 44.14 16.01 15.44
CA ILE A 219 43.64 16.51 14.11
C ILE A 219 42.42 15.67 13.70
N PHE A 220 42.53 14.34 13.78
CA PHE A 220 41.46 13.38 13.42
C PHE A 220 40.24 13.58 14.34
N LEU A 221 40.47 13.77 15.64
CA LEU A 221 39.39 13.99 16.66
C LEU A 221 38.61 15.27 16.36
N LEU A 222 39.28 16.32 15.88
CA LEU A 222 38.63 17.58 15.44
C LEU A 222 37.86 17.33 14.13
N GLN A 223 38.41 16.51 13.23
CA GLN A 223 37.80 16.19 11.91
C GLN A 223 36.45 15.47 12.11
N ILE A 224 36.43 14.39 12.91
CA ILE A 224 35.20 13.60 13.20
C ILE A 224 34.17 14.47 13.96
N PHE A 225 34.63 15.45 14.75
CA PHE A 225 33.74 16.39 15.48
C PHE A 225 33.05 17.33 14.48
N LEU A 226 33.76 17.83 13.47
CA LEU A 226 33.19 18.69 12.39
C LEU A 226 32.19 17.88 11.56
N ASN A 227 32.54 16.62 11.23
CA ASN A 227 31.66 15.65 10.52
C ASN A 227 30.33 15.52 11.28
N TYR A 228 30.40 15.27 12.60
CA TYR A 228 29.25 15.14 13.53
C TYR A 228 28.37 16.39 13.47
N TYR A 229 28.99 17.58 13.55
CA TYR A 229 28.30 18.91 13.53
C TYR A 229 27.63 19.14 12.18
N ARG A 230 28.34 18.85 11.08
CA ARG A 230 27.84 18.96 9.68
C ARG A 230 26.63 18.03 9.52
N SER A 231 26.78 16.76 9.92
CA SER A 231 25.74 15.69 9.84
C SER A 231 24.43 16.12 10.52
N ILE A 232 24.53 16.81 11.67
CA ILE A 232 23.35 17.34 12.43
C ILE A 232 22.69 18.46 11.61
N LEU A 233 23.49 19.40 11.09
CA LEU A 233 22.98 20.59 10.35
C LEU A 233 22.34 20.16 9.02
N VAL A 234 22.94 19.21 8.29
CA VAL A 234 22.40 18.73 6.98
C VAL A 234 21.08 18.00 7.20
N THR A 235 20.94 17.25 8.31
CA THR A 235 19.69 16.56 8.73
C THR A 235 18.59 17.60 8.98
N LYS A 236 18.88 18.62 9.80
CA LYS A 236 17.91 19.69 10.18
C LYS A 236 17.44 20.45 8.94
N LEU A 237 18.37 20.82 8.05
CA LEU A 237 18.08 21.54 6.78
C LEU A 237 17.16 20.68 5.90
N GLY A 238 17.51 19.39 5.72
CA GLY A 238 16.76 18.41 4.93
C GLY A 238 15.31 18.31 5.37
N MET A 239 15.08 18.02 6.65
CA MET A 239 13.74 17.92 7.30
C MET A 239 12.94 19.20 7.07
N SER A 240 13.57 20.36 7.32
CA SER A 240 12.95 21.72 7.25
C SER A 240 12.38 21.99 5.86
N ILE A 241 13.18 21.77 4.80
CA ILE A 241 12.76 21.96 3.38
C ILE A 241 11.71 20.89 3.01
N ASP A 242 11.88 19.65 3.47
CA ASP A 242 10.95 18.52 3.21
C ASP A 242 9.56 18.89 3.75
N LYS A 243 9.49 19.28 5.02
CA LYS A 243 8.25 19.75 5.71
C LYS A 243 7.61 20.89 4.91
N SER A 244 8.41 21.90 4.55
CA SER A 244 7.96 23.14 3.85
C SER A 244 7.26 22.79 2.53
N ILE A 245 7.91 21.97 1.68
CA ILE A 245 7.41 21.56 0.34
C ILE A 245 6.12 20.74 0.50
N MET A 246 6.16 19.69 1.32
CA MET A 246 5.02 18.77 1.58
C MET A 246 3.78 19.55 2.00
N MET A 247 3.92 20.46 2.97
CA MET A 247 2.82 21.26 3.56
C MET A 247 2.32 22.30 2.54
N GLU A 248 3.23 22.91 1.77
CA GLU A 248 2.90 23.89 0.70
C GLU A 248 2.02 23.21 -0.36
N TYR A 249 2.39 21.99 -0.77
CA TYR A 249 1.65 21.18 -1.77
C TYR A 249 0.27 20.82 -1.23
N TYR A 250 0.20 20.24 -0.03
CA TYR A 250 -1.05 19.75 0.62
C TYR A 250 -2.10 20.87 0.66
N SER A 251 -1.71 22.07 1.11
CA SER A 251 -2.57 23.27 1.25
C SER A 251 -3.16 23.66 -0.11
N HIS A 252 -2.33 23.67 -1.16
CA HIS A 252 -2.73 24.03 -2.55
C HIS A 252 -3.78 23.05 -3.08
N VAL A 253 -3.61 21.74 -2.84
CA VAL A 253 -4.51 20.65 -3.33
C VAL A 253 -5.93 20.92 -2.79
N LEU A 254 -6.06 21.20 -1.49
CA LEU A 254 -7.36 21.41 -0.79
C LEU A 254 -8.11 22.61 -1.38
N LYS A 255 -7.39 23.62 -1.89
CA LYS A 255 -7.97 24.87 -2.45
C LYS A 255 -8.47 24.65 -3.89
N LEU A 256 -8.16 23.52 -4.53
CA LEU A 256 -8.57 23.20 -5.93
C LEU A 256 -10.04 22.77 -5.95
N PRO A 257 -10.76 22.97 -7.08
CA PRO A 257 -12.17 22.57 -7.19
C PRO A 257 -12.37 21.05 -7.32
N MET A 258 -13.61 20.59 -7.08
CA MET A 258 -14.01 19.15 -7.06
C MET A 258 -13.66 18.46 -8.39
N ASN A 259 -13.70 19.20 -9.51
CA ASN A 259 -13.28 18.76 -10.87
C ASN A 259 -11.92 18.05 -10.80
N PHE A 260 -10.94 18.64 -10.09
CA PHE A 260 -9.57 18.10 -9.90
C PHE A 260 -9.62 16.73 -9.22
N PHE A 261 -10.48 16.56 -8.21
CA PHE A 261 -10.61 15.34 -7.37
C PHE A 261 -11.43 14.27 -8.08
N ASN A 262 -12.39 14.66 -8.93
CA ASN A 262 -13.16 13.73 -9.79
C ASN A 262 -12.24 13.15 -10.86
N SER A 263 -11.36 13.96 -11.44
CA SER A 263 -10.41 13.61 -12.53
C SER A 263 -9.44 12.51 -12.08
N ARG A 264 -8.81 12.69 -10.90
CA ARG A 264 -7.70 11.85 -10.39
C ARG A 264 -8.21 10.86 -9.33
N LYS A 265 -7.39 9.85 -9.00
CA LYS A 265 -7.64 8.85 -7.92
C LYS A 265 -7.05 9.39 -6.60
N VAL A 266 -7.13 8.60 -5.52
CA VAL A 266 -6.60 8.96 -4.17
C VAL A 266 -5.06 8.86 -4.21
N GLY A 267 -4.54 7.64 -4.39
CA GLY A 267 -3.09 7.34 -4.42
C GLY A 267 -2.33 8.19 -5.42
N GLU A 268 -2.99 8.56 -6.54
CA GLU A 268 -2.49 9.48 -7.59
C GLU A 268 -2.12 10.84 -7.00
N ILE A 269 -2.84 11.30 -5.97
CA ILE A 269 -2.60 12.61 -5.27
C ILE A 269 -1.50 12.44 -4.21
N ILE A 270 -1.41 11.29 -3.54
CA ILE A 270 -0.48 11.08 -2.38
C ILE A 270 0.90 10.65 -2.90
N SER A 271 0.97 9.99 -4.06
CA SER A 271 2.25 9.75 -4.79
C SER A 271 3.06 11.05 -4.85
N ARG A 272 2.37 12.20 -4.95
CA ARG A 272 2.97 13.57 -4.94
C ARG A 272 3.75 13.85 -3.65
N PHE A 273 3.32 13.33 -2.50
CA PHE A 273 4.03 13.47 -1.19
C PHE A 273 5.38 12.75 -1.24
N MET A 274 5.41 11.53 -1.79
CA MET A 274 6.63 10.71 -1.98
C MET A 274 7.52 11.40 -3.02
N ASP A 275 6.89 11.94 -4.07
CA ASP A 275 7.54 12.75 -5.13
C ASP A 275 8.22 13.98 -4.47
N ALA A 276 7.50 14.68 -3.59
CA ALA A 276 7.96 15.87 -2.82
C ALA A 276 9.17 15.50 -1.95
N SER A 277 9.11 14.35 -1.28
CA SER A 277 10.23 13.77 -0.49
C SER A 277 11.46 13.55 -1.38
N LYS A 278 11.27 13.14 -2.65
CA LYS A 278 12.38 12.86 -3.59
C LYS A 278 12.92 14.19 -4.17
N ILE A 279 12.05 15.14 -4.57
CA ILE A 279 12.53 16.45 -5.13
C ILE A 279 13.43 17.14 -4.08
N ARG A 280 12.96 17.27 -2.83
CA ARG A 280 13.74 17.92 -1.73
C ARG A 280 15.17 17.38 -1.74
N GLN A 281 15.32 16.04 -1.74
CA GLN A 281 16.63 15.33 -1.68
C GLN A 281 17.57 15.87 -2.77
N ALA A 282 17.06 16.00 -3.99
CA ALA A 282 17.81 16.45 -5.19
C ALA A 282 18.28 17.90 -5.02
N ILE A 283 17.39 18.83 -4.64
CA ILE A 283 17.76 20.26 -4.45
C ILE A 283 18.83 20.36 -3.36
N SER A 284 18.64 19.67 -2.23
CA SER A 284 19.60 19.64 -1.09
C SER A 284 20.96 19.11 -1.59
N GLY A 285 20.97 17.96 -2.26
CA GLY A 285 22.18 17.34 -2.85
C GLY A 285 22.91 18.29 -3.79
N ALA A 286 22.17 18.89 -4.75
CA ALA A 286 22.68 19.84 -5.76
C ALA A 286 23.31 21.05 -5.07
N THR A 287 22.63 21.61 -4.06
CA THR A 287 23.11 22.80 -3.29
C THR A 287 24.44 22.45 -2.62
N LEU A 288 24.53 21.30 -1.93
CA LEU A 288 25.70 20.95 -1.08
C LEU A 288 26.86 20.42 -1.96
N THR A 289 26.63 19.31 -2.66
CA THR A 289 27.65 18.59 -3.48
C THR A 289 28.45 19.61 -4.31
N ILE A 290 27.79 20.38 -5.17
CA ILE A 290 28.42 21.40 -6.06
C ILE A 290 29.23 22.37 -5.19
N MET A 291 28.69 22.80 -4.05
CA MET A 291 29.36 23.79 -3.16
C MET A 291 30.66 23.17 -2.60
N ILE A 292 30.62 21.93 -2.11
CA ILE A 292 31.70 21.36 -1.24
C ILE A 292 32.57 20.33 -1.98
N ASP A 293 32.16 19.82 -3.15
CA ASP A 293 32.90 18.74 -3.89
C ASP A 293 33.67 19.32 -5.10
N THR A 294 33.10 20.28 -5.84
CA THR A 294 33.72 20.89 -7.04
C THR A 294 35.02 21.61 -6.65
N ILE A 295 35.14 22.06 -5.40
CA ILE A 295 36.36 22.71 -4.82
C ILE A 295 37.28 21.62 -4.25
N MET A 296 36.72 20.68 -3.48
CA MET A 296 37.42 19.55 -2.82
C MET A 296 38.19 18.72 -3.86
N ALA A 297 37.52 18.35 -4.97
CA ALA A 297 38.09 17.60 -6.12
C ALA A 297 39.25 18.38 -6.75
N VAL A 298 39.05 19.69 -6.97
CA VAL A 298 40.05 20.62 -7.57
C VAL A 298 41.29 20.69 -6.66
N ILE A 299 41.09 20.98 -5.36
CA ILE A 299 42.19 21.09 -4.35
C ILE A 299 42.97 19.76 -4.33
N GLY A 300 42.26 18.63 -4.24
CA GLY A 300 42.83 17.27 -4.30
C GLY A 300 43.65 17.07 -5.56
N GLY A 301 43.04 17.34 -6.73
CA GLY A 301 43.66 17.21 -8.07
C GLY A 301 44.92 18.04 -8.20
N ILE A 302 44.89 19.29 -7.73
CA ILE A 302 46.07 20.23 -7.69
C ILE A 302 47.19 19.57 -6.88
N LEU A 303 46.88 19.13 -5.66
CA LEU A 303 47.85 18.45 -4.74
C LEU A 303 48.48 17.24 -5.45
N LEU A 304 47.67 16.39 -6.09
CA LEU A 304 48.17 15.20 -6.84
C LEU A 304 49.05 15.65 -8.00
N TYR A 305 48.57 16.58 -8.85
CA TYR A 305 49.32 17.15 -9.99
C TYR A 305 50.67 17.70 -9.51
N ILE A 306 50.71 18.29 -8.30
CA ILE A 306 51.96 18.77 -7.66
C ILE A 306 52.85 17.57 -7.29
N GLN A 307 52.27 16.49 -6.74
CA GLN A 307 53.04 15.30 -6.25
C GLN A 307 53.77 14.63 -7.43
N ASN A 308 53.02 14.14 -8.42
CA ASN A 308 53.57 13.45 -9.62
C ASN A 308 52.52 13.48 -10.74
N SER A 309 52.94 13.83 -11.96
CA SER A 309 52.07 14.04 -13.15
C SER A 309 51.55 12.69 -13.67
N SER A 310 52.45 11.72 -13.89
CA SER A 310 52.16 10.37 -14.44
C SER A 310 51.06 9.67 -13.63
N LEU A 311 51.20 9.65 -12.30
CA LEU A 311 50.28 8.95 -11.36
C LEU A 311 48.92 9.65 -11.33
N PHE A 312 48.90 10.99 -11.47
CA PHE A 312 47.66 11.81 -11.55
C PHE A 312 46.90 11.49 -12.83
N PHE A 313 47.60 11.38 -13.97
CA PHE A 313 47.00 11.07 -15.30
C PHE A 313 46.50 9.62 -15.33
N ILE A 314 47.15 8.71 -14.59
CA ILE A 314 46.65 7.31 -14.37
C ILE A 314 45.34 7.39 -13.57
N SER A 315 45.32 8.17 -12.48
CA SER A 315 44.14 8.36 -11.59
C SER A 315 42.99 9.02 -12.36
N PHE A 316 43.31 9.91 -13.31
CA PHE A 316 42.32 10.57 -14.22
C PHE A 316 41.65 9.52 -15.11
N ILE A 317 42.45 8.62 -15.71
CA ILE A 317 41.97 7.51 -16.59
C ILE A 317 41.02 6.59 -15.78
N ILE A 318 41.39 6.26 -14.53
CA ILE A 318 40.57 5.41 -13.60
C ILE A 318 39.18 6.07 -13.45
N ILE A 319 39.14 7.38 -13.20
CA ILE A 319 37.89 8.17 -13.01
C ILE A 319 37.12 8.18 -14.35
N LEU A 320 37.82 8.48 -15.45
CA LEU A 320 37.24 8.53 -16.82
C LEU A 320 36.53 7.20 -17.11
N LEU A 321 37.23 6.07 -16.96
CA LEU A 321 36.68 4.72 -17.25
C LEU A 321 35.47 4.42 -16.34
N TYR A 322 35.56 4.76 -15.06
CA TYR A 322 34.43 4.63 -14.08
C TYR A 322 33.23 5.44 -14.57
N GLY A 323 33.46 6.69 -14.98
CA GLY A 323 32.45 7.59 -15.56
C GLY A 323 31.73 6.95 -16.73
N ILE A 324 32.49 6.39 -17.69
CA ILE A 324 31.98 5.77 -18.95
C ILE A 324 31.13 4.54 -18.60
N ILE A 325 31.61 3.66 -17.71
CA ILE A 325 30.95 2.39 -17.30
C ILE A 325 29.59 2.70 -16.65
N VAL A 326 29.54 3.68 -15.74
CA VAL A 326 28.30 4.09 -15.01
C VAL A 326 27.30 4.67 -16.01
N THR A 327 27.75 5.61 -16.86
CA THR A 327 26.90 6.33 -17.85
C THR A 327 26.31 5.35 -18.88
N VAL A 328 27.07 4.34 -19.31
CA VAL A 328 26.60 3.33 -20.32
C VAL A 328 25.64 2.33 -19.63
N PHE A 329 25.82 2.04 -18.34
CA PHE A 329 24.97 1.09 -17.56
C PHE A 329 23.78 1.80 -16.88
N ASN A 330 23.72 3.14 -16.90
CA ASN A 330 22.67 3.93 -16.21
C ASN A 330 21.28 3.61 -16.78
N LYS A 331 21.14 3.49 -18.10
CA LYS A 331 19.84 3.35 -18.80
C LYS A 331 19.26 1.94 -18.60
N PRO A 332 19.97 0.84 -18.98
CA PRO A 332 19.40 -0.51 -18.87
C PRO A 332 18.90 -0.90 -17.46
N ILE A 333 19.62 -0.47 -16.41
CA ILE A 333 19.26 -0.70 -14.98
C ILE A 333 17.88 -0.09 -14.71
N GLN A 334 17.65 1.15 -15.14
CA GLN A 334 16.36 1.88 -14.98
C GLN A 334 15.26 1.20 -15.79
N ASN A 335 15.58 0.68 -16.97
CA ASN A 335 14.64 -0.08 -17.85
C ASN A 335 14.23 -1.39 -17.16
N ALA A 336 15.20 -2.15 -16.65
CA ALA A 336 14.98 -3.40 -15.88
C ALA A 336 14.18 -3.12 -14.61
N ASN A 337 14.55 -2.05 -13.88
CA ASN A 337 13.90 -1.59 -12.62
C ASN A 337 12.40 -1.36 -12.88
N ARG A 338 12.06 -0.57 -13.90
CA ARG A 338 10.66 -0.28 -14.32
C ARG A 338 9.93 -1.59 -14.65
N GLN A 339 10.61 -2.50 -15.38
CA GLN A 339 10.04 -3.80 -15.84
C GLN A 339 9.77 -4.70 -14.62
N ILE A 340 10.62 -4.65 -13.59
CA ILE A 340 10.42 -5.39 -12.31
C ILE A 340 9.18 -4.83 -11.59
N MET A 341 9.10 -3.50 -11.42
CA MET A 341 8.00 -2.82 -10.66
C MET A 341 6.65 -3.13 -11.30
N GLU A 342 6.60 -3.20 -12.64
CA GLU A 342 5.40 -3.62 -13.43
C GLU A 342 5.01 -5.06 -13.04
N ASP A 343 5.94 -6.00 -13.20
CA ASP A 343 5.71 -7.46 -13.00
C ASP A 343 5.39 -7.76 -11.53
N ASN A 344 5.95 -6.98 -10.60
CA ASN A 344 5.70 -7.10 -9.14
C ASN A 344 4.29 -6.60 -8.83
N ALA A 345 3.89 -5.46 -9.41
CA ALA A 345 2.56 -4.83 -9.24
C ALA A 345 1.44 -5.77 -9.70
N LYS A 346 1.69 -6.56 -10.76
CA LYS A 346 0.72 -7.56 -11.31
C LYS A 346 0.55 -8.72 -10.32
N LEU A 347 1.67 -9.23 -9.77
CA LEU A 347 1.70 -10.37 -8.80
C LEU A 347 0.88 -10.01 -7.55
N THR A 348 1.23 -8.90 -6.90
CA THR A 348 0.59 -8.41 -5.65
C THR A 348 -0.90 -8.15 -5.91
N SER A 349 -1.26 -7.57 -7.07
CA SER A 349 -2.66 -7.36 -7.53
C SER A 349 -3.38 -8.71 -7.64
N ALA A 350 -2.74 -9.69 -8.28
CA ALA A 350 -3.26 -11.08 -8.48
C ALA A 350 -3.48 -11.75 -7.11
N LEU A 351 -2.51 -11.62 -6.19
CA LEU A 351 -2.59 -12.22 -4.82
C LEU A 351 -3.78 -11.62 -4.06
N VAL A 352 -3.95 -10.30 -4.07
CA VAL A 352 -5.10 -9.58 -3.41
C VAL A 352 -6.40 -10.10 -4.03
N GLU A 353 -6.51 -10.05 -5.37
CA GLU A 353 -7.69 -10.54 -6.13
C GLU A 353 -8.01 -11.98 -5.72
N SER A 354 -7.01 -12.86 -5.69
CA SER A 354 -7.14 -14.30 -5.33
C SER A 354 -7.64 -14.44 -3.88
N VAL A 355 -7.15 -13.60 -2.95
CA VAL A 355 -7.48 -13.66 -1.50
C VAL A 355 -8.89 -13.09 -1.24
N LYS A 356 -9.26 -12.00 -1.92
CA LYS A 356 -10.55 -11.28 -1.70
C LYS A 356 -11.74 -12.21 -1.94
N GLY A 357 -11.67 -13.10 -2.95
CA GLY A 357 -12.78 -13.97 -3.38
C GLY A 357 -12.44 -15.45 -3.23
N ILE A 358 -11.89 -15.86 -2.08
CA ILE A 358 -11.57 -17.28 -1.77
C ILE A 358 -12.88 -18.07 -1.60
N GLU A 359 -13.96 -17.42 -1.15
CA GLU A 359 -15.34 -17.99 -1.13
C GLU A 359 -15.65 -18.62 -2.49
N THR A 360 -15.46 -17.85 -3.57
CA THR A 360 -15.70 -18.23 -4.98
C THR A 360 -14.77 -19.41 -5.37
N ILE A 361 -13.46 -19.23 -5.20
CA ILE A 361 -12.41 -20.23 -5.57
C ILE A 361 -12.73 -21.56 -4.89
N LYS A 362 -12.98 -21.53 -3.58
CA LYS A 362 -13.41 -22.70 -2.75
C LYS A 362 -14.71 -23.27 -3.31
N SER A 363 -15.71 -22.41 -3.55
CA SER A 363 -17.06 -22.79 -4.09
C SER A 363 -16.92 -23.53 -5.43
N PHE A 364 -15.97 -23.12 -6.29
CA PHE A 364 -15.77 -23.70 -7.64
C PHE A 364 -14.68 -24.80 -7.63
N GLY A 365 -13.94 -24.95 -6.53
CA GLY A 365 -12.85 -25.94 -6.38
C GLY A 365 -11.74 -25.68 -7.38
N ALA A 366 -11.36 -24.41 -7.54
CA ALA A 366 -10.35 -23.91 -8.51
C ALA A 366 -9.04 -23.60 -7.77
N GLU A 367 -8.73 -24.36 -6.71
CA GLU A 367 -7.57 -24.14 -5.81
C GLU A 367 -6.26 -24.43 -6.57
N GLU A 368 -6.30 -25.34 -7.56
CA GLU A 368 -5.15 -25.76 -8.39
C GLU A 368 -4.80 -24.65 -9.40
N GLN A 369 -5.80 -24.12 -10.11
CA GLN A 369 -5.61 -23.19 -11.27
C GLN A 369 -5.01 -21.87 -10.78
N THR A 370 -5.57 -21.28 -9.72
CA THR A 370 -5.12 -20.02 -9.08
C THR A 370 -3.66 -20.15 -8.63
N GLU A 371 -3.27 -21.32 -8.09
CA GLU A 371 -1.89 -21.62 -7.64
C GLU A 371 -0.95 -21.63 -8.85
N LYS A 372 -1.30 -22.39 -9.89
CA LYS A 372 -0.57 -22.48 -11.18
C LYS A 372 -0.42 -21.07 -11.77
N SER A 373 -1.49 -20.28 -11.77
CA SER A 373 -1.51 -18.86 -12.25
C SER A 373 -0.50 -18.03 -11.44
N THR A 374 -0.57 -18.10 -10.10
CA THR A 374 0.31 -17.36 -9.15
C THR A 374 1.78 -17.75 -9.39
N ARG A 375 2.06 -19.05 -9.51
CA ARG A 375 3.41 -19.62 -9.76
C ARG A 375 4.02 -18.98 -11.01
N ASP A 376 3.26 -18.93 -12.11
CA ASP A 376 3.66 -18.32 -13.40
C ASP A 376 4.00 -16.84 -13.21
N LYS A 377 3.25 -16.12 -12.36
CA LYS A 377 3.46 -14.68 -12.04
C LYS A 377 4.69 -14.52 -11.15
N ILE A 378 4.95 -15.46 -10.22
CA ILE A 378 6.19 -15.46 -9.38
C ILE A 378 7.41 -15.72 -10.29
N GLU A 379 7.33 -16.74 -11.15
CA GLU A 379 8.41 -17.10 -12.13
C GLU A 379 8.79 -15.87 -12.97
N THR A 380 7.79 -15.11 -13.44
CA THR A 380 7.94 -13.86 -14.24
C THR A 380 8.74 -12.84 -13.42
N VAL A 381 8.38 -12.62 -12.15
CA VAL A 381 9.05 -11.68 -11.20
C VAL A 381 10.50 -12.14 -10.98
N MET A 382 10.72 -13.45 -10.75
CA MET A 382 12.06 -14.04 -10.54
C MET A 382 12.94 -13.78 -11.77
N LYS A 383 12.42 -14.03 -12.97
CA LYS A 383 13.12 -13.79 -14.27
C LYS A 383 13.55 -12.32 -14.37
N SER A 384 12.62 -11.39 -14.14
CA SER A 384 12.86 -9.92 -14.17
C SER A 384 13.91 -9.52 -13.12
N SER A 385 13.76 -10.03 -11.89
CA SER A 385 14.70 -9.82 -10.75
C SER A 385 16.11 -10.27 -11.14
N PHE A 386 16.23 -11.48 -11.70
CA PHE A 386 17.51 -12.12 -12.12
C PHE A 386 18.24 -11.24 -13.15
N LYS A 387 17.51 -10.75 -14.16
CA LYS A 387 18.05 -9.89 -15.25
C LYS A 387 18.64 -8.61 -14.67
N GLU A 388 17.93 -7.96 -13.72
CA GLU A 388 18.40 -6.74 -13.01
C GLU A 388 19.61 -7.09 -12.14
N GLY A 389 19.54 -8.20 -11.39
CA GLY A 389 20.67 -8.72 -10.59
C GLY A 389 21.92 -8.89 -11.43
N MET A 390 21.77 -9.52 -12.60
CA MET A 390 22.87 -9.80 -13.59
C MET A 390 23.52 -8.47 -14.02
N LEU A 391 22.72 -7.46 -14.36
CA LEU A 391 23.20 -6.11 -14.78
C LEU A 391 24.00 -5.46 -13.64
N TYR A 392 23.52 -5.57 -12.39
CA TYR A 392 24.21 -5.03 -11.18
C TYR A 392 25.54 -5.76 -10.97
N ILE A 393 25.53 -7.10 -11.08
CA ILE A 393 26.76 -7.95 -10.95
C ILE A 393 27.79 -7.50 -12.00
N ASN A 394 27.37 -7.35 -13.26
CA ASN A 394 28.22 -6.92 -14.41
C ASN A 394 28.84 -5.55 -14.10
N LEU A 395 28.02 -4.58 -13.68
CA LEU A 395 28.46 -3.20 -13.29
C LEU A 395 29.48 -3.30 -12.14
N SER A 396 29.11 -4.01 -11.06
CA SER A 396 29.95 -4.21 -9.85
C SER A 396 31.32 -4.80 -10.23
N SER A 397 31.32 -5.86 -11.05
CA SER A 397 32.53 -6.58 -11.52
C SER A 397 33.47 -5.63 -12.28
N LEU A 398 32.95 -4.89 -13.27
CA LEU A 398 33.75 -3.98 -14.15
C LEU A 398 34.32 -2.81 -13.34
N THR A 399 33.52 -2.23 -12.43
CA THR A 399 33.98 -1.20 -11.46
C THR A 399 35.09 -1.82 -10.57
N GLY A 400 34.88 -3.06 -10.12
CA GLY A 400 35.87 -3.87 -9.39
C GLY A 400 37.20 -3.96 -10.13
N ILE A 401 37.16 -4.37 -11.40
CA ILE A 401 38.35 -4.52 -12.30
C ILE A 401 39.12 -3.19 -12.36
N VAL A 402 38.43 -2.12 -12.74
CA VAL A 402 39.01 -0.75 -12.93
C VAL A 402 39.71 -0.30 -11.64
N ALA A 403 38.99 -0.32 -10.52
CA ALA A 403 39.46 0.13 -9.18
C ALA A 403 40.73 -0.65 -8.78
N GLY A 404 40.70 -1.98 -8.88
CA GLY A 404 41.79 -2.87 -8.45
C GLY A 404 43.02 -2.75 -9.33
N LEU A 405 42.86 -2.82 -10.65
CA LEU A 405 43.97 -2.66 -11.63
C LEU A 405 44.55 -1.24 -11.51
N GLY A 406 43.69 -0.23 -11.32
CA GLY A 406 44.07 1.15 -11.00
C GLY A 406 45.00 1.23 -9.80
N GLY A 407 44.64 0.56 -8.71
CA GLY A 407 45.43 0.48 -7.47
C GLY A 407 46.79 -0.18 -7.69
N ILE A 408 46.81 -1.32 -8.38
CA ILE A 408 48.04 -2.13 -8.66
C ILE A 408 48.98 -1.34 -9.59
N VAL A 409 48.44 -0.81 -10.70
CA VAL A 409 49.25 -0.11 -11.75
C VAL A 409 49.85 1.18 -11.16
N ILE A 410 49.12 1.87 -10.27
CA ILE A 410 49.61 3.09 -9.55
C ILE A 410 50.78 2.69 -8.63
N LEU A 411 50.65 1.60 -7.88
CA LEU A 411 51.75 1.06 -7.02
C LEU A 411 52.94 0.67 -7.90
N TRP A 412 52.69 0.00 -9.04
CA TRP A 412 53.75 -0.39 -10.02
C TRP A 412 54.49 0.86 -10.52
N ALA A 413 53.76 1.82 -11.11
CA ALA A 413 54.31 3.08 -11.67
C ALA A 413 55.04 3.87 -10.58
N GLY A 414 54.43 3.96 -9.39
CA GLY A 414 55.00 4.60 -8.19
C GLY A 414 56.38 4.07 -7.86
N ALA A 415 56.49 2.75 -7.62
CA ALA A 415 57.74 2.03 -7.30
C ALA A 415 58.79 2.29 -8.40
N TYR A 416 58.36 2.22 -9.67
CA TYR A 416 59.21 2.51 -10.87
C TYR A 416 59.76 3.94 -10.77
N ASN A 417 58.89 4.92 -10.49
CA ASN A 417 59.27 6.36 -10.35
C ASN A 417 60.19 6.56 -9.13
N VAL A 418 59.98 5.79 -8.05
CA VAL A 418 60.82 5.84 -6.81
C VAL A 418 62.21 5.28 -7.14
N ILE A 419 62.27 4.10 -7.74
CA ILE A 419 63.54 3.43 -8.18
C ILE A 419 64.35 4.39 -9.06
N LYS A 420 63.69 5.08 -10.01
CA LYS A 420 64.32 6.07 -10.93
C LYS A 420 64.71 7.34 -10.16
N GLY A 421 64.20 7.54 -8.94
CA GLY A 421 64.57 8.64 -8.04
C GLY A 421 63.85 9.93 -8.39
N ASN A 422 62.59 9.82 -8.85
CA ASN A 422 61.73 10.98 -9.20
C ASN A 422 61.07 11.52 -7.93
N MET A 423 60.48 10.62 -7.13
CA MET A 423 59.86 10.91 -5.81
C MET A 423 60.47 9.99 -4.75
N SER A 424 60.29 10.34 -3.46
CA SER A 424 60.72 9.53 -2.28
C SER A 424 59.70 8.40 -2.03
N GLY A 425 60.04 7.47 -1.13
CA GLY A 425 59.22 6.29 -0.78
C GLY A 425 57.88 6.70 -0.19
N GLY A 426 57.89 7.33 0.99
CA GLY A 426 56.70 7.78 1.74
C GLY A 426 55.76 8.65 0.91
N GLN A 427 56.31 9.40 -0.06
CA GLN A 427 55.55 10.27 -1.00
C GLN A 427 54.51 9.44 -1.77
N LEU A 428 54.87 8.21 -2.17
CA LEU A 428 53.96 7.27 -2.90
C LEU A 428 52.79 6.88 -2.00
N LEU A 429 53.05 6.59 -0.72
CA LEU A 429 52.03 6.19 0.28
C LEU A 429 51.12 7.39 0.57
N ALA A 430 51.71 8.60 0.67
CA ALA A 430 50.99 9.89 0.81
C ALA A 430 50.09 10.11 -0.41
N PHE A 431 50.60 9.84 -1.62
CA PHE A 431 49.82 9.91 -2.89
C PHE A 431 48.66 8.90 -2.82
N ASN A 432 48.95 7.65 -2.42
CA ASN A 432 47.95 6.57 -2.22
C ASN A 432 46.89 7.00 -1.20
N ALA A 433 47.28 7.75 -0.16
CA ALA A 433 46.37 8.29 0.86
C ALA A 433 45.49 9.41 0.26
N LEU A 434 46.08 10.31 -0.54
CA LEU A 434 45.36 11.49 -1.11
C LEU A 434 44.32 11.06 -2.17
N LEU A 435 44.49 9.90 -2.82
CA LEU A 435 43.50 9.34 -3.78
C LEU A 435 42.11 9.26 -3.11
N ALA A 436 42.06 8.91 -1.82
CA ALA A 436 40.83 8.85 -1.00
C ALA A 436 40.08 10.19 -1.05
N TYR A 437 40.80 11.31 -1.09
CA TYR A 437 40.23 12.70 -1.06
C TYR A 437 40.12 13.28 -2.48
N PHE A 438 40.56 12.56 -3.53
CA PHE A 438 40.43 12.98 -4.95
C PHE A 438 39.35 12.17 -5.68
N LEU A 439 39.29 10.84 -5.49
CA LEU A 439 38.34 9.96 -6.22
C LEU A 439 36.92 10.10 -5.65
N THR A 440 36.77 10.16 -4.32
CA THR A 440 35.48 10.21 -3.59
C THR A 440 34.63 11.39 -4.08
N PRO A 441 35.14 12.65 -4.11
CA PRO A 441 34.38 13.78 -4.63
C PRO A 441 33.83 13.59 -6.05
N VAL A 442 34.68 13.14 -6.98
CA VAL A 442 34.34 13.03 -8.44
C VAL A 442 33.42 11.83 -8.64
N LYS A 443 33.61 10.75 -7.87
CA LYS A 443 32.66 9.60 -7.79
C LYS A 443 31.27 10.13 -7.39
N ASN A 444 31.19 10.84 -6.27
CA ASN A 444 29.95 11.46 -5.73
C ASN A 444 29.36 12.45 -6.76
N LEU A 445 30.22 13.18 -7.49
CA LEU A 445 29.81 14.16 -8.52
C LEU A 445 29.22 13.44 -9.75
N ILE A 446 29.83 12.31 -10.15
CA ILE A 446 29.36 11.48 -11.32
C ILE A 446 28.11 10.70 -10.92
N ASP A 447 27.96 10.30 -9.65
CA ASP A 447 26.80 9.50 -9.14
C ASP A 447 25.59 10.41 -8.81
N LEU A 448 25.52 11.62 -9.39
CA LEU A 448 24.46 12.64 -9.10
C LEU A 448 23.50 12.78 -10.28
N GLN A 449 23.90 12.39 -11.50
CA GLN A 449 23.16 12.64 -12.77
C GLN A 449 21.82 11.89 -12.79
N PRO A 450 21.76 10.60 -12.36
CA PRO A 450 20.48 9.88 -12.27
C PRO A 450 19.50 10.52 -11.28
N LEU A 451 20.01 10.97 -10.12
CA LEU A 451 19.22 11.65 -9.05
C LEU A 451 18.61 12.95 -9.60
N ILE A 452 19.44 13.79 -10.24
CA ILE A 452 19.02 15.10 -10.85
C ILE A 452 17.91 14.85 -11.89
N GLN A 453 18.07 13.86 -12.76
CA GLN A 453 17.13 13.56 -13.88
C GLN A 453 15.76 13.15 -13.31
N THR A 454 15.72 12.21 -12.35
CA THR A 454 14.48 11.75 -11.66
C THR A 454 13.92 12.88 -10.80
N ALA A 455 14.78 13.78 -10.29
CA ALA A 455 14.42 14.96 -9.50
C ALA A 455 13.67 15.99 -10.35
N VAL A 456 14.22 16.33 -11.52
CA VAL A 456 13.61 17.33 -12.46
C VAL A 456 12.23 16.83 -12.92
N VAL A 457 12.11 15.51 -13.17
CA VAL A 457 10.81 14.82 -13.45
C VAL A 457 9.83 15.12 -12.30
N ALA A 458 10.24 14.82 -11.07
CA ALA A 458 9.44 14.99 -9.83
C ALA A 458 9.04 16.47 -9.66
N SER A 459 10.00 17.38 -9.80
CA SER A 459 9.83 18.86 -9.69
C SER A 459 8.74 19.33 -10.66
N ASN A 460 8.80 18.89 -11.91
CA ASN A 460 7.79 19.18 -12.96
C ASN A 460 6.45 18.54 -12.56
N ARG A 461 6.47 17.25 -12.19
CA ARG A 461 5.25 16.48 -11.76
C ARG A 461 4.52 17.23 -10.64
N LEU A 462 5.25 17.77 -9.67
CA LEU A 462 4.68 18.49 -8.48
C LEU A 462 4.29 19.91 -8.86
N GLY A 463 5.20 20.66 -9.50
CA GLY A 463 5.03 22.08 -9.84
C GLY A 463 3.85 22.33 -10.77
N GLU A 464 3.57 21.42 -11.70
CA GLU A 464 2.41 21.47 -12.63
C GLU A 464 1.10 21.54 -11.84
N ILE A 465 1.01 20.84 -10.70
CA ILE A 465 -0.19 20.82 -9.81
C ILE A 465 -0.26 22.14 -9.04
N LEU A 466 0.89 22.67 -8.60
CA LEU A 466 0.99 23.95 -7.83
C LEU A 466 0.61 25.16 -8.70
N GLU A 467 0.66 25.03 -10.02
CA GLU A 467 0.34 26.13 -10.99
C GLU A 467 -1.15 26.13 -11.34
N LEU A 468 -1.93 25.11 -10.93
CA LEU A 468 -3.39 25.03 -11.22
C LEU A 468 -4.14 26.14 -10.47
N ALA A 469 -5.17 26.71 -11.11
CA ALA A 469 -6.00 27.81 -10.58
C ALA A 469 -6.89 27.29 -9.45
N THR A 470 -6.71 27.80 -8.23
CA THR A 470 -7.52 27.48 -7.01
C THR A 470 -8.98 27.86 -7.24
N GLU A 471 -9.88 27.23 -6.48
CA GLU A 471 -11.36 27.35 -6.57
C GLU A 471 -11.80 28.80 -6.33
N LYS A 472 -11.20 29.49 -5.36
CA LYS A 472 -11.58 30.87 -4.93
C LYS A 472 -11.35 31.85 -6.09
N GLU A 473 -10.23 31.68 -6.82
CA GLU A 473 -9.77 32.59 -7.91
C GLU A 473 -10.68 32.49 -9.15
N LEU A 474 -11.40 31.38 -9.35
CA LEU A 474 -12.23 31.13 -10.56
C LEU A 474 -13.58 31.86 -10.46
N ARG A 475 -13.85 32.61 -9.38
CA ARG A 475 -15.18 33.19 -9.09
C ARG A 475 -15.07 34.70 -8.80
N GLU A 476 -16.10 35.46 -9.17
CA GLU A 476 -16.33 36.88 -8.79
C GLU A 476 -17.77 36.99 -8.25
N ASP A 477 -17.94 37.66 -7.10
CA ASP A 477 -19.20 37.64 -6.31
C ASP A 477 -19.65 39.07 -5.97
N SER A 478 -20.80 39.17 -5.30
CA SER A 478 -21.51 40.42 -4.92
C SER A 478 -22.36 40.13 -3.67
N ASP A 479 -21.69 39.67 -2.60
CA ASP A 479 -22.29 39.02 -1.40
C ASP A 479 -23.07 40.03 -0.57
N ASP A 480 -22.63 41.29 -0.56
CA ASP A 480 -23.27 42.42 0.18
C ASP A 480 -24.67 42.71 -0.39
N PHE A 481 -24.94 42.32 -1.65
CA PHE A 481 -26.21 42.59 -2.36
C PHE A 481 -27.28 41.60 -1.88
N VAL A 482 -26.91 40.34 -1.62
CA VAL A 482 -27.81 39.29 -1.06
C VAL A 482 -27.12 38.60 0.12
N ILE A 483 -27.59 38.88 1.34
CA ILE A 483 -27.05 38.33 2.62
C ILE A 483 -27.70 36.95 2.84
N SER A 484 -29.03 36.88 2.78
CA SER A 484 -29.83 35.65 3.03
C SER A 484 -29.92 34.80 1.76
N LEU A 485 -30.20 33.51 1.93
CA LEU A 485 -30.42 32.51 0.85
C LEU A 485 -31.94 32.31 0.67
N LYS A 486 -32.63 31.98 1.76
CA LYS A 486 -34.08 31.62 1.86
C LYS A 486 -34.90 32.26 0.73
N GLY A 487 -35.50 31.44 -0.12
CA GLY A 487 -36.32 31.87 -1.27
C GLY A 487 -36.62 30.73 -2.23
N ASP A 488 -37.31 31.01 -3.33
CA ASP A 488 -37.68 30.01 -4.38
C ASP A 488 -36.42 29.65 -5.19
N ILE A 489 -36.05 28.37 -5.22
CA ILE A 489 -34.90 27.82 -6.00
C ILE A 489 -35.43 27.39 -7.37
N GLU A 490 -34.84 27.89 -8.47
CA GLU A 490 -35.24 27.48 -9.86
C GLU A 490 -34.00 27.25 -10.72
N PHE A 491 -34.14 26.36 -11.72
CA PHE A 491 -33.12 26.00 -12.74
C PHE A 491 -33.61 26.50 -14.10
N ARG A 492 -32.72 27.03 -14.94
CA ARG A 492 -33.03 27.51 -16.31
C ARG A 492 -32.04 26.88 -17.31
N ASN A 493 -32.52 25.91 -18.11
CA ASN A 493 -31.82 25.34 -19.29
C ASN A 493 -30.49 24.71 -18.87
N VAL A 494 -30.46 24.11 -17.67
CA VAL A 494 -29.20 23.67 -16.96
C VAL A 494 -28.72 22.37 -17.59
N ASP A 495 -27.81 22.45 -18.57
CA ASP A 495 -27.09 21.28 -19.14
C ASP A 495 -25.82 21.05 -18.32
N PHE A 496 -25.40 19.79 -18.19
CA PHE A 496 -24.18 19.41 -17.42
C PHE A 496 -23.54 18.14 -17.99
N ARG A 497 -22.20 18.17 -18.09
CA ARG A 497 -21.33 17.03 -18.51
C ARG A 497 -20.08 17.03 -17.60
N TYR A 498 -19.74 15.87 -17.03
CA TYR A 498 -18.63 15.70 -16.05
C TYR A 498 -17.30 16.13 -16.69
N GLY A 499 -16.86 15.41 -17.73
CA GLY A 499 -15.68 15.74 -18.57
C GLY A 499 -16.12 16.22 -19.94
N LEU A 500 -15.48 15.71 -21.00
CA LEU A 500 -15.91 15.89 -22.41
C LEU A 500 -16.50 14.56 -22.90
N ARG A 501 -17.62 14.14 -22.30
CA ARG A 501 -18.40 12.92 -22.66
C ARG A 501 -19.88 13.30 -22.81
N LYS A 502 -20.76 12.30 -22.96
CA LYS A 502 -22.23 12.50 -23.11
C LYS A 502 -22.77 13.33 -21.94
N PRO A 503 -23.57 14.40 -22.19
CA PRO A 503 -24.07 15.24 -21.11
C PRO A 503 -25.07 14.47 -20.22
N VAL A 504 -24.84 14.49 -18.91
CA VAL A 504 -25.63 13.71 -17.90
C VAL A 504 -27.02 14.34 -17.83
N LEU A 505 -27.08 15.67 -17.70
CA LEU A 505 -28.31 16.50 -17.66
C LEU A 505 -28.37 17.36 -18.93
N LYS A 506 -29.47 17.25 -19.69
CA LYS A 506 -29.82 18.13 -20.84
C LYS A 506 -30.64 19.32 -20.31
N ASN A 507 -31.33 20.06 -21.19
CA ASN A 507 -32.19 21.22 -20.85
C ASN A 507 -33.13 20.85 -19.69
N ILE A 508 -32.99 21.51 -18.54
CA ILE A 508 -33.79 21.29 -17.30
C ILE A 508 -34.44 22.61 -16.88
N ASN A 509 -35.69 22.53 -16.40
CA ASN A 509 -36.47 23.65 -15.78
C ASN A 509 -37.09 23.14 -14.48
N LEU A 510 -36.70 23.73 -13.33
CA LEU A 510 -37.23 23.38 -11.97
C LEU A 510 -37.84 24.62 -11.32
N THR A 511 -38.54 24.42 -10.20
CA THR A 511 -39.17 25.49 -9.36
C THR A 511 -39.44 24.93 -7.96
N ILE A 512 -38.56 25.25 -7.00
CA ILE A 512 -38.61 24.78 -5.58
C ILE A 512 -39.07 25.96 -4.72
N PRO A 513 -40.37 26.01 -4.30
CA PRO A 513 -40.84 27.08 -3.40
C PRO A 513 -40.33 26.91 -1.96
N LYS A 514 -40.09 28.03 -1.28
CA LYS A 514 -39.50 28.14 0.09
C LYS A 514 -40.32 27.33 1.10
N GLY A 515 -39.64 26.52 1.92
CA GLY A 515 -40.20 25.81 3.09
C GLY A 515 -41.24 24.76 2.70
N LYS A 516 -40.91 23.92 1.71
CA LYS A 516 -41.75 22.76 1.27
C LYS A 516 -40.83 21.57 0.98
N THR A 517 -41.23 20.38 1.44
CA THR A 517 -40.45 19.11 1.31
C THR A 517 -40.62 18.59 -0.12
N VAL A 518 -39.79 19.08 -1.05
CA VAL A 518 -39.81 18.70 -2.49
C VAL A 518 -38.95 17.44 -2.67
N ALA A 519 -39.42 16.47 -3.47
CA ALA A 519 -38.75 15.17 -3.73
C ALA A 519 -38.29 15.10 -5.20
N ILE A 520 -37.05 14.70 -5.43
CA ILE A 520 -36.50 14.41 -6.80
C ILE A 520 -36.26 12.90 -6.89
N VAL A 521 -37.15 12.19 -7.60
CA VAL A 521 -37.03 10.72 -7.88
C VAL A 521 -36.57 10.55 -9.34
N GLY A 522 -35.94 9.42 -9.65
CA GLY A 522 -35.44 9.10 -11.00
C GLY A 522 -34.98 7.65 -11.14
N GLU A 523 -34.33 7.33 -12.26
CA GLU A 523 -33.85 5.98 -12.62
C GLU A 523 -32.33 5.91 -12.44
N SER A 524 -31.60 6.91 -12.96
CA SER A 524 -30.12 7.04 -12.86
C SER A 524 -29.75 7.75 -11.55
N GLY A 525 -29.04 7.03 -10.65
CA GLY A 525 -28.54 7.56 -9.37
C GLY A 525 -27.51 8.66 -9.56
N SER A 526 -26.68 8.56 -10.61
CA SER A 526 -25.60 9.52 -10.96
C SER A 526 -26.17 10.91 -11.22
N GLY A 527 -27.09 11.02 -12.18
CA GLY A 527 -27.78 12.28 -12.55
C GLY A 527 -28.52 12.90 -11.37
N LYS A 528 -29.12 12.06 -10.52
CA LYS A 528 -29.87 12.47 -9.30
C LYS A 528 -28.90 13.12 -8.29
N THR A 529 -27.82 12.42 -7.92
CA THR A 529 -26.81 12.92 -6.94
C THR A 529 -26.04 14.10 -7.53
N THR A 530 -25.80 14.10 -8.85
CA THR A 530 -25.16 15.22 -9.60
C THR A 530 -25.99 16.50 -9.44
N LEU A 531 -27.32 16.39 -9.51
CA LEU A 531 -28.25 17.55 -9.46
C LEU A 531 -28.21 18.23 -8.08
N ALA A 532 -27.92 17.46 -7.01
CA ALA A 532 -27.67 17.97 -5.65
C ALA A 532 -26.30 18.67 -5.61
N LYS A 533 -25.25 17.93 -5.96
CA LYS A 533 -23.83 18.40 -5.97
C LYS A 533 -23.70 19.69 -6.81
N LEU A 534 -24.51 19.84 -7.86
CA LEU A 534 -24.57 21.08 -8.70
C LEU A 534 -25.15 22.23 -7.88
N LEU A 535 -26.26 22.01 -7.15
CA LEU A 535 -27.01 23.06 -6.40
C LEU A 535 -26.11 23.74 -5.35
N MET A 536 -25.17 22.99 -4.76
CA MET A 536 -24.19 23.49 -3.76
C MET A 536 -23.09 24.32 -4.46
N ASN A 537 -22.96 24.18 -5.79
CA ASN A 537 -21.98 24.91 -6.65
C ASN A 537 -20.58 24.32 -6.40
N PHE A 538 -20.47 22.99 -6.32
CA PHE A 538 -19.18 22.24 -6.42
C PHE A 538 -18.68 22.33 -7.86
N TYR A 539 -19.59 22.07 -8.81
CA TYR A 539 -19.38 22.23 -10.27
C TYR A 539 -20.16 23.46 -10.74
N SER A 540 -20.04 23.80 -12.03
CA SER A 540 -20.76 24.90 -12.71
C SER A 540 -21.27 24.43 -14.06
N PRO A 541 -22.60 24.50 -14.33
CA PRO A 541 -23.14 24.05 -15.61
C PRO A 541 -22.74 24.96 -16.79
N GLU A 542 -22.32 24.36 -17.90
CA GLU A 542 -21.84 25.05 -19.13
C GLU A 542 -23.00 25.86 -19.73
N LYS A 543 -24.11 25.18 -20.03
CA LYS A 543 -25.35 25.79 -20.61
C LYS A 543 -26.43 25.83 -19.52
N GLY A 544 -27.07 27.00 -19.36
CA GLY A 544 -28.13 27.28 -18.37
C GLY A 544 -27.60 28.04 -17.16
N ASP A 545 -28.49 28.29 -16.18
CA ASP A 545 -28.10 28.89 -14.86
C ASP A 545 -29.12 28.47 -13.79
N ILE A 546 -28.76 28.72 -12.52
CA ILE A 546 -29.53 28.33 -11.30
C ILE A 546 -29.76 29.60 -10.46
N LEU A 547 -31.03 29.89 -10.14
CA LEU A 547 -31.47 31.12 -9.43
C LEU A 547 -32.01 30.73 -8.04
N ILE A 548 -31.40 31.27 -6.99
CA ILE A 548 -31.90 31.23 -5.58
C ILE A 548 -32.39 32.64 -5.21
N ASN A 549 -33.69 32.79 -4.94
CA ASN A 549 -34.34 34.04 -4.46
C ASN A 549 -34.23 35.14 -5.52
N GLY A 550 -34.20 34.76 -6.81
CA GLY A 550 -34.03 35.68 -7.95
C GLY A 550 -32.64 36.30 -8.01
N HIS A 551 -31.61 35.54 -7.61
CA HIS A 551 -30.18 35.94 -7.68
C HIS A 551 -29.34 34.73 -8.11
N SER A 552 -28.48 34.93 -9.12
CA SER A 552 -27.57 33.91 -9.68
C SER A 552 -26.60 33.44 -8.59
N ILE A 553 -26.40 32.11 -8.48
CA ILE A 553 -25.53 31.46 -7.45
C ILE A 553 -24.09 31.95 -7.63
N LYS A 554 -23.69 32.20 -8.87
CA LYS A 554 -22.32 32.67 -9.26
C LYS A 554 -22.02 34.04 -8.62
N ASN A 555 -23.06 34.80 -8.22
CA ASN A 555 -22.94 36.14 -7.57
C ASN A 555 -22.93 36.02 -6.04
N ILE A 556 -23.28 34.86 -5.46
CA ILE A 556 -23.35 34.65 -3.97
C ILE A 556 -21.97 34.15 -3.49
N SER A 557 -21.61 34.43 -2.23
CA SER A 557 -20.35 34.00 -1.58
C SER A 557 -20.30 32.47 -1.50
N LEU A 558 -19.17 31.87 -1.88
CA LEU A 558 -18.91 30.41 -1.77
C LEU A 558 -19.05 29.97 -0.30
N GLU A 559 -18.46 30.75 0.61
CA GLU A 559 -18.44 30.48 2.08
C GLU A 559 -19.87 30.34 2.60
N LEU A 560 -20.73 31.32 2.33
CA LEU A 560 -22.14 31.37 2.80
C LEU A 560 -22.94 30.21 2.19
N ILE A 561 -22.85 30.03 0.86
CA ILE A 561 -23.54 28.93 0.10
C ILE A 561 -23.31 27.60 0.82
N ARG A 562 -22.05 27.21 1.00
CA ARG A 562 -21.66 25.88 1.56
C ARG A 562 -22.01 25.81 3.04
N LYS A 563 -21.91 26.93 3.77
CA LYS A 563 -22.22 27.01 5.22
C LYS A 563 -23.74 26.94 5.47
N LYS A 564 -24.57 27.39 4.51
CA LYS A 564 -26.05 27.51 4.66
C LYS A 564 -26.79 26.30 4.05
N ILE A 565 -26.09 25.37 3.40
CA ILE A 565 -26.71 24.17 2.72
C ILE A 565 -26.10 22.91 3.33
N ALA A 566 -26.95 22.02 3.85
CA ALA A 566 -26.58 20.69 4.40
C ALA A 566 -26.90 19.60 3.37
N PHE A 567 -25.95 18.69 3.14
CA PHE A 567 -26.06 17.56 2.17
C PHE A 567 -25.80 16.25 2.91
N VAL A 568 -26.87 15.47 3.16
CA VAL A 568 -26.83 14.17 3.89
C VAL A 568 -26.83 13.02 2.87
N SER A 569 -25.65 12.48 2.55
CA SER A 569 -25.45 11.29 1.68
C SER A 569 -25.57 10.02 2.52
N GLN A 570 -26.02 8.92 1.91
CA GLN A 570 -26.16 7.59 2.57
C GLN A 570 -24.77 6.96 2.77
N ASP A 571 -23.86 7.18 1.81
CA ASP A 571 -22.43 6.79 1.89
C ASP A 571 -21.67 7.85 2.68
N VAL A 572 -22.01 8.03 3.97
CA VAL A 572 -21.43 9.07 4.87
C VAL A 572 -19.98 8.68 5.20
N PHE A 573 -19.13 9.69 5.37
CA PHE A 573 -17.70 9.58 5.76
C PHE A 573 -17.55 10.02 7.23
N ILE A 574 -16.81 9.23 8.03
CA ILE A 574 -16.44 9.57 9.44
C ILE A 574 -14.92 9.51 9.57
N PHE A 575 -14.32 10.64 9.96
CA PHE A 575 -12.86 10.78 10.24
C PHE A 575 -12.58 10.32 11.67
N SER A 576 -11.47 9.60 11.87
CA SER A 576 -11.00 9.07 13.18
C SER A 576 -10.66 10.22 14.13
N GLY A 577 -11.44 10.39 15.20
CA GLY A 577 -11.25 11.42 16.23
C GLY A 577 -12.07 11.12 17.47
N THR A 578 -12.56 12.14 18.17
CA THR A 578 -13.57 12.04 19.26
C THR A 578 -14.95 12.32 18.67
N VAL A 579 -15.98 11.53 19.05
CA VAL A 579 -17.38 11.63 18.53
C VAL A 579 -17.83 13.09 18.59
N LYS A 580 -17.65 13.73 19.76
CA LYS A 580 -18.04 15.14 20.06
C LYS A 580 -17.39 16.09 19.05
N GLU A 581 -16.07 16.01 18.90
CA GLU A 581 -15.28 16.87 17.97
C GLU A 581 -15.70 16.55 16.53
N ASN A 582 -15.83 15.26 16.21
CA ASN A 582 -16.24 14.73 14.88
C ASN A 582 -17.62 15.28 14.50
N LEU A 583 -18.51 15.45 15.48
CA LEU A 583 -19.93 15.87 15.25
C LEU A 583 -19.99 17.34 14.82
N CYS A 584 -19.07 18.20 15.29
CA CYS A 584 -19.08 19.66 15.03
C CYS A 584 -17.80 20.09 14.28
N LEU A 585 -17.28 19.23 13.40
CA LEU A 585 -16.06 19.50 12.59
C LEU A 585 -16.30 20.74 11.73
N GLY A 586 -15.29 21.60 11.59
CA GLY A 586 -15.33 22.82 10.76
C GLY A 586 -15.89 24.03 11.48
N ASN A 587 -16.63 23.85 12.59
CA ASN A 587 -17.21 24.95 13.40
C ASN A 587 -16.74 24.82 14.86
N GLU A 588 -15.68 25.54 15.22
CA GLU A 588 -15.12 25.59 16.60
C GLU A 588 -15.82 26.72 17.38
N ASN A 589 -15.61 26.75 18.70
CA ASN A 589 -16.30 27.65 19.67
C ASN A 589 -17.80 27.35 19.70
N VAL A 590 -18.17 26.07 19.48
CA VAL A 590 -19.58 25.58 19.52
C VAL A 590 -19.81 25.01 20.93
N ASP A 591 -20.86 25.46 21.62
CA ASP A 591 -21.21 25.04 23.00
C ASP A 591 -21.81 23.64 22.95
N MET A 592 -21.43 22.78 23.91
CA MET A 592 -21.91 21.38 24.06
C MET A 592 -23.45 21.38 24.14
N ASP A 593 -24.04 22.36 24.85
CA ASP A 593 -25.50 22.53 25.08
C ASP A 593 -26.28 22.48 23.76
N GLU A 594 -25.72 23.03 22.68
CA GLU A 594 -26.29 22.92 21.31
C GLU A 594 -26.12 21.48 20.83
N ILE A 595 -24.89 20.96 20.87
CA ILE A 595 -24.48 19.63 20.32
C ILE A 595 -25.42 18.56 20.90
N ILE A 596 -25.65 18.58 22.22
CA ILE A 596 -26.54 17.61 22.94
C ILE A 596 -27.99 17.80 22.49
N LYS A 597 -28.44 19.04 22.22
CA LYS A 597 -29.81 19.33 21.72
C LYS A 597 -29.96 18.74 20.31
N ALA A 598 -28.96 18.97 19.45
CA ALA A 598 -28.90 18.43 18.06
C ALA A 598 -28.83 16.90 18.11
N ALA A 599 -27.88 16.37 18.89
CA ALA A 599 -27.62 14.91 19.07
C ALA A 599 -28.93 14.15 19.32
N LYS A 600 -29.80 14.67 20.21
CA LYS A 600 -31.14 14.09 20.51
C LYS A 600 -31.95 13.91 19.22
N MET A 601 -31.95 14.91 18.33
CA MET A 601 -32.81 14.94 17.10
C MET A 601 -32.47 13.76 16.19
N ALA A 602 -31.19 13.38 16.11
CA ALA A 602 -30.69 12.22 15.33
C ALA A 602 -30.91 10.91 16.10
N ASN A 603 -31.17 10.99 17.41
CA ASN A 603 -31.22 9.83 18.36
C ASN A 603 -29.79 9.26 18.48
N ALA A 604 -28.80 10.15 18.59
CA ALA A 604 -27.38 9.81 18.84
C ALA A 604 -27.29 9.10 20.20
N HIS A 605 -27.77 9.77 21.25
CA HIS A 605 -27.70 9.39 22.69
C HIS A 605 -27.79 7.87 22.87
N ASP A 606 -28.80 7.23 22.28
CA ASP A 606 -29.21 5.82 22.53
C ASP A 606 -28.02 4.87 22.40
N PHE A 607 -27.19 5.05 21.37
CA PHE A 607 -25.92 4.32 21.13
C PHE A 607 -24.75 5.09 21.76
N ILE A 608 -24.82 6.43 21.86
CA ILE A 608 -23.77 7.30 22.46
C ILE A 608 -23.58 6.93 23.95
N GLU A 609 -24.66 6.66 24.70
CA GLU A 609 -24.59 6.31 26.15
C GLU A 609 -23.87 4.98 26.36
N LYS A 610 -24.06 4.01 25.44
CA LYS A 610 -23.41 2.68 25.49
C LYS A 610 -21.91 2.78 25.18
N LEU A 611 -21.44 3.93 24.65
CA LEU A 611 -20.01 4.19 24.38
C LEU A 611 -19.28 4.36 25.71
N PRO A 612 -17.95 4.07 25.79
CA PRO A 612 -17.18 4.26 27.03
C PRO A 612 -17.17 5.72 27.50
N LEU A 613 -16.96 6.64 26.56
CA LEU A 613 -17.09 8.11 26.75
C LEU A 613 -18.30 8.58 25.94
N LYS A 614 -19.23 9.30 26.59
CA LYS A 614 -20.47 9.80 25.94
C LYS A 614 -20.07 10.51 24.65
N TYR A 615 -19.26 11.57 24.75
CA TYR A 615 -18.94 12.50 23.62
C TYR A 615 -17.49 12.32 23.15
N ASP A 616 -16.59 11.80 24.00
CA ASP A 616 -15.13 11.71 23.70
C ASP A 616 -14.72 10.29 23.28
N THR A 617 -15.67 9.41 22.94
CA THR A 617 -15.39 8.03 22.45
C THR A 617 -14.61 8.13 21.13
N PHE A 618 -13.55 7.33 20.97
CA PHE A 618 -12.75 7.22 19.73
C PHE A 618 -13.40 6.16 18.83
N LEU A 619 -13.39 6.42 17.52
CA LEU A 619 -14.08 5.61 16.49
C LEU A 619 -13.02 5.05 15.54
N ASN A 620 -13.29 3.89 14.94
CA ASN A 620 -12.40 3.22 13.97
C ASN A 620 -12.48 3.96 12.64
N GLU A 621 -11.41 3.86 11.84
CA GLU A 621 -11.30 4.42 10.45
C GLU A 621 -12.60 4.12 9.68
N SER A 622 -13.24 5.16 9.13
CA SER A 622 -14.50 5.10 8.34
C SER A 622 -15.64 4.50 9.16
N GLY A 623 -15.66 4.77 10.47
CA GLY A 623 -16.65 4.25 11.44
C GLY A 623 -16.80 2.74 11.35
N ALA A 624 -15.69 1.99 11.41
CA ALA A 624 -15.64 0.51 11.29
C ALA A 624 -16.45 -0.13 12.43
N ASN A 625 -16.34 0.41 13.66
CA ASN A 625 -17.05 -0.12 14.87
C ASN A 625 -18.51 0.36 14.91
N LEU A 626 -18.89 1.36 14.09
CA LEU A 626 -20.26 1.93 14.06
C LEU A 626 -21.09 1.28 12.95
N SER A 627 -22.32 0.88 13.26
CA SER A 627 -23.29 0.30 12.29
C SER A 627 -23.88 1.43 11.43
N GLU A 628 -24.31 1.07 10.22
CA GLU A 628 -24.83 2.00 9.17
C GLU A 628 -25.93 2.89 9.77
N GLY A 629 -26.95 2.26 10.38
CA GLY A 629 -28.11 2.93 11.00
C GLY A 629 -27.71 4.02 11.99
N GLN A 630 -26.68 3.77 12.81
CA GLN A 630 -26.15 4.73 13.82
C GLN A 630 -25.31 5.79 13.08
N LYS A 631 -24.49 5.33 12.12
CA LYS A 631 -23.57 6.19 11.32
C LYS A 631 -24.34 7.38 10.75
N GLN A 632 -25.40 7.11 9.97
CA GLN A 632 -26.21 8.14 9.27
C GLN A 632 -26.75 9.15 10.29
N ARG A 633 -27.14 8.68 11.50
CA ARG A 633 -27.65 9.56 12.59
C ARG A 633 -26.54 10.56 12.97
N LEU A 634 -25.27 10.14 13.00
CA LEU A 634 -24.11 11.05 13.17
C LEU A 634 -24.07 12.07 12.02
N ALA A 635 -24.44 11.66 10.79
CA ALA A 635 -24.50 12.53 9.59
C ALA A 635 -25.61 13.59 9.76
N ILE A 636 -26.81 13.14 10.14
CA ILE A 636 -28.01 14.00 10.36
C ILE A 636 -27.71 14.98 11.50
N ALA A 637 -27.10 14.49 12.59
CA ALA A 637 -26.67 15.31 13.75
C ALA A 637 -25.70 16.41 13.28
N ARG A 638 -24.72 16.06 12.43
CA ARG A 638 -23.77 17.00 11.77
C ARG A 638 -24.55 18.06 10.97
N ALA A 639 -25.53 17.62 10.17
CA ALA A 639 -26.36 18.46 9.29
C ALA A 639 -27.18 19.46 10.12
N LEU A 640 -27.94 18.95 11.11
CA LEU A 640 -28.86 19.77 11.95
C LEU A 640 -28.07 20.77 12.81
N LEU A 641 -26.85 20.44 13.23
CA LEU A 641 -25.92 21.36 13.94
C LEU A 641 -25.67 22.61 13.09
N LYS A 642 -25.56 22.45 11.77
CA LYS A 642 -25.27 23.54 10.79
C LYS A 642 -26.39 24.58 10.83
N LYS A 643 -27.63 24.15 11.10
CA LYS A 643 -28.87 24.99 11.09
C LYS A 643 -29.01 25.65 9.72
N PRO A 644 -29.16 24.85 8.64
CA PRO A 644 -29.12 25.38 7.27
C PRO A 644 -30.46 25.92 6.78
N ASP A 645 -30.45 26.54 5.58
CA ASP A 645 -31.64 27.06 4.87
C ASP A 645 -32.17 26.03 3.86
N ILE A 646 -31.28 25.17 3.33
CA ILE A 646 -31.63 24.02 2.44
C ILE A 646 -31.04 22.75 3.06
N LEU A 647 -31.86 21.69 3.18
CA LEU A 647 -31.43 20.35 3.66
C LEU A 647 -31.65 19.34 2.53
N ILE A 648 -30.55 18.84 1.95
CA ILE A 648 -30.56 17.91 0.78
C ILE A 648 -30.26 16.49 1.28
N LEU A 649 -31.29 15.64 1.40
CA LEU A 649 -31.16 14.21 1.81
C LEU A 649 -30.81 13.36 0.59
N ASP A 650 -30.22 12.19 0.84
CA ASP A 650 -29.92 11.14 -0.19
C ASP A 650 -30.22 9.76 0.39
N GLU A 651 -30.95 8.95 -0.37
CA GLU A 651 -31.21 7.49 -0.13
C GLU A 651 -30.60 6.71 -1.30
N ALA A 652 -29.58 7.27 -1.95
CA ALA A 652 -28.92 6.71 -3.16
C ALA A 652 -27.87 5.68 -2.75
N THR A 653 -27.86 4.52 -3.42
CA THR A 653 -27.00 3.34 -3.12
C THR A 653 -27.22 2.91 -1.66
N SER A 654 -28.49 2.74 -1.26
CA SER A 654 -28.94 2.47 0.13
C SER A 654 -29.59 1.08 0.22
N ASN A 655 -29.76 0.59 1.45
CA ASN A 655 -30.53 -0.64 1.79
C ASN A 655 -31.97 -0.25 2.12
N LEU A 656 -32.14 0.81 2.93
CA LEU A 656 -33.44 1.31 3.45
C LEU A 656 -34.08 0.24 4.33
N ASP A 657 -33.48 0.00 5.50
CA ASP A 657 -33.87 -1.04 6.49
C ASP A 657 -35.24 -0.72 7.12
N SER A 658 -35.67 0.55 7.07
CA SER A 658 -37.00 1.06 7.50
C SER A 658 -37.02 1.35 9.01
N ILE A 659 -35.89 1.20 9.70
CA ILE A 659 -35.69 1.58 11.13
C ILE A 659 -35.12 3.00 11.18
N THR A 660 -34.42 3.43 10.11
CA THR A 660 -33.81 4.78 9.94
C THR A 660 -34.85 5.78 9.41
N GLU A 661 -35.79 5.33 8.57
CA GLU A 661 -36.85 6.17 7.93
C GLU A 661 -37.65 6.92 9.01
N ASN A 662 -38.05 6.20 10.06
CA ASN A 662 -38.76 6.74 11.25
C ASN A 662 -37.93 7.88 11.87
N HIS A 663 -36.63 7.65 12.05
CA HIS A 663 -35.67 8.59 12.68
C HIS A 663 -35.42 9.79 11.75
N ILE A 664 -35.44 9.58 10.43
CA ILE A 664 -35.36 10.64 9.38
C ILE A 664 -36.63 11.49 9.46
N LYS A 665 -37.81 10.87 9.56
CA LYS A 665 -39.11 11.57 9.73
C LYS A 665 -39.11 12.37 11.04
N ASP A 666 -38.63 11.75 12.13
CA ASP A 666 -38.45 12.40 13.47
C ASP A 666 -37.59 13.66 13.33
N ALA A 667 -36.50 13.59 12.54
CA ALA A 667 -35.57 14.72 12.28
C ALA A 667 -36.27 15.78 11.42
N ILE A 668 -36.84 15.38 10.27
CA ILE A 668 -37.50 16.28 9.28
C ILE A 668 -38.66 17.03 9.95
N TYR A 669 -39.41 16.39 10.85
CA TYR A 669 -40.44 17.05 11.69
C TYR A 669 -39.75 18.00 12.69
N GLY A 670 -38.63 17.55 13.26
CA GLY A 670 -37.81 18.29 14.23
C GLY A 670 -37.15 19.56 13.67
N LEU A 671 -36.95 19.64 12.34
CA LEU A 671 -36.39 20.84 11.66
C LEU A 671 -37.06 22.12 12.20
N GLU A 672 -38.39 22.22 12.06
CA GLU A 672 -39.25 23.23 12.74
C GLU A 672 -38.86 24.64 12.28
N ASP A 673 -38.82 24.87 10.96
CA ASP A 673 -38.46 26.17 10.33
C ASP A 673 -39.14 26.29 8.96
N ASP A 674 -38.94 27.42 8.28
CA ASP A 674 -39.35 27.66 6.86
C ASP A 674 -38.15 27.39 5.94
N VAL A 675 -37.42 26.29 6.17
CA VAL A 675 -36.21 25.87 5.41
C VAL A 675 -36.61 24.72 4.48
N THR A 676 -36.07 24.73 3.26
CA THR A 676 -36.42 23.76 2.18
C THR A 676 -35.72 22.43 2.42
N VAL A 677 -36.43 21.32 2.20
CA VAL A 677 -35.90 19.93 2.29
C VAL A 677 -36.03 19.28 0.91
N ILE A 678 -34.91 18.83 0.32
CA ILE A 678 -34.88 18.13 -1.00
C ILE A 678 -34.45 16.67 -0.76
N ILE A 679 -35.38 15.73 -0.93
CA ILE A 679 -35.16 14.27 -0.74
C ILE A 679 -34.95 13.62 -2.12
N ILE A 680 -33.97 12.71 -2.20
CA ILE A 680 -33.59 11.95 -3.43
C ILE A 680 -33.61 10.46 -3.09
N ALA A 681 -34.80 9.86 -3.03
CA ALA A 681 -35.04 8.44 -2.70
C ALA A 681 -35.69 7.74 -3.91
N HIS A 682 -35.04 6.68 -4.42
CA HIS A 682 -35.48 5.86 -5.58
C HIS A 682 -36.79 5.13 -5.25
N ARG A 683 -36.96 4.67 -4.01
CA ARG A 683 -38.20 4.00 -3.52
C ARG A 683 -39.33 5.03 -3.46
N LEU A 684 -40.47 4.73 -4.09
CA LEU A 684 -41.65 5.65 -4.19
C LEU A 684 -42.45 5.63 -2.88
N SER A 685 -42.36 4.55 -2.09
CA SER A 685 -43.11 4.35 -0.82
C SER A 685 -42.79 5.44 0.22
N THR A 686 -41.57 5.99 0.20
CA THR A 686 -41.08 7.00 1.18
C THR A 686 -41.56 8.42 0.81
N ILE A 687 -41.66 8.72 -0.49
CA ILE A 687 -41.83 10.12 -1.02
C ILE A 687 -43.31 10.48 -1.22
N VAL A 688 -44.24 9.51 -1.16
CA VAL A 688 -45.70 9.72 -1.41
C VAL A 688 -46.23 10.92 -0.63
N ASN A 689 -45.74 11.16 0.59
CA ASN A 689 -46.21 12.24 1.50
C ASN A 689 -45.69 13.63 1.06
N CYS A 690 -44.69 13.69 0.18
CA CYS A 690 -44.01 14.96 -0.25
C CYS A 690 -44.95 15.83 -1.09
N ASP A 691 -44.62 17.12 -1.22
CA ASP A 691 -45.47 18.17 -1.84
C ASP A 691 -45.39 18.06 -3.37
N LYS A 692 -44.19 18.18 -3.93
CA LYS A 692 -43.91 18.14 -5.40
C LYS A 692 -42.86 17.05 -5.67
N ILE A 693 -43.22 16.04 -6.49
CA ILE A 693 -42.34 14.91 -6.88
C ILE A 693 -41.87 15.16 -8.32
N TYR A 694 -40.56 15.44 -8.49
CA TYR A 694 -39.91 15.67 -9.80
C TYR A 694 -39.28 14.34 -10.27
N LEU A 695 -39.62 13.90 -11.50
CA LEU A 695 -39.14 12.63 -12.10
C LEU A 695 -37.99 12.95 -13.08
N LEU A 696 -36.76 12.55 -12.73
CA LEU A 696 -35.56 12.65 -13.59
C LEU A 696 -35.51 11.41 -14.50
N LYS A 697 -35.70 11.59 -15.81
CA LYS A 697 -35.66 10.51 -16.84
C LYS A 697 -34.63 10.88 -17.92
N ASP A 698 -33.53 10.12 -17.99
CA ASP A 698 -32.45 10.24 -19.01
C ASP A 698 -31.92 11.69 -19.03
N GLY A 699 -31.70 12.28 -17.85
CA GLY A 699 -31.24 13.67 -17.69
C GLY A 699 -32.25 14.69 -18.19
N GLU A 700 -33.55 14.43 -18.01
CA GLU A 700 -34.66 15.35 -18.36
C GLU A 700 -35.79 15.20 -17.34
N ILE A 701 -36.27 16.34 -16.79
CA ILE A 701 -37.52 16.41 -15.99
C ILE A 701 -38.69 16.32 -16.98
N VAL A 702 -39.44 15.21 -16.92
CA VAL A 702 -40.56 14.88 -17.87
C VAL A 702 -41.84 15.54 -17.33
N GLU A 703 -42.22 15.20 -16.11
CA GLU A 703 -43.48 15.65 -15.44
C GLU A 703 -43.18 16.03 -13.98
N SER A 704 -43.89 17.05 -13.47
CA SER A 704 -43.73 17.62 -12.11
C SER A 704 -45.10 17.96 -11.50
N GLY A 705 -45.19 17.94 -10.17
CA GLY A 705 -46.41 18.19 -9.39
C GLY A 705 -46.56 17.23 -8.23
N SER A 706 -47.74 17.20 -7.60
CA SER A 706 -48.08 16.33 -6.44
C SER A 706 -48.27 14.88 -6.91
N HIS A 707 -48.16 13.93 -5.98
CA HIS A 707 -48.31 12.46 -6.19
C HIS A 707 -49.65 12.18 -6.89
N THR A 708 -50.75 12.64 -6.29
CA THR A 708 -52.16 12.40 -6.72
C THR A 708 -52.35 12.88 -8.17
N GLU A 709 -51.89 14.09 -8.48
CA GLU A 709 -51.94 14.71 -9.83
C GLU A 709 -51.12 13.87 -10.82
N LEU A 710 -49.88 13.50 -10.46
CA LEU A 710 -48.96 12.70 -11.30
C LEU A 710 -49.56 11.32 -11.60
N ILE A 711 -50.16 10.67 -10.59
CA ILE A 711 -50.85 9.34 -10.76
C ILE A 711 -52.11 9.55 -11.61
N ALA A 712 -52.86 10.64 -11.37
CA ALA A 712 -54.11 10.99 -12.09
C ALA A 712 -53.81 11.26 -13.58
N LEU A 713 -52.67 11.88 -13.88
CA LEU A 713 -52.27 12.25 -15.27
C LEU A 713 -51.88 10.98 -16.07
N LYS A 714 -51.48 9.91 -15.39
CA LYS A 714 -51.10 8.59 -15.99
C LYS A 714 -49.92 8.80 -16.96
N GLY A 715 -48.81 9.33 -16.45
CA GLY A 715 -47.53 9.49 -17.19
C GLY A 715 -46.60 8.33 -16.95
N CYS A 716 -45.28 8.55 -17.13
CA CYS A 716 -44.21 7.56 -16.85
C CYS A 716 -44.23 7.16 -15.37
N TYR A 717 -44.57 8.10 -14.48
CA TYR A 717 -44.67 7.91 -13.01
C TYR A 717 -45.69 6.81 -12.68
N PHE A 718 -46.83 6.80 -13.36
CA PHE A 718 -47.93 5.80 -13.21
C PHE A 718 -47.38 4.39 -13.48
N LYS A 719 -46.62 4.24 -14.58
CA LYS A 719 -46.03 2.94 -15.03
C LYS A 719 -45.03 2.45 -13.97
N MET A 720 -44.16 3.34 -13.49
CA MET A 720 -43.14 3.07 -12.43
C MET A 720 -43.85 2.69 -11.12
N TRP A 721 -44.89 3.43 -10.74
CA TRP A 721 -45.70 3.20 -9.51
C TRP A 721 -46.45 1.86 -9.60
N LYS A 722 -46.98 1.52 -10.78
CA LYS A 722 -47.64 0.21 -11.05
C LYS A 722 -46.58 -0.90 -11.07
N GLN A 723 -45.35 -0.60 -11.52
CA GLN A 723 -44.21 -1.55 -11.50
C GLN A 723 -43.73 -1.76 -10.06
N THR A 724 -43.83 -0.75 -9.19
CA THR A 724 -43.55 -0.85 -7.73
C THR A 724 -44.55 -1.81 -7.09
N GLU A 725 -45.84 -1.49 -7.14
CA GLU A 725 -46.96 -2.33 -6.63
C GLU A 725 -48.26 -1.94 -7.33
N ASN B 11 -6.40 14.64 -45.96
CA ASN B 11 -7.24 13.62 -45.24
C ASN B 11 -7.09 12.25 -45.90
N ILE B 12 -7.89 11.94 -46.93
CA ILE B 12 -7.87 10.69 -47.73
C ILE B 12 -7.89 9.46 -46.81
N GLY B 13 -8.85 9.43 -45.87
CA GLY B 13 -9.09 8.30 -44.95
C GLY B 13 -10.56 8.20 -44.56
N ARG B 14 -11.00 7.02 -44.11
CA ARG B 14 -12.39 6.74 -43.70
C ARG B 14 -12.73 7.59 -42.46
N GLU B 15 -13.62 8.57 -42.61
CA GLU B 15 -14.00 9.54 -41.54
C GLU B 15 -14.99 8.87 -40.59
N LEU B 16 -15.01 9.32 -39.32
CA LEU B 16 -15.86 8.77 -38.23
C LEU B 16 -16.82 9.84 -37.70
N THR B 17 -17.92 9.40 -37.08
CA THR B 17 -18.94 10.25 -36.40
C THR B 17 -18.43 10.63 -35.01
N ASP B 18 -19.04 11.66 -34.41
CA ASP B 18 -18.64 12.27 -33.12
C ASP B 18 -18.85 11.28 -31.96
N GLU B 19 -19.75 10.30 -32.13
CA GLU B 19 -20.02 9.23 -31.12
C GLU B 19 -18.83 8.25 -31.10
N GLU B 20 -18.38 7.80 -32.28
CA GLU B 20 -17.24 6.86 -32.46
C GLU B 20 -15.95 7.49 -31.90
N LEU B 21 -15.80 8.81 -32.00
CA LEU B 21 -14.70 9.58 -31.34
C LEU B 21 -14.84 9.46 -29.82
N MET B 22 -16.07 9.50 -29.31
CA MET B 22 -16.39 9.37 -27.87
C MET B 22 -16.25 7.90 -27.42
N GLU B 23 -16.28 6.95 -28.36
CA GLU B 23 -16.14 5.49 -28.09
C GLU B 23 -14.68 5.09 -27.89
N MET B 24 -13.73 5.68 -28.64
CA MET B 24 -12.27 5.41 -28.51
C MET B 24 -11.80 5.85 -27.11
N THR B 25 -11.08 4.99 -26.38
CA THR B 25 -10.65 5.20 -24.97
C THR B 25 -9.14 4.99 -24.83
N GLY B 26 -8.52 5.72 -23.89
CA GLY B 26 -7.07 5.69 -23.62
C GLY B 26 -6.69 4.63 -22.61
N GLY B 27 -5.40 4.28 -22.58
CA GLY B 27 -4.83 3.18 -21.78
C GLY B 27 -4.24 3.67 -20.48
N SER B 28 -4.61 3.00 -19.37
CA SER B 28 -3.89 3.04 -18.09
C SER B 28 -2.63 2.18 -18.20
N THR B 29 -1.86 2.10 -17.11
CA THR B 29 -0.72 1.19 -16.94
C THR B 29 -0.61 0.84 -15.44
N PHE B 30 0.14 -0.21 -15.11
CA PHE B 30 0.36 -0.67 -13.71
C PHE B 30 1.55 0.09 -13.10
N SER B 31 1.52 0.35 -11.79
CA SER B 31 2.56 1.06 -11.03
C SER B 31 2.52 0.67 -9.55
N ILE B 32 3.48 1.20 -8.76
CA ILE B 32 3.61 0.99 -7.30
C ILE B 32 2.46 1.69 -6.56
N GLN B 33 2.00 1.10 -5.45
CA GLN B 33 0.89 1.62 -4.60
C GLN B 33 1.08 1.12 -3.16
N LYS C 11 11.11 -18.56 38.75
CA LYS C 11 10.67 -18.50 37.31
C LYS C 11 10.73 -17.04 36.82
N LYS C 12 11.55 -16.78 35.80
CA LYS C 12 11.71 -15.43 35.17
C LYS C 12 10.44 -15.07 34.39
N TYR C 13 10.21 -13.77 34.20
CA TYR C 13 9.03 -13.20 33.49
C TYR C 13 9.18 -13.46 31.98
N VAL C 14 8.13 -14.01 31.36
CA VAL C 14 8.08 -14.36 29.91
C VAL C 14 7.02 -13.47 29.24
N CYS C 15 7.32 -12.93 28.07
CA CYS C 15 6.42 -12.03 27.28
C CYS C 15 6.33 -12.54 25.83
N VAL C 16 5.12 -12.79 25.35
CA VAL C 16 4.83 -13.21 23.94
C VAL C 16 4.53 -11.95 23.13
N ARG C 17 5.20 -11.78 21.98
CA ARG C 17 5.05 -10.61 21.08
C ARG C 17 3.85 -10.82 20.15
N GLN C 18 3.24 -9.72 19.71
CA GLN C 18 2.12 -9.71 18.73
C GLN C 18 2.71 -9.79 17.32
N TYR C 19 2.41 -10.89 16.61
CA TYR C 19 2.81 -11.10 15.19
C TYR C 19 1.85 -10.34 14.27
N ASP C 20 0.54 -10.40 14.56
CA ASP C 20 -0.53 -9.61 13.91
C ASP C 20 -0.89 -8.42 14.82
N LEU C 21 -1.83 -7.57 14.40
CA LEU C 21 -2.24 -6.35 15.14
C LEU C 21 -3.36 -6.68 16.14
N THR C 22 -4.38 -7.44 15.70
CA THR C 22 -5.65 -7.69 16.45
C THR C 22 -5.39 -8.61 17.66
N ASP C 23 -4.54 -9.65 17.51
CA ASP C 23 -4.32 -10.69 18.55
C ASP C 23 -3.55 -10.08 19.74
N ALA C 24 -4.27 -9.64 20.76
CA ALA C 24 -3.72 -9.05 22.01
C ALA C 24 -3.87 -10.05 23.16
N GLY C 25 -5.12 -10.47 23.45
CA GLY C 25 -5.46 -11.40 24.53
C GLY C 25 -4.84 -12.78 24.34
N ALA C 26 -4.80 -13.26 23.08
CA ALA C 26 -4.18 -14.54 22.66
C ALA C 26 -2.73 -14.60 23.14
N ALA C 27 -1.97 -13.52 22.90
CA ALA C 27 -0.54 -13.36 23.29
C ALA C 27 -0.40 -13.44 24.82
N CYS C 28 -1.29 -12.76 25.56
CA CYS C 28 -1.30 -12.70 27.05
C CYS C 28 -1.53 -14.10 27.63
N LEU C 29 -2.52 -14.84 27.11
CA LEU C 29 -2.86 -16.22 27.54
C LEU C 29 -1.69 -17.16 27.22
N SER C 30 -1.10 -17.03 26.03
CA SER C 30 0.10 -17.79 25.57
C SER C 30 1.30 -17.49 26.49
N SER C 31 1.47 -16.22 26.89
CA SER C 31 2.56 -15.74 27.78
C SER C 31 2.43 -16.40 29.15
N ILE C 32 1.24 -16.36 29.76
CA ILE C 32 0.95 -17.00 31.07
C ILE C 32 1.10 -18.53 30.91
N ALA C 33 0.57 -19.09 29.82
CA ALA C 33 0.70 -20.53 29.48
C ALA C 33 2.19 -20.93 29.46
N GLN C 34 3.04 -20.10 28.85
CA GLN C 34 4.52 -20.31 28.82
C GLN C 34 5.09 -20.14 30.24
N TYR C 35 4.67 -19.10 30.98
CA TYR C 35 5.16 -18.78 32.35
C TYR C 35 5.01 -20.01 33.27
N TYR C 36 3.85 -20.69 33.21
CA TYR C 36 3.56 -21.92 34.00
C TYR C 36 4.27 -23.14 33.39
N GLY C 37 4.67 -23.07 32.12
CA GLY C 37 5.53 -24.07 31.46
C GLY C 37 4.78 -24.94 30.46
N LEU C 38 3.96 -24.31 29.60
CA LEU C 38 3.21 -24.95 28.48
C LEU C 38 3.33 -24.08 27.23
N LYS C 39 4.33 -24.37 26.39
CA LYS C 39 4.58 -23.64 25.11
C LYS C 39 3.63 -24.19 24.04
N MET C 40 2.71 -23.35 23.54
CA MET C 40 1.72 -23.70 22.49
C MET C 40 1.81 -22.68 21.35
N SER C 41 1.61 -23.15 20.11
CA SER C 41 1.59 -22.33 18.87
C SER C 41 0.53 -21.22 19.00
N LEU C 42 0.91 -19.98 18.72
CA LEU C 42 0.06 -18.78 18.97
C LEU C 42 -1.13 -18.74 17.99
N ALA C 43 -0.95 -19.25 16.77
CA ALA C 43 -2.00 -19.38 15.73
C ALA C 43 -3.11 -20.32 16.22
N LYS C 44 -2.75 -21.37 16.98
CA LYS C 44 -3.69 -22.36 17.55
C LYS C 44 -4.50 -21.72 18.68
N ILE C 45 -3.83 -20.99 19.57
CA ILE C 45 -4.46 -20.21 20.70
C ILE C 45 -5.37 -19.12 20.09
N ARG C 46 -4.91 -18.43 19.04
CA ARG C 46 -5.73 -17.49 18.24
C ARG C 46 -7.03 -18.18 17.80
N GLU C 47 -6.92 -19.42 17.30
CA GLU C 47 -8.08 -20.24 16.83
C GLU C 47 -8.94 -20.64 18.04
N MET C 48 -8.33 -20.96 19.19
CA MET C 48 -9.04 -21.35 20.45
C MET C 48 -9.86 -20.17 20.98
N THR C 49 -9.23 -19.00 21.14
CA THR C 49 -9.85 -17.77 21.72
C THR C 49 -10.90 -17.18 20.76
N GLY C 50 -10.79 -17.46 19.45
CA GLY C 50 -11.71 -16.94 18.43
C GLY C 50 -11.49 -15.46 18.19
N THR C 51 -10.26 -15.09 17.79
CA THR C 51 -9.82 -13.69 17.55
C THR C 51 -10.42 -13.21 16.22
N ASP C 52 -11.56 -12.52 16.27
CA ASP C 52 -12.21 -11.90 15.08
C ASP C 52 -11.40 -10.67 14.65
N THR C 53 -11.69 -10.12 13.46
CA THR C 53 -11.07 -8.90 12.90
C THR C 53 -11.30 -7.70 13.82
N GLN C 54 -12.40 -7.70 14.59
CA GLN C 54 -12.73 -6.65 15.59
C GLN C 54 -11.73 -6.72 16.75
N GLY C 55 -11.66 -7.88 17.43
CA GLY C 55 -10.79 -8.10 18.60
C GLY C 55 -11.16 -9.36 19.37
N THR C 56 -10.61 -9.52 20.58
CA THR C 56 -10.77 -10.71 21.46
C THR C 56 -11.69 -10.35 22.63
N ASN C 57 -12.79 -11.10 22.82
CA ASN C 57 -13.70 -10.97 23.97
C ASN C 57 -13.07 -11.71 25.17
N ALA C 58 -13.14 -11.12 26.37
CA ALA C 58 -12.60 -11.67 27.64
C ALA C 58 -13.21 -13.06 27.90
N TYR C 59 -14.49 -13.25 27.55
CA TYR C 59 -15.19 -14.56 27.56
C TYR C 59 -14.43 -15.57 26.70
N GLY C 60 -14.01 -15.13 25.50
CA GLY C 60 -13.16 -15.92 24.57
C GLY C 60 -11.87 -16.37 25.24
N LEU C 61 -11.21 -15.48 25.97
CA LEU C 61 -9.96 -15.75 26.75
C LEU C 61 -10.27 -16.75 27.87
N ILE C 62 -11.33 -16.51 28.64
CA ILE C 62 -11.74 -17.38 29.79
C ILE C 62 -12.07 -18.79 29.29
N HIS C 63 -12.84 -18.88 28.19
CA HIS C 63 -13.21 -20.17 27.52
C HIS C 63 -11.95 -20.90 27.06
N ALA C 64 -11.04 -20.19 26.39
CA ALA C 64 -9.75 -20.71 25.87
C ALA C 64 -8.88 -21.20 27.03
N ALA C 65 -8.80 -20.45 28.14
CA ALA C 65 -8.09 -20.81 29.37
C ALA C 65 -8.72 -22.09 29.95
N LYS C 66 -10.03 -22.05 30.23
CA LYS C 66 -10.84 -23.19 30.75
C LYS C 66 -10.65 -24.44 29.87
N GLN C 67 -10.49 -24.26 28.55
CA GLN C 67 -10.23 -25.37 27.58
C GLN C 67 -8.82 -25.94 27.80
N LEU C 68 -7.83 -25.11 28.14
CA LEU C 68 -6.43 -25.56 28.41
C LEU C 68 -6.34 -26.25 29.77
N GLY C 69 -7.34 -26.07 30.65
CA GLY C 69 -7.42 -26.73 31.97
C GLY C 69 -7.07 -25.76 33.11
N PHE C 70 -6.73 -24.52 32.78
CA PHE C 70 -6.57 -23.38 33.73
C PHE C 70 -7.94 -23.08 34.37
N SER C 71 -8.04 -23.15 35.70
CA SER C 71 -9.20 -22.66 36.48
C SER C 71 -9.12 -21.12 36.55
N ALA C 72 -10.05 -20.42 35.89
CA ALA C 72 -10.02 -18.96 35.69
C ALA C 72 -11.41 -18.34 35.80
N LYS C 73 -11.48 -17.07 36.20
CA LYS C 73 -12.74 -16.28 36.33
C LYS C 73 -12.50 -14.83 35.90
N GLY C 74 -13.51 -14.20 35.31
CA GLY C 74 -13.53 -12.77 34.98
C GLY C 74 -14.04 -11.95 36.14
N VAL C 75 -13.20 -11.05 36.66
CA VAL C 75 -13.46 -10.18 37.84
C VAL C 75 -13.48 -8.73 37.36
N LYS C 76 -14.54 -7.98 37.69
CA LYS C 76 -14.63 -6.52 37.47
C LYS C 76 -13.52 -5.88 38.31
N ALA C 77 -12.65 -5.10 37.68
CA ALA C 77 -11.49 -4.47 38.35
C ALA C 77 -11.97 -3.66 39.54
N SER C 78 -11.24 -3.79 40.65
CA SER C 78 -11.42 -3.01 41.89
C SER C 78 -10.23 -2.04 42.01
N LYS C 79 -10.50 -0.75 42.22
CA LYS C 79 -9.47 0.31 42.39
C LYS C 79 -8.47 -0.12 43.47
N GLU C 80 -8.95 -0.71 44.57
CA GLU C 80 -8.12 -1.41 45.58
C GLU C 80 -7.74 -2.79 45.03
N ASP C 81 -6.62 -2.87 44.31
CA ASP C 81 -6.02 -4.14 43.80
C ASP C 81 -4.74 -4.46 44.58
N LEU C 82 -4.35 -3.64 45.57
CA LEU C 82 -3.16 -3.87 46.44
C LEU C 82 -3.42 -5.01 47.44
N LEU C 83 -4.68 -5.47 47.54
CA LEU C 83 -5.10 -6.64 48.36
C LEU C 83 -4.30 -7.87 47.92
N LYS C 84 -3.73 -8.62 48.88
CA LYS C 84 -2.77 -9.73 48.66
C LYS C 84 -3.43 -10.84 47.82
N ASP C 85 -4.43 -11.52 48.40
CA ASP C 85 -4.89 -12.87 47.97
C ASP C 85 -5.72 -12.75 46.70
N PHE C 86 -5.06 -12.35 45.60
CA PHE C 86 -5.54 -12.45 44.20
C PHE C 86 -4.39 -13.10 43.41
N ARG C 87 -4.65 -14.22 42.73
CA ARG C 87 -3.61 -15.02 42.02
C ARG C 87 -2.85 -14.11 41.06
N LEU C 88 -1.51 -14.18 41.08
CA LEU C 88 -0.61 -13.45 40.15
C LEU C 88 0.20 -14.45 39.34
N PRO C 89 0.32 -14.31 38.00
CA PRO C 89 -0.16 -13.13 37.26
C PRO C 89 -1.65 -13.21 36.90
N ALA C 90 -2.22 -12.08 36.47
CA ALA C 90 -3.63 -11.94 36.03
C ALA C 90 -3.69 -11.09 34.76
N ILE C 91 -4.74 -11.30 33.94
CA ILE C 91 -4.97 -10.55 32.67
C ILE C 91 -5.87 -9.35 32.96
N ALA C 92 -5.32 -8.13 32.88
CA ALA C 92 -6.05 -6.85 33.03
C ALA C 92 -6.03 -6.09 31.70
N ASN C 93 -7.19 -5.59 31.24
CA ASN C 93 -7.28 -4.83 29.96
C ASN C 93 -7.09 -3.34 30.25
N VAL C 94 -6.02 -2.76 29.70
CA VAL C 94 -5.68 -1.31 29.82
C VAL C 94 -6.24 -0.55 28.61
N ILE C 95 -6.12 0.77 28.60
CA ILE C 95 -6.48 1.67 27.46
C ILE C 95 -5.19 2.39 27.01
N VAL C 96 -4.80 2.21 25.74
CA VAL C 96 -3.58 2.85 25.15
C VAL C 96 -3.91 4.31 24.81
N ASP C 97 -3.43 5.25 25.63
CA ASP C 97 -3.51 6.73 25.51
C ASP C 97 -4.93 7.20 25.10
N ASN C 98 -5.97 6.59 25.68
CA ASN C 98 -7.40 6.93 25.45
C ASN C 98 -7.67 6.91 23.93
N ARG C 99 -7.50 5.75 23.30
CA ARG C 99 -7.69 5.56 21.84
C ARG C 99 -8.39 4.22 21.58
N LEU C 100 -7.71 3.10 21.85
CA LEU C 100 -8.25 1.72 21.65
C LEU C 100 -8.14 0.93 22.95
N ALA C 101 -8.94 -0.14 23.08
CA ALA C 101 -8.89 -1.13 24.17
C ALA C 101 -7.76 -2.11 23.91
N HIS C 102 -6.93 -2.39 24.92
CA HIS C 102 -5.73 -3.26 24.84
C HIS C 102 -5.71 -4.21 26.03
N PHE C 103 -5.21 -5.44 25.84
CA PHE C 103 -4.98 -6.44 26.91
C PHE C 103 -3.50 -6.49 27.23
N VAL C 104 -3.19 -6.57 28.53
CA VAL C 104 -1.79 -6.54 29.09
C VAL C 104 -1.72 -7.53 30.24
N VAL C 105 -0.52 -8.05 30.54
CA VAL C 105 -0.30 -9.13 31.55
C VAL C 105 0.42 -8.53 32.76
N ILE C 106 -0.26 -8.55 33.93
CA ILE C 106 0.26 -8.11 35.26
C ILE C 106 1.05 -9.28 35.85
N TYR C 107 2.29 -9.05 36.31
CA TYR C 107 3.20 -10.10 36.84
C TYR C 107 3.40 -9.99 38.36
N SER C 108 3.65 -8.78 38.87
CA SER C 108 3.88 -8.50 40.32
C SER C 108 3.51 -7.05 40.67
N ILE C 109 2.43 -6.87 41.44
CA ILE C 109 1.99 -5.56 42.01
C ILE C 109 2.79 -5.32 43.30
N LYS C 110 3.90 -4.59 43.20
CA LYS C 110 4.78 -4.25 44.36
C LYS C 110 4.14 -3.10 45.16
N ASN C 111 4.84 -2.62 46.18
CA ASN C 111 4.35 -1.59 47.15
C ASN C 111 3.65 -0.45 46.40
N ARG C 112 4.27 0.08 45.35
CA ARG C 112 3.68 1.12 44.45
C ARG C 112 3.94 0.84 42.96
N ILE C 113 4.96 0.05 42.59
CA ILE C 113 5.31 -0.24 41.16
C ILE C 113 4.59 -1.52 40.73
N ILE C 114 3.97 -1.52 39.54
CA ILE C 114 3.25 -2.68 38.94
C ILE C 114 4.04 -3.15 37.70
N THR C 115 4.54 -4.38 37.72
CA THR C 115 5.26 -5.05 36.60
C THR C 115 4.25 -5.61 35.60
N VAL C 116 4.28 -5.12 34.35
CA VAL C 116 3.28 -5.45 33.30
C VAL C 116 4.03 -5.81 32.01
N ALA C 117 4.01 -7.09 31.60
CA ALA C 117 4.80 -7.61 30.45
C ALA C 117 4.01 -7.40 29.15
N ASP C 118 3.86 -6.14 28.73
CA ASP C 118 2.99 -5.68 27.62
C ASP C 118 3.33 -6.45 26.33
N PRO C 119 2.41 -7.28 25.78
CA PRO C 119 2.69 -8.04 24.57
C PRO C 119 2.91 -7.15 23.33
N GLY C 120 2.39 -5.93 23.36
CA GLY C 120 2.65 -4.87 22.36
C GLY C 120 4.11 -4.43 22.36
N LYS C 121 4.71 -4.25 23.54
CA LYS C 121 6.10 -3.71 23.69
C LYS C 121 6.77 -4.27 24.95
N GLY C 122 7.33 -5.48 24.84
CA GLY C 122 8.28 -6.09 25.79
C GLY C 122 7.73 -6.19 27.21
N ILE C 123 8.48 -5.69 28.20
CA ILE C 123 8.06 -5.57 29.63
C ILE C 123 8.20 -4.11 30.05
N VAL C 124 7.22 -3.61 30.82
CA VAL C 124 7.20 -2.22 31.37
C VAL C 124 6.68 -2.25 32.82
N ARG C 125 7.07 -1.24 33.60
CA ARG C 125 6.71 -1.08 35.04
C ARG C 125 6.11 0.31 35.24
N TYR C 126 4.85 0.38 35.67
CA TYR C 126 4.08 1.63 35.88
C TYR C 126 3.90 1.90 37.38
N SER C 127 3.84 3.18 37.76
CA SER C 127 3.44 3.65 39.11
C SER C 127 1.95 3.39 39.31
N MET C 128 1.58 2.89 40.49
CA MET C 128 0.20 2.44 40.88
C MET C 128 -0.83 3.44 40.36
N ASP C 129 -0.67 4.72 40.70
CA ASP C 129 -1.58 5.84 40.35
C ASP C 129 -1.69 5.99 38.82
N ASP C 130 -0.59 5.82 38.09
CA ASP C 130 -0.53 5.97 36.60
C ASP C 130 -1.34 4.83 35.97
N PHE C 131 -0.92 3.58 36.16
CA PHE C 131 -1.61 2.35 35.66
C PHE C 131 -3.11 2.46 35.97
N CYS C 132 -3.45 2.75 37.23
CA CYS C 132 -4.85 2.89 37.75
C CYS C 132 -5.63 3.95 36.94
N SER C 133 -4.96 4.96 36.39
CA SER C 133 -5.55 5.97 35.47
C SER C 133 -5.69 5.37 34.06
N ILE C 134 -4.71 4.60 33.61
CA ILE C 134 -4.64 4.02 32.22
C ILE C 134 -5.72 2.94 32.06
N TRP C 135 -5.77 1.96 32.97
CA TRP C 135 -6.58 0.71 32.79
C TRP C 135 -8.07 1.04 32.93
N THR C 136 -8.90 0.46 32.06
CA THR C 136 -10.36 0.29 32.31
C THR C 136 -10.51 -0.38 33.66
N GLY C 137 -9.75 -1.45 33.83
CA GLY C 137 -9.97 -2.46 34.87
C GLY C 137 -10.96 -3.50 34.41
N GLY C 138 -10.43 -4.63 33.91
CA GLY C 138 -11.17 -5.88 33.68
C GLY C 138 -10.25 -7.08 33.90
N LEU C 139 -10.25 -7.65 35.11
CA LEU C 139 -9.27 -8.67 35.52
C LEU C 139 -9.76 -10.06 35.07
N VAL C 140 -8.83 -10.91 34.63
CA VAL C 140 -9.05 -12.37 34.36
C VAL C 140 -7.98 -13.11 35.16
N LEU C 141 -8.40 -13.79 36.23
CA LEU C 141 -7.51 -14.52 37.19
C LEU C 141 -7.50 -16.00 36.77
N LEU C 142 -6.31 -16.56 36.50
CA LEU C 142 -6.11 -17.95 36.02
C LEU C 142 -5.31 -18.74 37.05
N GLU C 143 -5.47 -20.07 37.07
CA GLU C 143 -4.74 -21.01 37.97
C GLU C 143 -4.80 -22.42 37.41
N PRO C 144 -3.68 -23.17 37.32
CA PRO C 144 -3.72 -24.57 36.89
C PRO C 144 -4.42 -25.46 37.92
N GLY C 145 -5.41 -26.24 37.48
CA GLY C 145 -6.26 -27.11 38.32
C GLY C 145 -6.25 -28.56 37.86
N GLU C 146 -5.10 -29.22 38.01
CA GLU C 146 -4.88 -30.69 37.77
C GLU C 146 -4.84 -30.99 36.27
N ALA C 147 -5.91 -30.65 35.53
CA ALA C 147 -6.07 -30.91 34.08
C ALA C 147 -4.92 -30.29 33.27
N PHE C 148 -4.44 -29.12 33.68
CA PHE C 148 -3.24 -28.45 33.09
C PHE C 148 -2.03 -29.38 33.21
N GLN C 149 -1.26 -29.51 32.12
CA GLN C 149 -0.03 -30.35 32.06
C GLN C 149 1.07 -29.58 31.33
N LYS C 150 2.27 -29.53 31.92
CA LYS C 150 3.48 -28.86 31.35
C LYS C 150 3.92 -29.63 30.10
N GLY C 151 4.30 -28.91 29.03
CA GLY C 151 4.72 -29.52 27.75
C GLY C 151 5.38 -28.53 26.82
N ASP C 152 5.79 -29.01 25.63
CA ASP C 152 6.38 -28.19 24.53
C ASP C 152 5.80 -28.69 23.20
N TYR C 153 4.75 -28.02 22.70
CA TYR C 153 3.91 -28.45 21.56
C TYR C 153 4.31 -27.71 20.26
N THR C 154 5.00 -26.57 20.37
CA THR C 154 5.63 -25.85 19.23
C THR C 154 6.96 -26.53 18.89
N GLN C 155 7.28 -26.62 17.59
CA GLN C 155 8.58 -27.14 17.06
C GLN C 155 9.36 -25.98 16.45
N ASN C 156 10.69 -26.09 16.37
CA ASN C 156 11.60 -25.05 15.82
C ASN C 156 11.43 -25.02 14.29
N MET C 157 10.77 -23.98 13.78
CA MET C 157 10.36 -23.86 12.35
C MET C 157 11.57 -23.44 11.49
N MET C 158 12.57 -22.81 12.11
CA MET C 158 13.86 -22.44 11.47
C MET C 158 14.57 -23.68 10.91
N VAL C 159 14.51 -24.81 11.65
CA VAL C 159 15.10 -26.11 11.23
C VAL C 159 14.17 -26.75 10.18
N LYS C 160 12.85 -26.57 10.30
CA LYS C 160 11.83 -27.02 9.31
C LYS C 160 12.10 -26.35 7.95
N PHE C 161 12.40 -25.04 7.94
CA PHE C 161 12.65 -24.26 6.70
C PHE C 161 14.06 -24.51 6.15
N ALA C 162 14.96 -25.15 6.92
CA ALA C 162 16.32 -25.55 6.48
C ALA C 162 16.22 -26.72 5.49
N GLY C 163 15.10 -27.46 5.46
CA GLY C 163 14.81 -28.57 4.54
C GLY C 163 15.03 -28.21 3.07
N PHE C 164 14.70 -26.98 2.68
CA PHE C 164 14.81 -26.48 1.27
C PHE C 164 16.27 -26.29 0.85
N LEU C 165 17.21 -26.34 1.80
CA LEU C 165 18.67 -26.27 1.56
C LEU C 165 19.26 -27.66 1.31
N LYS C 166 18.49 -28.74 1.52
CA LYS C 166 18.94 -30.15 1.34
C LYS C 166 19.17 -30.45 -0.15
N PRO C 167 18.20 -30.18 -1.06
CA PRO C 167 18.40 -30.45 -2.49
C PRO C 167 19.53 -29.64 -3.16
N LEU C 168 19.80 -28.42 -2.66
CA LEU C 168 20.85 -27.51 -3.17
C LEU C 168 22.12 -27.66 -2.32
N LYS C 169 22.69 -28.86 -2.29
CA LYS C 169 23.97 -29.18 -1.59
C LYS C 169 25.14 -28.74 -2.47
N LYS C 170 25.12 -29.16 -3.74
CA LYS C 170 26.18 -28.89 -4.76
C LYS C 170 26.48 -27.39 -4.83
N THR C 171 25.45 -26.56 -4.98
CA THR C 171 25.53 -25.09 -5.14
C THR C 171 26.18 -24.47 -3.90
N VAL C 172 25.72 -24.85 -2.70
CA VAL C 172 26.24 -24.39 -1.37
C VAL C 172 27.75 -24.72 -1.30
N LEU C 173 28.12 -25.97 -1.57
CA LEU C 173 29.53 -26.47 -1.55
C LEU C 173 30.36 -25.70 -2.59
N CYS C 174 29.82 -25.46 -3.78
CA CYS C 174 30.47 -24.72 -4.89
C CYS C 174 30.71 -23.25 -4.46
N ILE C 175 29.70 -22.62 -3.85
CA ILE C 175 29.79 -21.24 -3.27
C ILE C 175 30.88 -21.24 -2.19
N PHE C 176 30.89 -22.25 -1.31
CA PHE C 176 31.86 -22.40 -0.19
C PHE C 176 33.30 -22.49 -0.73
N LEU C 177 33.54 -23.28 -1.78
CA LEU C 177 34.89 -23.45 -2.39
C LEU C 177 35.32 -22.14 -3.06
N ALA C 178 34.43 -21.52 -3.85
CA ALA C 178 34.66 -20.23 -4.57
C ALA C 178 35.06 -19.15 -3.57
N SER C 179 34.34 -19.04 -2.45
CA SER C 179 34.59 -18.07 -1.34
C SER C 179 35.95 -18.36 -0.67
N LEU C 180 36.21 -19.63 -0.34
CA LEU C 180 37.48 -20.11 0.27
C LEU C 180 38.66 -19.73 -0.65
N LEU C 181 38.55 -20.03 -1.94
CA LEU C 181 39.65 -19.80 -2.93
C LEU C 181 39.82 -18.29 -3.19
N TYR C 182 38.73 -17.52 -3.17
CA TYR C 182 38.73 -16.03 -3.23
C TYR C 182 39.58 -15.46 -2.08
N THR C 183 39.26 -15.88 -0.84
CA THR C 183 39.98 -15.51 0.41
C THR C 183 41.48 -15.81 0.28
N ALA C 184 41.81 -17.04 -0.13
CA ALA C 184 43.19 -17.56 -0.29
C ALA C 184 43.98 -16.67 -1.26
N LEU C 185 43.41 -16.37 -2.43
CA LEU C 185 44.01 -15.45 -3.44
C LEU C 185 44.07 -14.02 -2.90
N GLY C 186 43.09 -13.62 -2.08
CA GLY C 186 43.06 -12.33 -1.37
C GLY C 186 44.25 -12.16 -0.44
N ILE C 187 44.45 -13.12 0.47
CA ILE C 187 45.57 -13.12 1.47
C ILE C 187 46.92 -13.22 0.72
N ALA C 188 46.99 -14.01 -0.35
CA ALA C 188 48.18 -14.17 -1.21
C ALA C 188 48.48 -12.85 -1.94
N GLY C 189 47.44 -12.17 -2.43
CA GLY C 189 47.53 -10.92 -3.20
C GLY C 189 47.85 -9.69 -2.36
N SER C 190 47.66 -9.76 -1.04
CA SER C 190 47.84 -8.63 -0.08
C SER C 190 49.31 -8.43 0.31
N PHE C 191 50.21 -9.33 -0.10
CA PHE C 191 51.66 -9.30 0.23
C PHE C 191 52.47 -8.53 -0.84
N TYR C 192 51.80 -7.87 -1.79
CA TYR C 192 52.44 -7.13 -2.93
C TYR C 192 53.31 -5.99 -2.39
N ILE C 193 52.74 -5.16 -1.50
CA ILE C 193 53.38 -3.94 -0.91
C ILE C 193 54.68 -4.33 -0.19
N LYS C 194 54.69 -5.46 0.53
CA LYS C 194 55.88 -6.02 1.24
C LYS C 194 56.99 -6.25 0.20
N PHE C 195 56.73 -7.12 -0.78
CA PHE C 195 57.66 -7.44 -1.90
C PHE C 195 58.10 -6.16 -2.61
N LEU C 196 57.21 -5.18 -2.74
CA LEU C 196 57.50 -3.87 -3.41
C LEU C 196 58.52 -3.08 -2.56
N PHE C 197 58.20 -2.80 -1.30
CA PHE C 197 58.98 -1.88 -0.41
C PHE C 197 60.27 -2.56 0.07
N ASP C 198 60.22 -3.85 0.43
CA ASP C 198 61.35 -4.59 1.06
C ASP C 198 62.38 -5.00 0.00
N ASP C 199 61.96 -5.73 -1.04
CA ASP C 199 62.87 -6.36 -2.04
C ASP C 199 63.10 -5.40 -3.22
N LEU C 200 62.07 -5.18 -4.04
CA LEU C 200 62.19 -4.63 -5.43
C LEU C 200 62.76 -3.19 -5.40
N ILE C 201 62.19 -2.30 -4.59
CA ILE C 201 62.55 -0.84 -4.56
C ILE C 201 63.95 -0.67 -3.94
N LYS C 202 64.30 -1.47 -2.92
CA LYS C 202 65.63 -1.41 -2.24
C LYS C 202 66.76 -1.65 -3.23
N PHE C 203 66.75 -2.81 -3.91
CA PHE C 203 67.81 -3.27 -4.85
C PHE C 203 67.56 -2.70 -6.26
N GLU C 204 66.38 -2.11 -6.49
CA GLU C 204 66.01 -1.40 -7.75
C GLU C 204 66.03 -2.39 -8.91
N LYS C 205 65.44 -3.58 -8.72
CA LYS C 205 65.27 -4.61 -9.78
C LYS C 205 64.08 -4.21 -10.66
N LEU C 206 64.25 -4.27 -11.99
CA LEU C 206 63.24 -3.82 -12.99
C LEU C 206 62.55 -5.05 -13.60
N ASN C 207 63.33 -5.98 -14.17
CA ASN C 207 62.85 -7.22 -14.82
C ASN C 207 61.93 -7.97 -13.85
N ASP C 208 62.37 -8.15 -12.60
CA ASP C 208 61.61 -8.82 -11.51
C ASP C 208 60.34 -8.00 -11.21
N LEU C 209 60.46 -6.67 -11.07
CA LEU C 209 59.30 -5.76 -10.77
C LEU C 209 58.22 -5.95 -11.85
N HIS C 210 58.62 -5.85 -13.12
CA HIS C 210 57.75 -6.02 -14.32
C HIS C 210 57.06 -7.40 -14.29
N ILE C 211 57.75 -8.45 -13.83
CA ILE C 211 57.19 -9.84 -13.75
C ILE C 211 56.21 -9.92 -12.57
N ILE C 212 56.62 -9.48 -11.38
CA ILE C 212 55.82 -9.56 -10.11
C ILE C 212 54.54 -8.73 -10.27
N SER C 213 54.64 -7.53 -10.85
CA SER C 213 53.49 -6.62 -11.12
C SER C 213 52.40 -7.36 -11.90
N ALA C 214 52.78 -8.04 -12.98
CA ALA C 214 51.88 -8.86 -13.84
C ALA C 214 51.32 -10.05 -13.06
N GLY C 215 52.17 -10.73 -12.28
CA GLY C 215 51.80 -11.88 -11.42
C GLY C 215 50.66 -11.54 -10.48
N PHE C 216 50.78 -10.43 -9.74
CA PHE C 216 49.76 -9.93 -8.78
C PHE C 216 48.52 -9.43 -9.53
N ALA C 217 48.71 -8.81 -10.70
CA ALA C 217 47.62 -8.35 -11.60
C ALA C 217 46.76 -9.54 -12.04
N VAL C 218 47.39 -10.62 -12.50
CA VAL C 218 46.71 -11.88 -12.95
C VAL C 218 45.98 -12.53 -11.76
N ILE C 219 46.61 -12.55 -10.57
CA ILE C 219 46.02 -13.08 -9.31
C ILE C 219 44.70 -12.34 -9.02
N PHE C 220 44.72 -11.01 -9.09
CA PHE C 220 43.54 -10.14 -8.86
C PHE C 220 42.44 -10.43 -9.90
N LEU C 221 42.82 -10.60 -11.18
CA LEU C 221 41.89 -10.89 -12.30
C LEU C 221 41.18 -12.23 -12.08
N LEU C 222 41.87 -13.23 -11.53
CA LEU C 222 41.27 -14.54 -11.16
C LEU C 222 40.36 -14.36 -9.93
N GLN C 223 40.74 -13.51 -8.98
CA GLN C 223 39.97 -13.24 -7.73
C GLN C 223 38.60 -12.61 -8.08
N ILE C 224 38.58 -11.55 -8.88
CA ILE C 224 37.33 -10.85 -9.31
C ILE C 224 36.46 -11.78 -10.16
N PHE C 225 37.07 -12.73 -10.91
CA PHE C 225 36.35 -13.74 -11.71
C PHE C 225 35.62 -14.72 -10.78
N LEU C 226 36.26 -15.16 -9.69
CA LEU C 226 35.64 -16.08 -8.68
C LEU C 226 34.50 -15.35 -7.96
N ASN C 227 34.71 -14.07 -7.61
CA ASN C 227 33.69 -13.16 -7.00
C ASN C 227 32.44 -13.13 -7.91
N TYR C 228 32.64 -12.88 -9.20
CA TYR C 228 31.59 -12.83 -10.25
C TYR C 228 30.81 -14.16 -10.28
N TYR C 229 31.52 -15.29 -10.27
CA TYR C 229 30.95 -16.66 -10.33
C TYR C 229 30.15 -16.96 -9.05
N ARG C 230 30.71 -16.60 -7.89
CA ARG C 230 30.07 -16.76 -6.55
C ARG C 230 28.78 -15.92 -6.50
N SER C 231 28.87 -14.64 -6.91
CA SER C 231 27.75 -13.66 -6.93
C SER C 231 26.56 -14.18 -7.75
N ILE C 232 26.83 -14.85 -8.89
CA ILE C 232 25.78 -15.47 -9.75
C ILE C 232 25.14 -16.65 -9.00
N LEU C 233 25.94 -17.53 -8.39
CA LEU C 233 25.46 -18.76 -7.71
C LEU C 233 24.65 -18.39 -6.45
N VAL C 234 25.09 -17.38 -5.67
CA VAL C 234 24.38 -16.96 -4.43
C VAL C 234 23.03 -16.32 -4.79
N THR C 235 22.96 -15.59 -5.92
CA THR C 235 21.71 -14.99 -6.48
C THR C 235 20.72 -16.11 -6.83
N LYS C 236 21.18 -17.10 -7.61
CA LYS C 236 20.35 -18.25 -8.09
C LYS C 236 19.80 -19.05 -6.90
N LEU C 237 20.66 -19.35 -5.92
CA LEU C 237 20.30 -20.09 -4.68
C LEU C 237 19.22 -19.31 -3.91
N GLY C 238 19.45 -18.01 -3.70
CA GLY C 238 18.53 -17.09 -3.00
C GLY C 238 17.13 -17.12 -3.60
N MET C 239 17.03 -16.81 -4.90
CA MET C 239 15.76 -16.81 -5.68
C MET C 239 15.04 -18.16 -5.53
N SER C 240 15.77 -19.26 -5.71
CA SER C 240 15.26 -20.66 -5.70
C SER C 240 14.57 -20.98 -4.36
N ILE C 241 15.24 -20.70 -3.23
CA ILE C 241 14.68 -20.92 -1.86
C ILE C 241 13.51 -19.95 -1.62
N ASP C 242 13.64 -18.69 -2.07
CA ASP C 242 12.60 -17.64 -1.90
C ASP C 242 11.31 -18.10 -2.58
N LYS C 243 11.41 -18.49 -3.87
CA LYS C 243 10.29 -19.06 -4.67
C LYS C 243 9.65 -20.25 -3.94
N SER C 244 10.49 -21.20 -3.48
CA SER C 244 10.07 -22.47 -2.82
C SER C 244 9.21 -22.16 -1.58
N ILE C 245 9.70 -21.31 -0.67
CA ILE C 245 9.02 -20.95 0.61
C ILE C 245 7.70 -20.23 0.31
N MET C 246 7.75 -19.17 -0.52
CA MET C 246 6.57 -18.33 -0.90
C MET C 246 5.44 -19.21 -1.45
N MET C 247 5.76 -20.10 -2.39
CA MET C 247 4.79 -20.99 -3.08
C MET C 247 4.27 -22.06 -2.12
N GLU C 248 5.14 -22.60 -1.25
CA GLU C 248 4.77 -23.61 -0.21
C GLU C 248 3.74 -23.00 0.73
N TYR C 249 3.97 -21.75 1.18
CA TYR C 249 3.05 -21.00 2.09
C TYR C 249 1.72 -20.75 1.40
N TYR C 250 1.74 -20.17 0.19
CA TYR C 250 0.54 -19.79 -0.59
C TYR C 250 -0.42 -20.99 -0.72
N SER C 251 0.12 -22.14 -1.14
CA SER C 251 -0.64 -23.41 -1.36
C SER C 251 -1.34 -23.85 -0.07
N HIS C 252 -0.63 -23.79 1.07
CA HIS C 252 -1.14 -24.19 2.41
C HIS C 252 -2.31 -23.28 2.83
N VAL C 253 -2.21 -21.97 2.60
CA VAL C 253 -3.25 -20.95 2.98
C VAL C 253 -4.57 -21.33 2.30
N LEU C 254 -4.54 -21.62 0.99
CA LEU C 254 -5.74 -21.93 0.17
C LEU C 254 -6.46 -23.18 0.68
N LYS C 255 -5.72 -24.14 1.26
CA LYS C 255 -6.26 -25.43 1.76
C LYS C 255 -6.93 -25.25 3.13
N LEU C 256 -6.78 -24.10 3.80
CA LEU C 256 -7.36 -23.81 5.15
C LEU C 256 -8.84 -23.51 5.01
N PRO C 257 -9.67 -23.77 6.06
CA PRO C 257 -11.10 -23.48 6.02
C PRO C 257 -11.43 -21.98 6.12
N MET C 258 -12.67 -21.61 5.76
CA MET C 258 -13.18 -20.21 5.69
C MET C 258 -13.01 -19.49 7.04
N ASN C 259 -13.12 -20.24 8.15
CA ASN C 259 -12.87 -19.77 9.55
C ASN C 259 -11.58 -18.96 9.62
N PHE C 260 -10.49 -19.48 9.02
CA PHE C 260 -9.15 -18.84 8.97
C PHE C 260 -9.24 -17.46 8.29
N PHE C 261 -10.00 -17.36 7.20
CA PHE C 261 -10.12 -16.15 6.33
C PHE C 261 -11.11 -15.14 6.94
N ASN C 262 -12.11 -15.62 7.70
CA ASN C 262 -13.03 -14.74 8.48
C ASN C 262 -12.28 -14.09 9.64
N SER C 263 -11.41 -14.84 10.31
CA SER C 263 -10.61 -14.40 11.50
C SER C 263 -9.67 -13.25 11.13
N ARG C 264 -8.93 -13.37 10.03
CA ARG C 264 -7.82 -12.45 9.63
C ARG C 264 -8.31 -11.49 8.52
N LYS C 265 -7.53 -10.44 8.26
CA LYS C 265 -7.73 -9.46 7.16
C LYS C 265 -6.98 -9.95 5.91
N VAL C 266 -7.00 -9.16 4.82
CA VAL C 266 -6.31 -9.47 3.54
C VAL C 266 -4.80 -9.26 3.74
N GLY C 267 -4.39 -8.00 3.97
CA GLY C 267 -2.98 -7.58 4.16
C GLY C 267 -2.27 -8.38 5.24
N GLU C 268 -3.02 -8.80 6.27
CA GLU C 268 -2.55 -9.68 7.39
C GLU C 268 -2.01 -11.01 6.83
N ILE C 269 -2.58 -11.52 5.73
CA ILE C 269 -2.18 -12.82 5.10
C ILE C 269 -0.97 -12.60 4.18
N ILE C 270 -0.86 -11.43 3.52
CA ILE C 270 0.17 -11.16 2.47
C ILE C 270 1.46 -10.66 3.14
N SER C 271 1.38 -10.15 4.38
CA SER C 271 2.55 -9.78 5.22
C SER C 271 3.52 -10.96 5.35
N ARG C 272 2.99 -12.20 5.41
CA ARG C 272 3.76 -13.47 5.41
C ARG C 272 4.56 -13.60 4.11
N PHE C 273 3.94 -13.32 2.96
CA PHE C 273 4.58 -13.28 1.62
C PHE C 273 5.77 -12.32 1.62
N MET C 274 5.61 -11.16 2.25
CA MET C 274 6.64 -10.08 2.31
C MET C 274 7.79 -10.48 3.25
N ASP C 275 7.54 -11.33 4.26
CA ASP C 275 8.56 -11.77 5.24
C ASP C 275 9.18 -13.12 4.84
N ALA C 276 8.55 -13.88 3.94
CA ALA C 276 9.13 -15.11 3.32
C ALA C 276 10.51 -14.78 2.74
N SER C 277 10.64 -13.59 2.13
CA SER C 277 11.90 -12.99 1.63
C SER C 277 12.96 -12.93 2.74
N LYS C 278 12.61 -12.34 3.90
CA LYS C 278 13.58 -12.04 4.98
C LYS C 278 13.97 -13.34 5.71
N ILE C 279 13.05 -14.30 5.86
CA ILE C 279 13.36 -15.68 6.36
C ILE C 279 14.47 -16.22 5.48
N ARG C 280 14.15 -16.53 4.20
CA ARG C 280 15.09 -17.07 3.19
C ARG C 280 16.41 -16.30 3.24
N GLN C 281 16.33 -14.97 3.14
CA GLN C 281 17.49 -14.03 3.14
C GLN C 281 18.36 -14.28 4.38
N ALA C 282 17.74 -14.48 5.54
CA ALA C 282 18.44 -14.69 6.83
C ALA C 282 19.09 -16.09 6.85
N ILE C 283 18.31 -17.15 6.62
CA ILE C 283 18.82 -18.57 6.62
C ILE C 283 19.97 -18.68 5.60
N SER C 284 19.75 -18.20 4.37
CA SER C 284 20.73 -18.23 3.24
C SER C 284 22.01 -17.50 3.63
N GLY C 285 21.90 -16.24 4.07
CA GLY C 285 23.04 -15.41 4.51
C GLY C 285 23.80 -16.03 5.67
N ALA C 286 23.07 -16.45 6.71
CA ALA C 286 23.60 -17.04 7.97
C ALA C 286 24.36 -18.33 7.68
N THR C 287 23.78 -19.23 6.88
CA THR C 287 24.40 -20.52 6.46
C THR C 287 25.76 -20.23 5.81
N LEU C 288 25.79 -19.34 4.81
CA LEU C 288 26.98 -19.02 3.99
C LEU C 288 28.02 -18.30 4.85
N THR C 289 27.61 -17.26 5.58
CA THR C 289 28.47 -16.45 6.50
C THR C 289 29.26 -17.40 7.42
N ILE C 290 28.56 -18.22 8.21
CA ILE C 290 29.17 -19.19 9.18
C ILE C 290 30.15 -20.09 8.41
N MET C 291 29.76 -20.57 7.23
CA MET C 291 30.60 -21.49 6.40
C MET C 291 31.89 -20.78 6.00
N ILE C 292 31.81 -19.55 5.47
CA ILE C 292 32.94 -18.90 4.73
C ILE C 292 33.64 -17.79 5.55
N ASP C 293 33.08 -17.33 6.67
CA ASP C 293 33.65 -16.20 7.48
C ASP C 293 34.31 -16.70 8.76
N THR C 294 33.76 -17.72 9.43
CA THR C 294 34.30 -18.28 10.72
C THR C 294 35.68 -18.90 10.47
N ILE C 295 35.96 -19.34 9.22
CA ILE C 295 37.28 -19.88 8.79
C ILE C 295 38.17 -18.72 8.31
N MET C 296 37.62 -17.82 7.49
CA MET C 296 38.30 -16.64 6.89
C MET C 296 38.89 -15.75 8.01
N ALA C 297 38.08 -15.47 9.04
CA ALA C 297 38.47 -14.67 10.23
C ALA C 297 39.60 -15.36 10.99
N VAL C 298 39.49 -16.68 11.19
CA VAL C 298 40.50 -17.53 11.90
C VAL C 298 41.82 -17.51 11.13
N ILE C 299 41.78 -17.81 9.82
CA ILE C 299 42.99 -17.82 8.92
C ILE C 299 43.65 -16.44 8.97
N GLY C 300 42.87 -15.36 8.79
CA GLY C 300 43.33 -13.97 8.91
C GLY C 300 43.98 -13.70 10.25
N GLY C 301 43.29 -14.02 11.35
CA GLY C 301 43.75 -13.85 12.75
C GLY C 301 45.06 -14.58 13.01
N ILE C 302 45.17 -15.84 12.56
CA ILE C 302 46.41 -16.68 12.65
C ILE C 302 47.56 -15.93 11.96
N LEU C 303 47.35 -15.51 10.71
CA LEU C 303 48.35 -14.77 9.89
C LEU C 303 48.81 -13.51 10.65
N LEU C 304 47.88 -12.73 11.21
CA LEU C 304 48.19 -11.50 11.99
C LEU C 304 48.98 -11.88 13.25
N TYR C 305 48.49 -12.84 14.04
CA TYR C 305 49.16 -13.36 15.27
C TYR C 305 50.59 -13.81 14.93
N ILE C 306 50.80 -14.40 13.74
CA ILE C 306 52.15 -14.77 13.23
C ILE C 306 52.97 -13.51 12.96
N GLN C 307 52.38 -12.48 12.34
CA GLN C 307 53.09 -11.23 11.93
C GLN C 307 53.64 -10.51 13.18
N ASN C 308 52.75 -10.07 14.07
CA ASN C 308 53.11 -9.34 15.31
C ASN C 308 51.96 -9.44 16.33
N SER C 309 52.28 -9.78 17.58
CA SER C 309 51.31 -10.05 18.68
C SER C 309 50.63 -8.75 19.13
N SER C 310 51.43 -7.72 19.43
CA SER C 310 50.99 -6.39 19.95
C SER C 310 49.92 -5.78 19.03
N LEU C 311 50.20 -5.75 17.72
CA LEU C 311 49.33 -5.10 16.69
C LEU C 311 48.04 -5.92 16.52
N PHE C 312 48.10 -7.24 16.66
CA PHE C 312 46.94 -8.17 16.61
C PHE C 312 46.02 -7.91 17.81
N PHE C 313 46.59 -7.76 19.01
CA PHE C 313 45.84 -7.49 20.27
C PHE C 313 45.22 -6.08 20.24
N ILE C 314 45.87 -5.12 19.57
CA ILE C 314 45.28 -3.77 19.28
C ILE C 314 44.09 -3.95 18.36
N SER C 315 44.24 -4.71 17.27
CA SER C 315 43.18 -5.00 16.27
C SER C 315 42.00 -5.75 16.93
N PHE C 316 42.29 -6.62 17.90
CA PHE C 316 41.27 -7.35 18.71
C PHE C 316 40.43 -6.35 19.52
N ILE C 317 41.08 -5.40 20.19
CA ILE C 317 40.43 -4.33 21.01
C ILE C 317 39.51 -3.50 20.10
N ILE C 318 39.98 -3.11 18.90
CA ILE C 318 39.20 -2.34 17.88
C ILE C 318 37.89 -3.09 17.59
N ILE C 319 37.98 -4.39 17.33
CA ILE C 319 36.82 -5.29 17.02
C ILE C 319 35.92 -5.36 18.26
N LEU C 320 36.52 -5.61 19.44
CA LEU C 320 35.79 -5.72 20.74
C LEU C 320 34.95 -4.44 20.95
N LEU C 321 35.57 -3.27 20.87
CA LEU C 321 34.90 -1.96 21.09
C LEU C 321 33.78 -1.76 20.06
N TYR C 322 34.01 -2.09 18.78
CA TYR C 322 32.99 -2.02 17.70
C TYR C 322 31.82 -2.94 18.06
N GLY C 323 32.11 -4.17 18.50
CA GLY C 323 31.10 -5.14 18.97
C GLY C 323 30.22 -4.57 20.07
N ILE C 324 30.83 -3.94 21.09
CA ILE C 324 30.15 -3.37 22.28
C ILE C 324 29.24 -2.20 21.85
N ILE C 325 29.75 -1.30 21.02
CA ILE C 325 29.03 -0.07 20.53
C ILE C 325 27.78 -0.49 19.74
N VAL C 326 27.90 -1.47 18.83
CA VAL C 326 26.78 -1.96 17.97
C VAL C 326 25.73 -2.63 18.86
N THR C 327 26.16 -3.52 19.76
CA THR C 327 25.27 -4.31 20.67
C THR C 327 24.51 -3.39 21.62
N VAL C 328 25.13 -2.32 22.12
CA VAL C 328 24.49 -1.35 23.06
C VAL C 328 23.53 -0.43 22.29
N PHE C 329 23.81 -0.13 21.01
CA PHE C 329 22.97 0.76 20.15
C PHE C 329 21.92 -0.03 19.36
N ASN C 330 21.97 -1.37 19.36
CA ASN C 330 21.06 -2.24 18.57
C ASN C 330 19.60 -2.02 18.98
N LYS C 331 19.32 -1.92 20.29
CA LYS C 331 17.94 -1.89 20.85
C LYS C 331 17.28 -0.53 20.57
N PRO C 332 17.85 0.62 21.02
CA PRO C 332 17.19 1.92 20.84
C PRO C 332 16.82 2.28 19.39
N ILE C 333 17.68 1.91 18.43
CA ILE C 333 17.45 2.12 16.96
C ILE C 333 16.16 1.40 16.55
N GLN C 334 15.98 0.14 16.96
CA GLN C 334 14.78 -0.68 16.67
C GLN C 334 13.55 -0.09 17.36
N ASN C 335 13.71 0.46 18.58
CA ASN C 335 12.63 1.14 19.34
C ASN C 335 12.19 2.41 18.60
N ALA C 336 13.15 3.25 18.18
CA ALA C 336 12.91 4.48 17.39
C ALA C 336 12.27 4.13 16.05
N ASN C 337 12.80 3.10 15.37
CA ASN C 337 12.31 2.59 14.05
C ASN C 337 10.82 2.25 14.16
N ARG C 338 10.44 1.43 15.14
CA ARG C 338 9.03 1.04 15.42
C ARG C 338 8.17 2.29 15.65
N GLN C 339 8.69 3.24 16.43
CA GLN C 339 7.98 4.50 16.83
C GLN C 339 7.77 5.38 15.59
N ILE C 340 8.73 5.40 14.66
CA ILE C 340 8.61 6.13 13.35
C ILE C 340 7.50 5.48 12.51
N MET C 341 7.54 4.15 12.33
CA MET C 341 6.60 3.39 11.46
C MET C 341 5.16 3.59 11.96
N GLU C 342 4.96 3.64 13.29
CA GLU C 342 3.66 3.97 13.94
C GLU C 342 3.20 5.38 13.51
N ASP C 343 4.04 6.39 13.76
CA ASP C 343 3.72 7.83 13.54
C ASP C 343 3.54 8.11 12.04
N ASN C 344 4.24 7.38 11.17
CA ASN C 344 4.14 7.48 9.68
C ASN C 344 2.81 6.87 9.24
N ALA C 345 2.44 5.71 9.77
CA ALA C 345 1.18 4.97 9.46
C ALA C 345 -0.04 5.83 9.80
N LYS C 346 0.03 6.62 10.89
CA LYS C 346 -1.06 7.54 11.32
C LYS C 346 -1.22 8.70 10.32
N LEU C 347 -0.09 9.29 9.89
CA LEU C 347 -0.04 10.42 8.92
C LEU C 347 -0.70 10.01 7.59
N THR C 348 -0.19 8.93 6.98
CA THR C 348 -0.67 8.40 5.66
C THR C 348 -2.15 8.03 5.76
N SER C 349 -2.58 7.43 6.89
CA SER C 349 -3.99 7.11 7.21
C SER C 349 -4.83 8.39 7.24
N ALA C 350 -4.34 9.42 7.95
CA ALA C 350 -4.98 10.75 8.08
C ALA C 350 -5.10 11.42 6.70
N LEU C 351 -4.05 11.37 5.87
CA LEU C 351 -4.02 11.95 4.51
C LEU C 351 -5.08 11.28 3.62
N VAL C 352 -5.14 9.94 3.62
CA VAL C 352 -6.14 9.14 2.85
C VAL C 352 -7.56 9.54 3.32
N GLU C 353 -7.79 9.49 4.64
CA GLU C 353 -9.08 9.89 5.29
C GLU C 353 -9.46 11.30 4.84
N SER C 354 -8.53 12.25 4.90
CA SER C 354 -8.74 13.68 4.51
C SER C 354 -9.09 13.78 3.01
N VAL C 355 -8.45 12.98 2.16
CA VAL C 355 -8.62 13.03 0.67
C VAL C 355 -9.95 12.35 0.27
N LYS C 356 -10.31 11.23 0.91
CA LYS C 356 -11.52 10.41 0.56
C LYS C 356 -12.80 11.25 0.68
N GLY C 357 -12.89 12.14 1.68
CA GLY C 357 -14.10 12.92 1.99
C GLY C 357 -13.87 14.42 1.87
N ILE C 358 -13.23 14.87 0.78
CA ILE C 358 -12.99 16.33 0.50
C ILE C 358 -14.32 17.01 0.19
N GLU C 359 -15.30 16.28 -0.38
CA GLU C 359 -16.71 16.74 -0.55
C GLU C 359 -17.20 17.35 0.77
N THR C 360 -17.08 16.59 1.86
CA THR C 360 -17.50 16.95 3.24
C THR C 360 -16.71 18.18 3.72
N ILE C 361 -15.37 18.10 3.69
CA ILE C 361 -14.45 19.18 4.17
C ILE C 361 -14.79 20.49 3.45
N LYS C 362 -14.90 20.44 2.12
CA LYS C 362 -15.32 21.57 1.25
C LYS C 362 -16.70 22.05 1.67
N SER C 363 -17.68 21.13 1.79
CA SER C 363 -19.09 21.41 2.18
C SER C 363 -19.16 22.15 3.53
N PHE C 364 -18.27 21.81 4.48
CA PHE C 364 -18.24 22.40 5.85
C PHE C 364 -17.25 23.56 5.95
N GLY C 365 -16.41 23.77 4.92
CA GLY C 365 -15.40 24.85 4.87
C GLY C 365 -14.36 24.67 5.96
N ALA C 366 -13.94 23.43 6.21
CA ALA C 366 -13.00 23.02 7.27
C ALA C 366 -11.59 22.81 6.69
N GLU C 367 -11.23 23.59 5.66
CA GLU C 367 -9.96 23.47 4.90
C GLU C 367 -8.77 23.86 5.78
N GLU C 368 -8.99 24.74 6.76
CA GLU C 368 -7.96 25.24 7.71
C GLU C 368 -7.63 24.16 8.75
N GLN C 369 -8.66 23.56 9.36
CA GLN C 369 -8.54 22.65 10.53
C GLN C 369 -7.79 21.37 10.12
N THR C 370 -8.20 20.75 9.01
CA THR C 370 -7.58 19.52 8.43
C THR C 370 -6.09 19.77 8.13
N GLU C 371 -5.74 20.96 7.64
CA GLU C 371 -4.34 21.37 7.33
C GLU C 371 -3.54 21.46 8.63
N LYS C 372 -4.06 22.19 9.62
CA LYS C 372 -3.47 22.32 10.99
C LYS C 372 -3.27 20.92 11.60
N SER C 373 -4.27 20.06 11.50
CA SER C 373 -4.23 18.65 11.97
C SER C 373 -3.09 17.90 11.28
N THR C 374 -3.03 17.94 9.93
CA THR C 374 -1.99 17.28 9.09
C THR C 374 -0.60 17.79 9.47
N ARG C 375 -0.43 19.11 9.64
CA ARG C 375 0.84 19.77 10.01
C ARG C 375 1.36 19.18 11.34
N ASP C 376 0.49 19.07 12.35
CA ASP C 376 0.81 18.48 13.68
C ASP C 376 1.28 17.03 13.51
N LYS C 377 0.68 16.27 12.58
CA LYS C 377 1.03 14.86 12.31
C LYS C 377 2.37 14.79 11.55
N ILE C 378 2.65 15.75 10.65
CA ILE C 378 3.96 15.86 9.94
C ILE C 378 5.06 16.20 10.96
N GLU C 379 4.82 17.21 11.81
CA GLU C 379 5.74 17.64 12.90
C GLU C 379 6.12 16.45 13.78
N THR C 380 5.14 15.61 14.16
CA THR C 380 5.32 14.38 14.96
C THR C 380 6.27 13.41 14.24
N VAL C 381 6.06 13.19 12.93
CA VAL C 381 6.90 12.30 12.06
C VAL C 381 8.32 12.87 11.99
N MET C 382 8.45 14.19 11.79
CA MET C 382 9.77 14.90 11.72
C MET C 382 10.53 14.69 13.04
N LYS C 383 9.87 14.88 14.18
CA LYS C 383 10.44 14.69 15.55
C LYS C 383 10.97 13.26 15.71
N SER C 384 10.16 12.26 15.37
CA SER C 384 10.50 10.81 15.44
C SER C 384 11.67 10.51 14.51
N SER C 385 11.61 11.00 13.26
CA SER C 385 12.68 10.87 12.23
C SER C 385 14.01 11.43 12.77
N PHE C 386 13.96 12.65 13.34
CA PHE C 386 15.14 13.38 13.88
C PHE C 386 15.82 12.55 14.99
N LYS C 387 15.04 12.00 15.91
CA LYS C 387 15.52 11.18 17.06
C LYS C 387 16.28 9.95 16.55
N GLU C 388 15.72 9.25 15.54
CA GLU C 388 16.35 8.07 14.88
C GLU C 388 17.61 8.52 14.14
N GLY C 389 17.54 9.63 13.39
CA GLY C 389 18.70 10.24 12.71
C GLY C 389 19.85 10.50 13.68
N MET C 390 19.53 11.11 14.82
CA MET C 390 20.48 11.47 15.91
C MET C 390 21.19 10.19 16.42
N LEU C 391 20.44 9.12 16.67
CA LEU C 391 20.97 7.81 17.16
C LEU C 391 21.93 7.23 16.11
N TYR C 392 21.57 7.30 14.81
CA TYR C 392 22.42 6.82 13.69
C TYR C 392 23.71 7.66 13.60
N ILE C 393 23.59 8.99 13.71
CA ILE C 393 24.76 9.93 13.72
C ILE C 393 25.70 9.56 14.86
N ASN C 394 25.16 9.37 16.08
CA ASN C 394 25.92 9.00 17.30
C ASN C 394 26.68 7.68 17.08
N LEU C 395 25.99 6.66 16.58
CA LEU C 395 26.57 5.33 16.24
C LEU C 395 27.68 5.51 15.20
N SER C 396 27.38 6.18 14.09
CA SER C 396 28.32 6.46 12.97
C SER C 396 29.59 7.13 13.50
N SER C 397 29.43 8.19 14.30
CA SER C 397 30.53 9.01 14.89
C SER C 397 31.47 8.14 15.74
N LEU C 398 30.90 7.35 16.67
CA LEU C 398 31.66 6.52 17.64
C LEU C 398 32.40 5.40 16.90
N THR C 399 31.76 4.75 15.92
CA THR C 399 32.39 3.75 15.01
C THR C 399 33.52 4.46 14.24
N GLY C 400 33.27 5.68 13.77
CA GLY C 400 34.28 6.57 13.14
C GLY C 400 35.50 6.75 14.02
N ILE C 401 35.29 7.16 15.28
CA ILE C 401 36.38 7.40 16.29
C ILE C 401 37.23 6.13 16.43
N VAL C 402 36.59 4.99 16.75
CA VAL C 402 37.25 3.68 17.02
C VAL C 402 38.12 3.30 15.80
N ALA C 403 37.52 3.27 14.60
CA ALA C 403 38.16 2.86 13.33
C ALA C 403 39.40 3.72 13.06
N GLY C 404 39.25 5.05 13.13
CA GLY C 404 40.32 6.02 12.82
C GLY C 404 41.45 5.98 13.82
N LEU C 405 41.15 6.06 15.12
CA LEU C 405 42.16 5.97 16.22
C LEU C 405 42.86 4.61 16.16
N GLY C 406 42.10 3.54 15.89
CA GLY C 406 42.63 2.19 15.63
C GLY C 406 43.69 2.18 14.54
N GLY C 407 43.39 2.83 13.41
CA GLY C 407 44.30 2.97 12.25
C GLY C 407 45.57 3.74 12.61
N ILE C 408 45.43 4.87 13.31
CA ILE C 408 46.55 5.77 13.70
C ILE C 408 47.45 5.06 14.74
N VAL C 409 46.84 4.48 15.79
CA VAL C 409 47.58 3.85 16.92
C VAL C 409 48.33 2.61 16.40
N ILE C 410 47.75 1.85 15.45
CA ILE C 410 48.41 0.68 14.79
C ILE C 410 49.63 1.16 14.01
N LEU C 411 49.50 2.25 13.24
CA LEU C 411 50.63 2.87 12.49
C LEU C 411 51.70 3.35 13.48
N TRP C 412 51.29 3.99 14.58
CA TRP C 412 52.20 4.46 15.66
C TRP C 412 52.99 3.27 16.24
N ALA C 413 52.28 2.27 16.77
CA ALA C 413 52.85 1.05 17.38
C ALA C 413 53.75 0.31 16.38
N GLY C 414 53.28 0.19 15.13
CA GLY C 414 54.02 -0.40 14.01
C GLY C 414 55.38 0.23 13.81
N ALA C 415 55.41 1.55 13.58
CA ALA C 415 56.63 2.37 13.40
C ALA C 415 57.57 2.19 14.60
N TYR C 416 57.02 2.22 15.82
CA TYR C 416 57.74 1.99 17.09
C TYR C 416 58.42 0.61 17.07
N ASN C 417 57.66 -0.44 16.71
CA ASN C 417 58.17 -1.83 16.62
C ASN C 417 59.22 -1.97 15.50
N VAL C 418 59.06 -1.22 14.39
CA VAL C 418 60.02 -1.21 13.25
C VAL C 418 61.33 -0.54 13.71
N ILE C 419 61.24 0.65 14.33
CA ILE C 419 62.39 1.42 14.89
C ILE C 419 63.18 0.52 15.86
N LYS C 420 62.48 -0.22 16.73
CA LYS C 420 63.09 -1.16 17.71
C LYS C 420 63.65 -2.40 17.00
N GLY C 421 63.29 -2.64 15.74
CA GLY C 421 63.83 -3.72 14.90
C GLY C 421 63.18 -5.05 15.20
N ASN C 422 61.87 -5.05 15.48
CA ASN C 422 61.06 -6.27 15.76
C ASN C 422 60.57 -6.85 14.42
N MET C 423 60.02 -5.99 13.56
CA MET C 423 59.57 -6.32 12.17
C MET C 423 60.21 -5.35 11.18
N SER C 424 60.20 -5.70 9.89
CA SER C 424 60.69 -4.86 8.77
C SER C 424 59.63 -3.81 8.41
N GLY C 425 59.98 -2.85 7.55
CA GLY C 425 59.11 -1.75 7.10
C GLY C 425 57.87 -2.26 6.38
N GLY C 426 58.06 -2.89 5.22
CA GLY C 426 56.99 -3.42 4.35
C GLY C 426 56.04 -4.36 5.08
N GLN C 427 56.54 -5.07 6.09
CA GLN C 427 55.75 -6.01 6.96
C GLN C 427 54.58 -5.26 7.61
N LEU C 428 54.79 -4.00 8.04
CA LEU C 428 53.75 -3.14 8.66
C LEU C 428 52.65 -2.85 7.63
N LEU C 429 53.03 -2.51 6.39
CA LEU C 429 52.08 -2.20 5.28
C LEU C 429 51.32 -3.47 4.90
N ALA C 430 52.00 -4.62 4.87
CA ALA C 430 51.40 -5.97 4.65
C ALA C 430 50.40 -6.27 5.78
N PHE C 431 50.75 -5.96 7.03
CA PHE C 431 49.85 -6.08 8.21
C PHE C 431 48.62 -5.17 8.03
N ASN C 432 48.86 -3.91 7.64
CA ASN C 432 47.79 -2.90 7.35
C ASN C 432 46.89 -3.41 6.22
N ALA C 433 47.44 -4.10 5.22
CA ALA C 433 46.68 -4.73 4.11
C ALA C 433 45.85 -5.90 4.63
N LEU C 434 46.41 -6.76 5.49
CA LEU C 434 45.74 -7.99 5.99
C LEU C 434 44.56 -7.65 6.92
N LEU C 435 44.57 -6.48 7.58
CA LEU C 435 43.44 -6.01 8.44
C LEU C 435 42.12 -6.03 7.63
N ALA C 436 42.19 -5.68 6.34
CA ALA C 436 41.04 -5.72 5.38
C ALA C 436 40.40 -7.11 5.39
N TYR C 437 41.20 -8.18 5.48
CA TYR C 437 40.75 -9.60 5.41
C TYR C 437 40.53 -10.20 6.81
N PHE C 438 40.79 -9.44 7.89
CA PHE C 438 40.56 -9.87 9.30
C PHE C 438 39.34 -9.16 9.90
N LEU C 439 39.19 -7.84 9.70
CA LEU C 439 38.11 -7.02 10.32
C LEU C 439 36.77 -7.27 9.61
N THR C 440 36.77 -7.33 8.27
CA THR C 440 35.57 -7.48 7.39
C THR C 440 34.77 -8.73 7.82
N PRO C 441 35.38 -9.94 7.90
CA PRO C 441 34.66 -11.13 8.35
C PRO C 441 33.94 -10.98 9.70
N VAL C 442 34.64 -10.48 10.71
CA VAL C 442 34.16 -10.40 12.13
C VAL C 442 33.12 -9.27 12.23
N LYS C 443 33.30 -8.18 11.47
CA LYS C 443 32.29 -7.11 11.29
C LYS C 443 30.99 -7.74 10.76
N ASN C 444 31.09 -8.45 9.62
CA ASN C 444 29.96 -9.16 8.96
C ASN C 444 29.35 -10.19 9.92
N LEU C 445 30.18 -10.86 10.74
CA LEU C 445 29.74 -11.88 11.74
C LEU C 445 28.98 -11.20 12.88
N ILE C 446 29.44 -10.04 13.36
CA ILE C 446 28.79 -9.25 14.45
C ILE C 446 27.52 -8.56 13.93
N ASP C 447 27.48 -8.16 12.66
CA ASP C 447 26.32 -7.45 12.04
C ASP C 447 25.21 -8.43 11.61
N LEU C 448 25.20 -9.67 12.14
CA LEU C 448 24.26 -10.76 11.74
C LEU C 448 23.18 -10.99 12.81
N GLN C 449 23.43 -10.57 14.06
CA GLN C 449 22.58 -10.90 15.24
C GLN C 449 21.20 -10.23 15.12
N PRO C 450 21.08 -8.96 14.68
CA PRO C 450 19.76 -8.35 14.45
C PRO C 450 18.94 -9.06 13.36
N LEU C 451 19.60 -9.46 12.26
CA LEU C 451 18.98 -10.18 11.12
C LEU C 451 18.43 -11.54 11.61
N ILE C 452 19.25 -12.30 12.34
CA ILE C 452 18.87 -13.64 12.92
C ILE C 452 17.63 -13.49 13.82
N GLN C 453 17.63 -12.48 14.71
CA GLN C 453 16.55 -12.27 15.71
C GLN C 453 15.22 -11.98 14.99
N THR C 454 15.21 -11.04 14.03
CA THR C 454 14.03 -10.69 13.21
C THR C 454 13.66 -11.86 12.29
N ALA C 455 14.64 -12.67 11.88
CA ALA C 455 14.45 -13.88 11.04
C ALA C 455 13.71 -14.97 11.82
N VAL C 456 14.13 -15.25 13.05
CA VAL C 456 13.51 -16.30 13.94
C VAL C 456 12.05 -15.89 14.24
N VAL C 457 11.80 -14.58 14.44
CA VAL C 457 10.44 -13.98 14.60
C VAL C 457 9.59 -14.35 13.38
N ALA C 458 10.08 -14.01 12.18
CA ALA C 458 9.43 -14.25 10.87
C ALA C 458 9.17 -15.76 10.69
N SER C 459 10.20 -16.58 10.93
CA SER C 459 10.17 -18.06 10.82
C SER C 459 9.02 -18.64 11.65
N ASN C 460 8.91 -18.21 12.92
CA ASN C 460 7.82 -18.59 13.85
C ASN C 460 6.49 -18.05 13.31
N ARG C 461 6.44 -16.76 12.93
CA ARG C 461 5.24 -16.07 12.38
C ARG C 461 4.67 -16.87 11.19
N LEU C 462 5.54 -17.38 10.31
CA LEU C 462 5.15 -18.12 9.07
C LEU C 462 4.84 -19.59 9.41
N GLY C 463 5.73 -20.25 10.15
CA GLY C 463 5.64 -21.68 10.49
C GLY C 463 4.39 -22.04 11.27
N GLU C 464 3.95 -21.14 12.17
CA GLU C 464 2.70 -21.29 12.97
C GLU C 464 1.49 -21.46 12.05
N ILE C 465 1.46 -20.74 10.91
CA ILE C 465 0.36 -20.80 9.90
C ILE C 465 0.48 -22.13 9.13
N LEU C 466 1.72 -22.58 8.83
CA LEU C 466 1.98 -23.83 8.07
C LEU C 466 1.61 -25.08 8.89
N GLU C 467 1.51 -24.95 10.22
CA GLU C 467 1.17 -26.07 11.14
C GLU C 467 -0.35 -26.19 11.34
N LEU C 468 -1.15 -25.24 10.84
CA LEU C 468 -2.64 -25.26 10.98
C LEU C 468 -3.21 -26.42 10.16
N ALA C 469 -4.25 -27.08 10.68
CA ALA C 469 -4.93 -28.24 10.07
C ALA C 469 -5.73 -27.77 8.84
N THR C 470 -5.38 -28.28 7.66
CA THR C 470 -6.09 -28.02 6.37
C THR C 470 -7.53 -28.52 6.44
N GLU C 471 -8.39 -27.94 5.58
CA GLU C 471 -9.87 -28.18 5.52
C GLU C 471 -10.18 -29.65 5.25
N LYS C 472 -9.41 -30.29 4.35
CA LYS C 472 -9.64 -31.69 3.89
C LYS C 472 -9.46 -32.66 5.06
N GLU C 473 -8.45 -32.41 5.90
CA GLU C 473 -8.04 -33.29 7.05
C GLU C 473 -9.08 -33.26 8.18
N LEU C 474 -9.87 -32.20 8.30
CA LEU C 474 -10.86 -32.02 9.40
C LEU C 474 -12.13 -32.85 9.18
N ARG C 475 -12.22 -33.62 8.08
CA ARG C 475 -13.47 -34.31 7.66
C ARG C 475 -13.21 -35.80 7.37
N GLU C 476 -14.22 -36.64 7.65
CA GLU C 476 -14.30 -38.07 7.25
C GLU C 476 -15.65 -38.29 6.56
N ASP C 477 -15.65 -38.97 5.41
CA ASP C 477 -16.83 -39.05 4.49
C ASP C 477 -17.13 -40.50 4.11
N SER C 478 -18.20 -40.68 3.32
CA SER C 478 -18.77 -41.98 2.87
C SER C 478 -19.49 -41.75 1.54
N ASP C 479 -18.75 -41.25 0.55
CA ASP C 479 -19.27 -40.64 -0.72
C ASP C 479 -19.87 -41.71 -1.63
N ASP C 480 -19.34 -42.94 -1.57
CA ASP C 480 -19.81 -44.10 -2.37
C ASP C 480 -21.23 -44.51 -1.93
N PHE C 481 -21.66 -44.14 -0.71
CA PHE C 481 -22.98 -44.50 -0.13
C PHE C 481 -24.06 -43.60 -0.75
N VAL C 482 -23.77 -42.31 -0.97
CA VAL C 482 -24.68 -41.33 -1.63
C VAL C 482 -23.92 -40.59 -2.74
N ILE C 483 -24.25 -40.89 -3.99
CA ILE C 483 -23.61 -40.29 -5.20
C ILE C 483 -24.34 -38.98 -5.52
N SER C 484 -25.67 -39.00 -5.60
CA SER C 484 -26.53 -37.83 -5.94
C SER C 484 -26.83 -37.01 -4.68
N LEU C 485 -27.16 -35.73 -4.88
CA LEU C 485 -27.59 -34.75 -3.84
C LEU C 485 -29.12 -34.70 -3.82
N LYS C 486 -29.73 -34.42 -4.99
CA LYS C 486 -31.18 -34.16 -5.23
C LYS C 486 -32.05 -34.88 -4.19
N GLY C 487 -32.82 -34.10 -3.41
CA GLY C 487 -33.72 -34.59 -2.35
C GLY C 487 -34.19 -33.47 -1.44
N ASP C 488 -34.97 -33.81 -0.40
CA ASP C 488 -35.52 -32.84 0.58
C ASP C 488 -34.38 -32.40 1.51
N ILE C 489 -34.12 -31.08 1.59
CA ILE C 489 -33.10 -30.45 2.48
C ILE C 489 -33.80 -30.06 3.78
N GLU C 490 -33.31 -30.52 4.94
CA GLU C 490 -33.88 -30.15 6.27
C GLU C 490 -32.75 -29.82 7.26
N PHE C 491 -33.07 -28.96 8.24
CA PHE C 491 -32.19 -28.52 9.36
C PHE C 491 -32.80 -29.07 10.66
N ARG C 492 -31.95 -29.51 11.60
CA ARG C 492 -32.37 -30.02 12.93
C ARG C 492 -31.55 -29.33 14.02
N ASN C 493 -32.17 -28.41 14.77
CA ASN C 493 -31.65 -27.78 16.01
C ASN C 493 -30.33 -27.05 15.72
N VAL C 494 -30.21 -26.44 14.53
CA VAL C 494 -28.94 -25.91 13.97
C VAL C 494 -28.62 -24.57 14.63
N ASP C 495 -27.82 -24.59 15.70
CA ASP C 495 -27.24 -23.37 16.33
C ASP C 495 -25.93 -23.04 15.62
N PHE C 496 -25.59 -21.74 15.54
CA PHE C 496 -24.32 -21.27 14.91
C PHE C 496 -23.84 -19.95 15.54
N ARG C 497 -22.54 -19.88 15.78
CA ARG C 497 -21.79 -18.70 16.29
C ARG C 497 -20.47 -18.60 15.53
N TYR C 498 -20.15 -17.42 14.98
CA TYR C 498 -18.96 -17.15 14.12
C TYR C 498 -17.68 -17.49 14.91
N GLY C 499 -17.41 -16.74 15.98
CA GLY C 499 -16.31 -16.98 16.94
C GLY C 499 -16.84 -17.51 18.26
N LEU C 500 -16.37 -16.96 19.38
CA LEU C 500 -16.93 -17.15 20.74
C LEU C 500 -17.66 -15.87 21.15
N ARG C 501 -18.74 -15.54 20.44
CA ARG C 501 -19.65 -14.38 20.70
C ARG C 501 -21.10 -14.88 20.69
N LYS C 502 -22.07 -13.95 20.75
CA LYS C 502 -23.53 -14.25 20.74
C LYS C 502 -23.87 -15.12 19.53
N PRO C 503 -24.60 -16.25 19.70
CA PRO C 503 -24.93 -17.13 18.58
C PRO C 503 -25.88 -16.44 17.59
N VAL C 504 -25.51 -16.43 16.30
CA VAL C 504 -26.25 -15.71 15.21
C VAL C 504 -27.58 -16.45 14.99
N LEU C 505 -27.51 -17.78 14.88
CA LEU C 505 -28.68 -18.69 14.71
C LEU C 505 -28.80 -19.55 15.98
N LYS C 506 -29.98 -19.53 16.62
CA LYS C 506 -30.38 -20.44 17.73
C LYS C 506 -31.05 -21.69 17.12
N ASN C 507 -31.76 -22.48 17.93
CA ASN C 507 -32.49 -23.71 17.50
C ASN C 507 -33.33 -23.40 16.25
N ILE C 508 -33.03 -24.05 15.12
CA ILE C 508 -33.71 -23.88 13.80
C ILE C 508 -34.19 -25.25 13.32
N ASN C 509 -35.39 -25.28 12.71
CA ASN C 509 -36.00 -26.45 12.02
C ASN C 509 -36.52 -25.99 10.65
N LEU C 510 -35.97 -26.53 9.55
CA LEU C 510 -36.38 -26.22 8.15
C LEU C 510 -36.82 -27.51 7.44
N THR C 511 -37.42 -27.36 6.26
CA THR C 511 -37.86 -28.47 5.37
C THR C 511 -38.03 -27.93 3.94
N ILE C 512 -37.04 -28.18 3.08
CA ILE C 512 -36.97 -27.71 1.66
C ILE C 512 -37.25 -28.91 0.75
N PRO C 513 -38.48 -29.07 0.21
CA PRO C 513 -38.78 -30.15 -0.73
C PRO C 513 -38.14 -29.95 -2.12
N LYS C 514 -37.74 -31.06 -2.75
CA LYS C 514 -37.00 -31.10 -4.05
C LYS C 514 -37.77 -30.37 -5.16
N GLY C 515 -37.07 -29.51 -5.91
CA GLY C 515 -37.55 -28.82 -7.13
C GLY C 515 -38.71 -27.87 -6.86
N LYS C 516 -38.55 -27.01 -5.84
CA LYS C 516 -39.51 -25.91 -5.50
C LYS C 516 -38.73 -24.65 -5.13
N THR C 517 -39.17 -23.49 -5.62
CA THR C 517 -38.50 -22.17 -5.42
C THR C 517 -38.87 -21.66 -4.01
N VAL C 518 -38.10 -22.09 -3.00
CA VAL C 518 -38.30 -21.72 -1.56
C VAL C 518 -37.56 -20.41 -1.30
N ALA C 519 -38.19 -19.47 -0.58
CA ALA C 519 -37.65 -18.13 -0.26
C ALA C 519 -37.36 -18.03 1.25
N ILE C 520 -36.17 -17.54 1.61
CA ILE C 520 -35.81 -17.21 3.03
C ILE C 520 -35.70 -15.68 3.15
N VAL C 521 -36.71 -15.04 3.75
CA VAL C 521 -36.74 -13.58 4.04
C VAL C 521 -36.44 -13.37 5.53
N GLY C 522 -35.93 -12.19 5.91
CA GLY C 522 -35.60 -11.85 7.30
C GLY C 522 -35.28 -10.37 7.46
N GLU C 523 -34.78 -10.00 8.66
CA GLU C 523 -34.43 -8.61 9.05
C GLU C 523 -32.92 -8.43 9.03
N SER C 524 -32.17 -9.37 9.63
CA SER C 524 -30.69 -9.39 9.69
C SER C 524 -30.12 -10.05 8.44
N GLY C 525 -29.39 -9.29 7.62
CA GLY C 525 -28.70 -9.78 6.39
C GLY C 525 -27.62 -10.79 6.70
N SER C 526 -26.92 -10.63 7.82
CA SER C 526 -25.80 -11.50 8.30
C SER C 526 -26.30 -12.93 8.50
N GLY C 527 -27.30 -13.12 9.36
CA GLY C 527 -27.93 -14.42 9.65
C GLY C 527 -28.48 -15.10 8.41
N LYS C 528 -29.06 -14.30 7.49
CA LYS C 528 -29.64 -14.76 6.20
C LYS C 528 -28.54 -15.34 5.30
N THR C 529 -27.47 -14.56 5.05
CA THR C 529 -26.32 -14.96 4.19
C THR C 529 -25.54 -16.10 4.86
N THR C 530 -25.43 -16.08 6.20
CA THR C 530 -24.80 -17.15 7.02
C THR C 530 -25.50 -18.49 6.77
N LEU C 531 -26.84 -18.49 6.70
CA LEU C 531 -27.67 -19.72 6.56
C LEU C 531 -27.44 -20.37 5.19
N ALA C 532 -27.09 -19.59 4.17
CA ALA C 532 -26.66 -20.09 2.83
C ALA C 532 -25.25 -20.67 2.95
N LYS C 533 -24.28 -19.85 3.39
CA LYS C 533 -22.84 -20.22 3.55
C LYS C 533 -22.71 -21.49 4.40
N LEU C 534 -23.61 -21.70 5.37
CA LEU C 534 -23.68 -22.93 6.20
C LEU C 534 -24.08 -24.14 5.34
N LEU C 535 -25.10 -23.99 4.50
CA LEU C 535 -25.69 -25.09 3.67
C LEU C 535 -24.63 -25.70 2.75
N MET C 536 -23.70 -24.89 2.25
CA MET C 536 -22.58 -25.31 1.36
C MET C 536 -21.50 -26.06 2.18
N ASN C 537 -21.52 -25.91 3.51
CA ASN C 537 -20.58 -26.56 4.47
C ASN C 537 -19.21 -25.88 4.37
N PHE C 538 -19.20 -24.54 4.28
CA PHE C 538 -17.99 -23.69 4.51
C PHE C 538 -17.64 -23.76 6.00
N TYR C 539 -18.65 -23.55 6.86
CA TYR C 539 -18.58 -23.70 8.33
C TYR C 539 -19.30 -25.00 8.73
N SER C 540 -19.32 -25.31 10.02
CA SER C 540 -20.02 -26.47 10.62
C SER C 540 -20.72 -26.05 11.90
N PRO C 541 -22.05 -26.22 12.04
CA PRO C 541 -22.76 -25.82 13.26
C PRO C 541 -22.41 -26.69 14.46
N GLU C 542 -22.14 -26.06 15.62
CA GLU C 542 -21.76 -26.73 16.89
C GLU C 542 -22.91 -27.62 17.35
N LYS C 543 -24.09 -27.04 17.56
CA LYS C 543 -25.33 -27.73 18.01
C LYS C 543 -26.28 -27.86 16.82
N GLY C 544 -26.81 -29.07 16.59
CA GLY C 544 -27.73 -29.42 15.49
C GLY C 544 -27.03 -30.14 14.35
N ASP C 545 -27.78 -30.46 13.28
CA ASP C 545 -27.22 -31.02 12.02
C ASP C 545 -28.15 -30.68 10.84
N ILE C 546 -27.64 -30.90 9.62
CA ILE C 546 -28.30 -30.56 8.32
C ILE C 546 -28.34 -31.84 7.47
N LEU C 547 -29.55 -32.22 7.01
CA LEU C 547 -29.82 -33.48 6.27
C LEU C 547 -30.24 -33.14 4.83
N ILE C 548 -29.47 -33.62 3.84
CA ILE C 548 -29.82 -33.61 2.39
C ILE C 548 -30.16 -35.06 1.98
N ASN C 549 -31.41 -35.30 1.58
CA ASN C 549 -31.91 -36.60 1.04
C ASN C 549 -31.83 -37.69 2.12
N GLY C 550 -31.96 -37.32 3.40
CA GLY C 550 -31.85 -38.23 4.55
C GLY C 550 -30.43 -38.72 4.79
N HIS C 551 -29.42 -37.90 4.46
CA HIS C 551 -27.98 -38.18 4.68
C HIS C 551 -27.29 -36.92 5.21
N SER C 552 -26.52 -37.06 6.29
CA SER C 552 -25.76 -35.96 6.94
C SER C 552 -24.71 -35.41 5.96
N ILE C 553 -24.61 -34.09 5.87
CA ILE C 553 -23.70 -33.36 4.93
C ILE C 553 -22.25 -33.75 5.25
N LYS C 554 -21.95 -33.96 6.54
CA LYS C 554 -20.61 -34.34 7.07
C LYS C 554 -20.14 -35.68 6.47
N ASN C 555 -21.07 -36.51 5.97
CA ASN C 555 -20.78 -37.83 5.34
C ASN C 555 -20.63 -37.71 3.82
N ILE C 556 -20.98 -36.58 3.20
CA ILE C 556 -20.91 -36.37 1.72
C ILE C 556 -19.54 -35.76 1.39
N SER C 557 -19.04 -36.01 0.17
CA SER C 557 -17.74 -35.48 -0.35
C SER C 557 -17.80 -33.96 -0.44
N LEU C 558 -16.77 -33.27 0.05
CA LEU C 558 -16.61 -31.79 -0.03
C LEU C 558 -16.63 -31.36 -1.51
N GLU C 559 -15.88 -32.09 -2.35
CA GLU C 559 -15.73 -31.82 -3.82
C GLU C 559 -17.11 -31.78 -4.48
N LEU C 560 -17.91 -32.83 -4.29
CA LEU C 560 -19.25 -32.99 -4.91
C LEU C 560 -20.19 -31.89 -4.39
N ILE C 561 -20.25 -31.70 -3.06
CA ILE C 561 -21.10 -30.67 -2.38
C ILE C 561 -20.91 -29.32 -3.08
N ARG C 562 -19.67 -28.83 -3.13
CA ARG C 562 -19.32 -27.48 -3.65
C ARG C 562 -19.52 -27.43 -5.17
N LYS C 563 -19.27 -28.54 -5.88
CA LYS C 563 -19.42 -28.64 -7.35
C LYS C 563 -20.90 -28.68 -7.75
N LYS C 564 -21.79 -29.19 -6.89
CA LYS C 564 -23.23 -29.43 -7.19
C LYS C 564 -24.13 -28.29 -6.68
N ILE C 565 -23.57 -27.31 -5.95
CA ILE C 565 -24.34 -26.16 -5.37
C ILE C 565 -23.77 -24.85 -5.91
N ALA C 566 -24.63 -24.02 -6.51
CA ALA C 566 -24.30 -22.67 -7.04
C ALA C 566 -24.81 -21.61 -6.06
N PHE C 567 -23.96 -20.63 -5.72
CA PHE C 567 -24.25 -19.52 -4.78
C PHE C 567 -24.02 -18.18 -5.51
N VAL C 568 -25.11 -17.49 -5.86
CA VAL C 568 -25.09 -16.18 -6.59
C VAL C 568 -25.31 -15.05 -5.57
N SER C 569 -24.21 -14.41 -5.14
CA SER C 569 -24.20 -13.22 -4.25
C SER C 569 -24.32 -11.95 -5.10
N GLN C 570 -24.92 -10.90 -4.54
CA GLN C 570 -25.09 -9.58 -5.22
C GLN C 570 -23.75 -8.85 -5.27
N ASP C 571 -22.91 -9.01 -4.23
CA ASP C 571 -21.52 -8.50 -4.16
C ASP C 571 -20.60 -9.50 -4.86
N VAL C 572 -20.80 -9.70 -6.18
CA VAL C 572 -20.04 -10.68 -7.00
C VAL C 572 -18.61 -10.18 -7.18
N PHE C 573 -17.66 -11.12 -7.27
CA PHE C 573 -16.21 -10.90 -7.50
C PHE C 573 -15.88 -11.32 -8.94
N ILE C 574 -15.06 -10.53 -9.65
CA ILE C 574 -14.57 -10.82 -11.03
C ILE C 574 -13.04 -10.65 -11.05
N PHE C 575 -12.32 -11.73 -11.30
CA PHE C 575 -10.83 -11.75 -11.43
C PHE C 575 -10.44 -11.26 -12.83
N SER C 576 -9.38 -10.46 -12.91
CA SER C 576 -8.83 -9.87 -14.16
C SER C 576 -8.29 -10.97 -15.08
N GLY C 577 -8.96 -11.20 -16.21
CA GLY C 577 -8.60 -12.21 -17.23
C GLY C 577 -9.42 -11.99 -18.50
N THR C 578 -9.60 -13.03 -19.32
CA THR C 578 -10.50 -13.02 -20.51
C THR C 578 -11.91 -13.39 -20.04
N VAL C 579 -12.94 -12.69 -20.54
CA VAL C 579 -14.38 -12.91 -20.15
C VAL C 579 -14.71 -14.40 -20.29
N LYS C 580 -14.36 -14.98 -21.44
CA LYS C 580 -14.61 -16.41 -21.80
C LYS C 580 -14.01 -17.32 -20.73
N GLU C 581 -12.72 -17.13 -20.40
CA GLU C 581 -11.99 -17.94 -19.38
C GLU C 581 -12.57 -17.67 -17.99
N ASN C 582 -12.83 -16.39 -17.69
CA ASN C 582 -13.40 -15.90 -16.40
C ASN C 582 -14.77 -16.55 -16.16
N LEU C 583 -15.54 -16.78 -17.22
CA LEU C 583 -16.93 -17.32 -17.13
C LEU C 583 -16.93 -18.80 -16.70
N CYS C 584 -15.90 -19.57 -17.08
CA CYS C 584 -15.81 -21.04 -16.80
C CYS C 584 -14.59 -21.36 -15.93
N LEU C 585 -14.23 -20.47 -15.00
CA LEU C 585 -13.09 -20.65 -14.06
C LEU C 585 -13.33 -21.92 -13.24
N GLY C 586 -12.27 -22.69 -13.00
CA GLY C 586 -12.31 -23.92 -12.16
C GLY C 586 -12.68 -25.17 -12.94
N ASN C 587 -13.33 -25.04 -14.11
CA ASN C 587 -13.75 -26.19 -14.97
C ASN C 587 -13.13 -26.00 -16.37
N GLU C 588 -11.99 -26.65 -16.61
CA GLU C 588 -11.28 -26.66 -17.92
C GLU C 588 -11.80 -27.84 -18.76
N ASN C 589 -11.46 -27.83 -20.05
CA ASN C 589 -11.96 -28.78 -21.09
C ASN C 589 -13.48 -28.59 -21.29
N VAL C 590 -13.96 -27.36 -21.10
CA VAL C 590 -15.40 -26.96 -21.30
C VAL C 590 -15.52 -26.41 -22.72
N ASP C 591 -16.45 -26.95 -23.52
CA ASP C 591 -16.67 -26.54 -24.93
C ASP C 591 -17.40 -25.19 -24.96
N MET C 592 -16.98 -24.31 -25.87
CA MET C 592 -17.56 -22.95 -26.08
C MET C 592 -19.08 -23.07 -26.33
N ASP C 593 -19.49 -24.09 -27.07
CA ASP C 593 -20.91 -24.37 -27.47
C ASP C 593 -21.84 -24.40 -26.25
N GLU C 594 -21.35 -24.89 -25.10
CA GLU C 594 -22.07 -24.82 -23.80
C GLU C 594 -22.07 -23.37 -23.32
N ILE C 595 -20.87 -22.77 -23.24
CA ILE C 595 -20.62 -21.40 -22.66
C ILE C 595 -21.59 -20.41 -23.33
N ILE C 596 -21.66 -20.43 -24.66
CA ILE C 596 -22.53 -19.53 -25.48
C ILE C 596 -24.01 -19.83 -25.18
N LYS C 597 -24.38 -21.10 -24.95
CA LYS C 597 -25.78 -21.50 -24.60
C LYS C 597 -26.12 -20.93 -23.21
N ALA C 598 -25.21 -21.09 -22.25
CA ALA C 598 -25.33 -20.56 -20.86
C ALA C 598 -25.37 -19.03 -20.92
N ALA C 599 -24.39 -18.42 -21.60
CA ALA C 599 -24.22 -16.96 -21.77
C ALA C 599 -25.56 -16.30 -22.15
N LYS C 600 -26.29 -16.87 -23.11
CA LYS C 600 -27.63 -16.40 -23.56
C LYS C 600 -28.58 -16.28 -22.35
N MET C 601 -28.60 -17.29 -21.46
CA MET C 601 -29.58 -17.38 -20.34
C MET C 601 -29.43 -16.18 -19.39
N ALA C 602 -28.20 -15.70 -19.21
CA ALA C 602 -27.88 -14.51 -18.37
C ALA C 602 -28.10 -13.20 -19.17
N ASN C 603 -28.24 -13.30 -20.50
CA ASN C 603 -28.26 -12.15 -21.45
C ASN C 603 -26.88 -11.48 -21.43
N ALA C 604 -25.82 -12.29 -21.45
CA ALA C 604 -24.41 -11.85 -21.52
C ALA C 604 -24.21 -11.14 -22.87
N HIS C 605 -24.54 -11.82 -23.97
CA HIS C 605 -24.33 -11.42 -25.40
C HIS C 605 -24.51 -9.91 -25.59
N ASP C 606 -25.64 -9.38 -25.13
CA ASP C 606 -26.14 -7.99 -25.42
C ASP C 606 -25.04 -6.95 -25.17
N PHE C 607 -24.29 -7.09 -24.07
CA PHE C 607 -23.12 -6.24 -23.71
C PHE C 607 -21.81 -6.91 -24.16
N ILE C 608 -21.76 -8.24 -24.26
CA ILE C 608 -20.56 -9.02 -24.74
C ILE C 608 -20.24 -8.64 -26.19
N GLU C 609 -21.27 -8.49 -27.06
CA GLU C 609 -21.09 -8.12 -28.49
C GLU C 609 -20.46 -6.73 -28.60
N LYS C 610 -20.81 -5.81 -27.68
CA LYS C 610 -20.38 -4.38 -27.69
C LYS C 610 -18.98 -4.21 -27.07
N LEU C 611 -18.43 -5.26 -26.43
CA LEU C 611 -17.02 -5.26 -25.96
C LEU C 611 -16.09 -5.26 -27.18
N PRO C 612 -14.89 -4.64 -27.11
CA PRO C 612 -14.01 -4.49 -28.27
C PRO C 612 -13.72 -5.82 -28.99
N LEU C 613 -13.30 -6.84 -28.23
CA LEU C 613 -13.13 -8.24 -28.70
C LEU C 613 -14.31 -9.05 -28.15
N LYS C 614 -14.98 -9.84 -29.01
CA LYS C 614 -16.25 -10.54 -28.70
C LYS C 614 -16.16 -11.18 -27.31
N TYR C 615 -15.25 -12.14 -27.12
CA TYR C 615 -15.19 -13.04 -25.93
C TYR C 615 -13.84 -12.96 -25.19
N ASP C 616 -12.76 -12.49 -25.83
CA ASP C 616 -11.40 -12.44 -25.23
C ASP C 616 -11.09 -11.01 -24.77
N THR C 617 -12.10 -10.25 -24.32
CA THR C 617 -11.93 -8.92 -23.70
C THR C 617 -11.17 -9.10 -22.38
N PHE C 618 -10.07 -8.38 -22.20
CA PHE C 618 -9.32 -8.36 -20.92
C PHE C 618 -10.08 -7.46 -19.93
N LEU C 619 -10.68 -8.08 -18.92
CA LEU C 619 -11.49 -7.41 -17.87
C LEU C 619 -10.55 -6.62 -16.94
N ASN C 620 -10.99 -5.43 -16.51
CA ASN C 620 -10.27 -4.60 -15.53
C ASN C 620 -10.49 -5.18 -14.12
N GLU C 621 -9.59 -4.82 -13.20
CA GLU C 621 -9.52 -5.32 -11.80
C GLU C 621 -10.92 -5.26 -11.18
N SER C 622 -11.45 -6.42 -10.74
CA SER C 622 -12.79 -6.59 -10.12
C SER C 622 -13.89 -6.05 -11.05
N GLY C 623 -13.75 -6.28 -12.37
CA GLY C 623 -14.68 -5.83 -13.42
C GLY C 623 -15.07 -4.38 -13.25
N ALA C 624 -14.07 -3.48 -13.08
CA ALA C 624 -14.25 -2.03 -12.83
C ALA C 624 -14.96 -1.38 -14.03
N ASN C 625 -14.47 -1.66 -15.25
CA ASN C 625 -15.03 -1.14 -16.53
C ASN C 625 -16.47 -1.65 -16.71
N LEU C 626 -16.72 -2.94 -16.41
CA LEU C 626 -18.07 -3.56 -16.50
C LEU C 626 -19.02 -2.91 -15.49
N SER C 627 -20.27 -2.68 -15.90
CA SER C 627 -21.38 -2.16 -15.04
C SER C 627 -21.80 -3.23 -14.03
N GLU C 628 -22.33 -2.80 -12.89
CA GLU C 628 -22.78 -3.69 -11.77
C GLU C 628 -23.81 -4.69 -12.32
N GLY C 629 -24.80 -4.21 -13.07
CA GLY C 629 -25.80 -5.03 -13.77
C GLY C 629 -25.15 -6.07 -14.67
N GLN C 630 -24.16 -5.63 -15.47
CA GLN C 630 -23.38 -6.52 -16.39
C GLN C 630 -22.69 -7.60 -15.57
N LYS C 631 -21.98 -7.21 -14.50
CA LYS C 631 -21.22 -8.12 -13.60
C LYS C 631 -22.13 -9.23 -13.04
N GLN C 632 -23.34 -8.89 -12.59
CA GLN C 632 -24.33 -9.86 -12.04
C GLN C 632 -24.60 -10.95 -13.07
N ARG C 633 -24.96 -10.53 -14.31
CA ARG C 633 -25.32 -11.44 -15.43
C ARG C 633 -24.18 -12.46 -15.63
N LEU C 634 -22.92 -12.05 -15.48
CA LEU C 634 -21.74 -12.95 -15.53
C LEU C 634 -21.80 -13.97 -14.38
N ALA C 635 -22.20 -13.53 -13.18
CA ALA C 635 -22.34 -14.38 -11.97
C ALA C 635 -23.35 -15.51 -12.25
N ILE C 636 -24.52 -15.14 -12.79
CA ILE C 636 -25.63 -16.09 -13.14
C ILE C 636 -25.11 -17.04 -14.23
N ALA C 637 -24.43 -16.51 -15.25
CA ALA C 637 -23.82 -17.30 -16.36
C ALA C 637 -22.82 -18.31 -15.79
N ARG C 638 -21.97 -17.88 -14.85
CA ARG C 638 -21.03 -18.75 -14.09
C ARG C 638 -21.80 -19.86 -13.37
N ALA C 639 -22.90 -19.50 -12.68
CA ALA C 639 -23.74 -20.42 -11.88
C ALA C 639 -24.40 -21.46 -12.79
N LEU C 640 -25.07 -21.03 -13.86
CA LEU C 640 -25.84 -21.91 -14.78
C LEU C 640 -24.90 -22.83 -15.55
N LEU C 641 -23.66 -22.40 -15.83
CA LEU C 641 -22.59 -23.27 -16.45
C LEU C 641 -22.34 -24.49 -15.57
N LYS C 642 -22.38 -24.32 -14.24
CA LYS C 642 -22.11 -25.39 -13.24
C LYS C 642 -23.14 -26.53 -13.39
N LYS C 643 -24.39 -26.19 -13.78
CA LYS C 643 -25.55 -27.12 -13.90
C LYS C 643 -25.78 -27.79 -12.55
N PRO C 644 -26.11 -27.01 -11.49
CA PRO C 644 -26.16 -27.53 -10.12
C PRO C 644 -27.50 -28.19 -9.77
N ASP C 645 -27.58 -28.79 -8.58
CA ASP C 645 -28.80 -29.42 -7.99
C ASP C 645 -29.49 -28.43 -7.05
N ILE C 646 -28.73 -27.50 -6.43
CA ILE C 646 -29.26 -26.39 -5.59
C ILE C 646 -28.71 -25.06 -6.15
N LEU C 647 -29.59 -24.09 -6.37
CA LEU C 647 -29.21 -22.72 -6.81
C LEU C 647 -29.64 -21.72 -5.71
N ILE C 648 -28.65 -21.14 -5.01
CA ILE C 648 -28.84 -20.21 -3.85
C ILE C 648 -28.60 -18.78 -4.35
N LEU C 649 -29.68 -18.01 -4.56
CA LEU C 649 -29.61 -16.57 -4.96
C LEU C 649 -29.45 -15.69 -3.72
N ASP C 650 -28.94 -14.48 -3.91
CA ASP C 650 -28.83 -13.42 -2.87
C ASP C 650 -29.16 -12.05 -3.48
N GLU C 651 -30.05 -11.31 -2.81
CA GLU C 651 -30.39 -9.89 -3.09
C GLU C 651 -29.97 -9.06 -1.85
N ALA C 652 -28.98 -9.54 -1.09
CA ALA C 652 -28.51 -8.94 0.18
C ALA C 652 -27.50 -7.82 -0.14
N THR C 653 -27.64 -6.67 0.53
CA THR C 653 -26.85 -5.42 0.32
C THR C 653 -26.94 -5.02 -1.16
N SER C 654 -28.16 -4.94 -1.69
CA SER C 654 -28.49 -4.70 -3.11
C SER C 654 -29.24 -3.36 -3.29
N ASN C 655 -29.30 -2.88 -4.53
CA ASN C 655 -30.12 -1.72 -4.96
C ASN C 655 -31.49 -2.22 -5.43
N LEU C 656 -31.50 -3.28 -6.24
CA LEU C 656 -32.70 -3.89 -6.91
C LEU C 656 -33.32 -2.85 -7.85
N ASP C 657 -32.61 -2.58 -8.95
CA ASP C 657 -32.97 -1.57 -9.98
C ASP C 657 -34.24 -1.99 -10.75
N SER C 658 -34.58 -3.28 -10.73
CA SER C 658 -35.82 -3.90 -11.30
C SER C 658 -35.67 -4.16 -12.80
N ILE C 659 -34.48 -3.92 -13.37
CA ILE C 659 -34.11 -4.28 -14.77
C ILE C 659 -33.44 -5.67 -14.75
N THR C 660 -32.83 -6.05 -13.62
CA THR C 660 -32.13 -7.34 -13.38
C THR C 660 -33.13 -8.43 -12.95
N GLU C 661 -34.18 -8.06 -12.22
CA GLU C 661 -35.23 -8.98 -11.68
C GLU C 661 -35.85 -9.78 -12.84
N ASN C 662 -36.20 -9.10 -13.93
CA ASN C 662 -36.74 -9.69 -15.18
C ASN C 662 -35.77 -10.75 -15.71
N HIS C 663 -34.47 -10.43 -15.73
CA HIS C 663 -33.38 -11.31 -16.27
C HIS C 663 -33.12 -12.47 -15.31
N ILE C 664 -33.30 -12.26 -14.00
CA ILE C 664 -33.27 -13.31 -12.94
C ILE C 664 -34.45 -14.27 -13.16
N LYS C 665 -35.65 -13.72 -13.39
CA LYS C 665 -36.88 -14.52 -13.69
C LYS C 665 -36.67 -15.31 -14.99
N ASP C 666 -36.12 -14.66 -16.03
CA ASP C 666 -35.75 -15.28 -17.33
C ASP C 666 -34.82 -16.48 -17.10
N ALA C 667 -33.84 -16.33 -16.20
CA ALA C 667 -32.86 -17.38 -15.83
C ALA C 667 -33.55 -18.50 -15.05
N ILE C 668 -34.27 -18.15 -13.98
CA ILE C 668 -34.97 -19.10 -13.05
C ILE C 668 -35.98 -19.95 -13.83
N TYR C 669 -36.68 -19.35 -14.80
CA TYR C 669 -37.57 -20.10 -15.75
C TYR C 669 -36.69 -20.99 -16.66
N GLY C 670 -35.55 -20.45 -17.10
CA GLY C 670 -34.59 -21.12 -18.00
C GLY C 670 -33.88 -22.31 -17.36
N LEU C 671 -33.84 -22.40 -16.02
CA LEU C 671 -33.26 -23.56 -15.27
C LEU C 671 -33.77 -24.88 -15.88
N GLU C 672 -35.09 -25.08 -15.87
CA GLU C 672 -35.80 -26.15 -16.63
C GLU C 672 -35.34 -27.54 -16.13
N ASP C 673 -35.44 -27.77 -14.82
CA ASP C 673 -35.04 -29.05 -14.15
C ASP C 673 -35.85 -29.22 -12.86
N ASP C 674 -35.63 -30.33 -12.14
CA ASP C 674 -36.17 -30.60 -10.78
C ASP C 674 -35.09 -30.24 -9.74
N VAL C 675 -34.45 -29.09 -9.90
CA VAL C 675 -33.35 -28.58 -9.02
C VAL C 675 -33.93 -27.46 -8.15
N THR C 676 -33.52 -27.43 -6.87
CA THR C 676 -34.06 -26.50 -5.83
C THR C 676 -33.44 -25.11 -6.03
N VAL C 677 -34.25 -24.06 -5.87
CA VAL C 677 -33.83 -22.62 -5.92
C VAL C 677 -34.16 -21.99 -4.56
N ILE C 678 -33.13 -21.49 -3.86
CA ILE C 678 -33.29 -20.78 -2.54
C ILE C 678 -32.96 -19.29 -2.76
N ILE C 679 -33.98 -18.43 -2.68
CA ILE C 679 -33.84 -16.95 -2.85
C ILE C 679 -33.82 -16.30 -1.45
N ILE C 680 -32.93 -15.31 -1.28
CA ILE C 680 -32.75 -14.53 -0.03
C ILE C 680 -32.84 -13.03 -0.39
N ALA C 681 -34.07 -12.53 -0.56
CA ALA C 681 -34.39 -11.13 -0.92
C ALA C 681 -35.20 -10.49 0.22
N HIS C 682 -34.69 -9.39 0.78
CA HIS C 682 -35.32 -8.61 1.88
C HIS C 682 -36.64 -7.99 1.42
N ARG C 683 -36.71 -7.52 0.17
CA ARG C 683 -37.94 -6.94 -0.44
C ARG C 683 -38.98 -8.06 -0.63
N LEU C 684 -40.20 -7.85 -0.12
CA LEU C 684 -41.30 -8.85 -0.14
C LEU C 684 -41.97 -8.89 -1.54
N SER C 685 -41.87 -7.82 -2.32
CA SER C 685 -42.49 -7.65 -3.66
C SER C 685 -41.99 -8.72 -4.65
N THR C 686 -40.74 -9.18 -4.51
CA THR C 686 -40.07 -10.15 -5.42
C THR C 686 -40.47 -11.59 -5.10
N ILE C 687 -40.69 -11.92 -3.82
CA ILE C 687 -40.80 -13.32 -3.30
C ILE C 687 -42.27 -13.80 -3.25
N VAL C 688 -43.25 -12.90 -3.42
CA VAL C 688 -44.71 -13.21 -3.32
C VAL C 688 -45.08 -14.45 -4.15
N ASN C 689 -44.44 -14.65 -5.31
CA ASN C 689 -44.72 -15.77 -6.26
C ASN C 689 -44.14 -17.10 -5.76
N CYS C 690 -43.24 -17.10 -4.76
CA CYS C 690 -42.53 -18.31 -4.26
C CYS C 690 -43.49 -19.26 -3.54
N ASP C 691 -43.05 -20.52 -3.34
CA ASP C 691 -43.88 -21.63 -2.81
C ASP C 691 -43.98 -21.53 -1.28
N LYS C 692 -42.83 -21.55 -0.59
CA LYS C 692 -42.71 -21.50 0.89
C LYS C 692 -41.79 -20.33 1.28
N ILE C 693 -42.31 -19.35 2.02
CA ILE C 693 -41.55 -18.15 2.50
C ILE C 693 -41.21 -18.37 3.98
N TYR C 694 -39.93 -18.55 4.29
CA TYR C 694 -39.39 -18.73 5.67
C TYR C 694 -38.93 -17.37 6.20
N LEU C 695 -39.43 -16.95 7.37
CA LEU C 695 -39.11 -15.65 8.03
C LEU C 695 -38.06 -15.89 9.11
N LEU C 696 -36.83 -15.37 8.90
CA LEU C 696 -35.72 -15.38 9.88
C LEU C 696 -35.87 -14.15 10.79
N LYS C 697 -36.17 -14.36 12.08
CA LYS C 697 -36.33 -13.29 13.09
C LYS C 697 -35.39 -13.57 14.27
N ASP C 698 -34.36 -12.73 14.45
CA ASP C 698 -33.39 -12.77 15.58
C ASP C 698 -32.76 -14.17 15.67
N GLY C 699 -32.38 -14.75 14.51
CA GLY C 699 -31.79 -16.10 14.41
C GLY C 699 -32.76 -17.20 14.80
N GLU C 700 -34.05 -17.02 14.49
CA GLU C 700 -35.12 -18.03 14.73
C GLU C 700 -36.14 -17.98 13.59
N ILE C 701 -36.48 -19.13 13.01
CA ILE C 701 -37.63 -19.30 12.08
C ILE C 701 -38.91 -19.30 12.94
N VAL C 702 -39.73 -18.25 12.80
CA VAL C 702 -40.95 -18.02 13.61
C VAL C 702 -42.12 -18.76 12.95
N GLU C 703 -42.40 -18.46 11.68
CA GLU C 703 -43.54 -19.00 10.90
C GLU C 703 -43.07 -19.35 9.48
N SER C 704 -43.63 -20.42 8.91
CA SER C 704 -43.28 -20.99 7.57
C SER C 704 -44.55 -21.43 6.83
N GLY C 705 -44.50 -21.39 5.49
CA GLY C 705 -45.61 -21.74 4.59
C GLY C 705 -45.71 -20.79 3.41
N SER C 706 -46.81 -20.85 2.67
CA SER C 706 -47.09 -20.00 1.47
C SER C 706 -47.45 -18.58 1.92
N HIS C 707 -47.31 -17.61 0.99
CA HIS C 707 -47.60 -16.17 1.18
C HIS C 707 -49.02 -15.98 1.72
N THR C 708 -50.02 -16.52 1.02
CA THR C 708 -51.47 -16.41 1.30
C THR C 708 -51.77 -16.89 2.73
N GLU C 709 -51.27 -18.07 3.09
CA GLU C 709 -51.40 -18.70 4.43
C GLU C 709 -50.76 -17.81 5.51
N LEU C 710 -49.53 -17.34 5.26
CA LEU C 710 -48.76 -16.47 6.19
C LEU C 710 -49.50 -15.15 6.42
N ILE C 711 -50.03 -14.53 5.35
CA ILE C 711 -50.84 -13.27 5.43
C ILE C 711 -52.16 -13.57 6.15
N ALA C 712 -52.80 -14.72 5.84
CA ALA C 712 -54.08 -15.16 6.43
C ALA C 712 -53.93 -15.42 7.93
N LEU C 713 -52.78 -15.94 8.38
CA LEU C 713 -52.50 -16.28 9.80
C LEU C 713 -52.30 -14.99 10.63
N LYS C 714 -51.91 -13.89 9.99
CA LYS C 714 -51.69 -12.55 10.60
C LYS C 714 -50.61 -12.67 11.69
N GLY C 715 -49.41 -13.10 11.30
CA GLY C 715 -48.22 -13.18 12.16
C GLY C 715 -47.35 -11.94 12.04
N CYS C 716 -46.05 -12.06 12.35
CA CYS C 716 -45.02 -11.00 12.17
C CYS C 716 -44.92 -10.59 10.70
N TYR C 717 -45.09 -11.56 9.79
CA TYR C 717 -45.05 -11.37 8.31
C TYR C 717 -46.11 -10.34 7.88
N PHE C 718 -47.33 -10.43 8.43
CA PHE C 718 -48.47 -9.52 8.16
C PHE C 718 -48.05 -8.07 8.48
N LYS C 719 -47.45 -7.86 9.66
CA LYS C 719 -47.00 -6.52 10.16
C LYS C 719 -45.94 -5.95 9.21
N MET C 720 -44.95 -6.78 8.83
CA MET C 720 -43.86 -6.43 7.88
C MET C 720 -44.44 -6.10 6.51
N TRP C 721 -45.39 -6.92 6.02
CA TRP C 721 -46.07 -6.74 4.70
C TRP C 721 -46.93 -5.47 4.71
N LYS C 722 -47.61 -5.17 5.83
CA LYS C 722 -48.38 -3.91 6.00
C LYS C 722 -47.41 -2.72 6.14
N GLN C 723 -46.23 -2.93 6.73
CA GLN C 723 -45.16 -1.89 6.82
C GLN C 723 -44.55 -1.64 5.43
N THR C 724 -44.50 -2.67 4.56
CA THR C 724 -44.06 -2.54 3.14
C THR C 724 -45.06 -1.64 2.39
N GLU C 725 -46.33 -2.08 2.30
CA GLU C 725 -47.44 -1.31 1.68
C GLU C 725 -48.77 -1.81 2.24
N ASN D 11 -10.04 -15.51 45.06
CA ASN D 11 -10.89 -14.57 44.25
C ASN D 11 -10.92 -13.19 44.93
N ILE D 12 -11.84 -12.96 45.88
CA ILE D 12 -11.99 -11.72 46.69
C ILE D 12 -12.02 -10.48 45.78
N GLY D 13 -12.88 -10.51 44.76
CA GLY D 13 -13.12 -9.40 43.81
C GLY D 13 -14.54 -9.37 43.30
N ARG D 14 -14.98 -8.26 42.71
CA ARG D 14 -16.35 -8.04 42.20
C ARG D 14 -16.57 -8.91 40.95
N GLU D 15 -17.50 -9.87 41.03
CA GLU D 15 -17.78 -10.87 39.96
C GLU D 15 -18.39 -10.19 38.72
N LEU D 16 -18.37 -10.89 37.58
CA LEU D 16 -18.89 -10.39 36.27
C LEU D 16 -19.83 -11.43 35.66
N THR D 17 -20.73 -10.95 34.79
CA THR D 17 -21.70 -11.78 34.01
C THR D 17 -21.07 -12.16 32.66
N ASP D 18 -21.44 -13.35 32.17
CA ASP D 18 -20.93 -13.97 30.91
C ASP D 18 -21.14 -13.03 29.72
N GLU D 19 -22.15 -12.14 29.79
CA GLU D 19 -22.41 -11.07 28.79
C GLU D 19 -21.30 -10.02 28.86
N GLU D 20 -20.96 -9.55 30.06
CA GLU D 20 -19.96 -8.46 30.29
C GLU D 20 -18.55 -9.00 30.03
N LEU D 21 -18.34 -10.31 30.19
CA LEU D 21 -17.14 -11.03 29.67
C LEU D 21 -17.12 -10.94 28.13
N MET D 22 -18.29 -11.01 27.49
CA MET D 22 -18.45 -10.90 26.02
C MET D 22 -18.38 -9.42 25.58
N GLU D 23 -18.55 -8.47 26.51
CA GLU D 23 -18.52 -7.00 26.25
C GLU D 23 -17.08 -6.47 26.21
N MET D 24 -16.18 -6.98 27.08
CA MET D 24 -14.74 -6.57 27.11
C MET D 24 -14.08 -6.96 25.77
N THR D 25 -13.37 -6.03 25.13
CA THR D 25 -12.73 -6.20 23.79
C THR D 25 -11.25 -5.80 23.83
N GLY D 26 -10.43 -6.46 23.01
CA GLY D 26 -8.96 -6.26 22.90
C GLY D 26 -8.53 -5.99 21.47
N GLY D 27 -7.99 -4.79 21.21
CA GLY D 27 -7.62 -4.32 19.86
C GLY D 27 -8.79 -3.67 19.13
N SER D 28 -9.89 -3.39 19.84
CA SER D 28 -11.11 -2.72 19.33
C SER D 28 -11.35 -1.44 20.13
N THR D 29 -12.36 -0.66 19.75
CA THR D 29 -12.81 0.59 20.42
C THR D 29 -14.05 0.30 21.27
#